data_7JJX
# 
_entry.id   7JJX 
# 
_audit_conform.dict_name       mmcif_pdbx.dic 
_audit_conform.dict_version    5.380 
_audit_conform.dict_location   http://mmcif.pdb.org/dictionaries/ascii/mmcif_pdbx.dic 
# 
loop_
_database_2.database_id 
_database_2.database_code 
_database_2.pdbx_database_accession 
_database_2.pdbx_DOI 
PDB   7JJX         pdb_00007jjx 10.2210/pdb7jjx/pdb 
WWPDB D_1000250810 ?            ?                   
# 
_pdbx_database_status.status_code                     REL 
_pdbx_database_status.status_code_sf                  REL 
_pdbx_database_status.status_code_mr                  ? 
_pdbx_database_status.entry_id                        7JJX 
_pdbx_database_status.recvd_initial_deposition_date   2020-07-27 
_pdbx_database_status.SG_entry                        N 
_pdbx_database_status.deposit_site                    RCSB 
_pdbx_database_status.process_site                    RCSB 
_pdbx_database_status.status_code_cs                  ? 
_pdbx_database_status.status_code_nmr_data            ? 
_pdbx_database_status.methods_development_category    ? 
_pdbx_database_status.pdb_format_compatible           Y 
# 
loop_
_audit_author.name 
_audit_author.pdbx_ordinal 
_audit_author.identifier_ORCID 
'Simmons, C.R.'      1 0000-0002-2290-6132 
'MacCulloch, T.'     2 0000-0001-5875-3361 
'Stephanopoulos, N.' 3 0000-0001-7859-410X 
'Yan, H.'            4 0000-0001-7397-9852 
# 
_citation.abstract                  ? 
_citation.abstract_id_CAS           ? 
_citation.book_id_ISBN              ? 
_citation.book_publisher            ? 
_citation.book_publisher_city       ? 
_citation.book_title                ? 
_citation.coordinate_linkage        ? 
_citation.country                   UK 
_citation.database_id_Medline       ? 
_citation.details                   ? 
_citation.id                        primary 
_citation.journal_abbrev            'Nat Commun' 
_citation.journal_id_ASTM           ? 
_citation.journal_id_CSD            ? 
_citation.journal_id_ISSN           2041-1723 
_citation.journal_full              ? 
_citation.journal_issue             ? 
_citation.journal_volume            13 
_citation.language                  ? 
_citation.page_first                3112 
_citation.page_last                 3112 
_citation.title                     'The influence of Holliday junction sequence and dynamics on DNA crystal self-assembly.' 
_citation.year                      2022 
_citation.database_id_CSD           ? 
_citation.pdbx_database_id_DOI      10.1038/s41467-022-30779-6 
_citation.pdbx_database_id_PubMed   35662248 
_citation.unpublished_flag          ? 
# 
loop_
_citation_author.citation_id 
_citation_author.name 
_citation_author.ordinal 
_citation_author.identifier_ORCID 
primary 'Simmons, C.R.'      1  ?                   
primary 'MacCulloch, T.'     2  ?                   
primary 'Krepl, M.'          3  0000-0002-9833-4281 
primary 'Matthies, M.'       4  ?                   
primary 'Buchberger, A.'     5  ?                   
primary 'Crawford, I.'       6  ?                   
primary 'Sponer, J.'         7  0000-0001-6558-6186 
primary 'Sulc, P.'           8  0000-0003-1565-6769 
primary 'Stephanopoulos, N.' 9  0000-0001-7859-410X 
primary 'Yan, H.'            10 0000-0001-7397-9852 
# 
_cell.angle_alpha                  90.000 
_cell.angle_alpha_esd              ? 
_cell.angle_beta                   90.000 
_cell.angle_beta_esd               ? 
_cell.angle_gamma                  120.000 
_cell.angle_gamma_esd              ? 
_cell.entry_id                     7JJX 
_cell.details                      ? 
_cell.formula_units_Z              ? 
_cell.length_a                     113.260 
_cell.length_a_esd                 ? 
_cell.length_b                     113.260 
_cell.length_b_esd                 ? 
_cell.length_c                     49.896 
_cell.length_c_esd                 ? 
_cell.volume                       ? 
_cell.volume_esd                   ? 
_cell.Z_PDB                        9 
_cell.reciprocal_angle_alpha       ? 
_cell.reciprocal_angle_beta        ? 
_cell.reciprocal_angle_gamma       ? 
_cell.reciprocal_angle_alpha_esd   ? 
_cell.reciprocal_angle_beta_esd    ? 
_cell.reciprocal_angle_gamma_esd   ? 
_cell.reciprocal_length_a          ? 
_cell.reciprocal_length_b          ? 
_cell.reciprocal_length_c          ? 
_cell.reciprocal_length_a_esd      ? 
_cell.reciprocal_length_b_esd      ? 
_cell.reciprocal_length_c_esd      ? 
_cell.pdbx_unique_axis             ? 
# 
_symmetry.entry_id                         7JJX 
_symmetry.cell_setting                     ? 
_symmetry.Int_Tables_number                146 
_symmetry.space_group_name_Hall            ? 
_symmetry.space_group_name_H-M             'H 3' 
_symmetry.pdbx_full_space_group_name_H-M   ? 
# 
loop_
_entity.id 
_entity.type 
_entity.src_method 
_entity.pdbx_description 
_entity.formula_weight 
_entity.pdbx_number_of_molecules 
_entity.pdbx_ec 
_entity.pdbx_mutation 
_entity.pdbx_fragment 
_entity.details 
1 polymer     syn 
;DNA (5'-D(*GP*AP*AP*CP*GP*AP*CP*AP*CP*CP*GP*A)-3')
;
3665.421 1 ? ? ? ? 
2 polymer     syn 
;DNA (5'-D(P*CP*GP*GP*GP*GP*AP*CP*TP*C)-3')
;
2756.811 1 ? ? ? ? 
3 polymer     syn 
;DNA (5'-D(P*TP*CP*GP*CP*CP*G)-3')
;
1785.192 1 ? ? ? ? 
4 polymer     syn 
;DNA (5'-D(*TP*CP*GP*AP*GP*TP*CP*CP*GP*TP*GP*TP*CP*GP*T)-3')
;
4591.969 1 ? ? ? ? 
5 non-polymer syn 'CACODYLATE ION'                                              136.989  2 ? ? ? ? 
# 
loop_
_entity_poly.entity_id 
_entity_poly.type 
_entity_poly.nstd_linkage 
_entity_poly.nstd_monomer 
_entity_poly.pdbx_seq_one_letter_code 
_entity_poly.pdbx_seq_one_letter_code_can 
_entity_poly.pdbx_strand_id 
_entity_poly.pdbx_target_identifier 
1 polydeoxyribonucleotide no no '(DG)(DA)(DA)(DC)(DG)(DA)(DC)(DA)(DC)(DC)(DG)(DA)'             GAACGACACCGA    A ? 
2 polydeoxyribonucleotide no no '(DC)(DG)(DG)(DG)(DG)(DA)(DC)(DT)(DC)'                         CGGGGACTC       B ? 
3 polydeoxyribonucleotide no no '(DT)(DC)(DG)(DC)(DC)(DG)'                                     TCGCCG          C ? 
4 polydeoxyribonucleotide no no '(DT)(DC)(DG)(DA)(DG)(DT)(DC)(DC)(DG)(DT)(DG)(DT)(DC)(DG)(DT)' TCGAGTCCGTGTCGT D ? 
# 
loop_
_entity_poly_seq.entity_id 
_entity_poly_seq.num 
_entity_poly_seq.mon_id 
_entity_poly_seq.hetero 
1 1  DG n 
1 2  DA n 
1 3  DA n 
1 4  DC n 
1 5  DG n 
1 6  DA n 
1 7  DC n 
1 8  DA n 
1 9  DC n 
1 10 DC n 
1 11 DG n 
1 12 DA n 
2 1  DC n 
2 2  DG n 
2 3  DG n 
2 4  DG n 
2 5  DG n 
2 6  DA n 
2 7  DC n 
2 8  DT n 
2 9  DC n 
3 1  DT n 
3 2  DC n 
3 3  DG n 
3 4  DC n 
3 5  DC n 
3 6  DG n 
4 1  DT n 
4 2  DC n 
4 3  DG n 
4 4  DA n 
4 5  DG n 
4 6  DT n 
4 7  DC n 
4 8  DC n 
4 9  DG n 
4 10 DT n 
4 11 DG n 
4 12 DT n 
4 13 DC n 
4 14 DG n 
4 15 DT n 
# 
loop_
_pdbx_entity_src_syn.entity_id 
_pdbx_entity_src_syn.pdbx_src_id 
_pdbx_entity_src_syn.pdbx_alt_source_flag 
_pdbx_entity_src_syn.pdbx_beg_seq_num 
_pdbx_entity_src_syn.pdbx_end_seq_num 
_pdbx_entity_src_syn.organism_scientific 
_pdbx_entity_src_syn.organism_common_name 
_pdbx_entity_src_syn.ncbi_taxonomy_id 
_pdbx_entity_src_syn.details 
1 1 sample 1 12 'synthetic construct' ? 32630 ? 
2 1 sample 1 9  'synthetic construct' ? 32630 ? 
3 1 sample 1 6  'synthetic construct' ? 32630 ? 
4 1 sample 1 15 'synthetic construct' ? 32630 ? 
# 
loop_
_struct_ref.id 
_struct_ref.db_name 
_struct_ref.db_code 
_struct_ref.pdbx_db_accession 
_struct_ref.pdbx_db_isoform 
_struct_ref.entity_id 
_struct_ref.pdbx_seq_one_letter_code 
_struct_ref.pdbx_align_begin 
1 PDB 7JJX 7JJX ? 1 ? 1 
2 PDB 7JJX 7JJX ? 2 ? 1 
3 PDB 7JJX 7JJX ? 3 ? 1 
4 PDB 7JJX 7JJX ? 4 ? 1 
# 
loop_
_struct_ref_seq.align_id 
_struct_ref_seq.ref_id 
_struct_ref_seq.pdbx_PDB_id_code 
_struct_ref_seq.pdbx_strand_id 
_struct_ref_seq.seq_align_beg 
_struct_ref_seq.pdbx_seq_align_beg_ins_code 
_struct_ref_seq.seq_align_end 
_struct_ref_seq.pdbx_seq_align_end_ins_code 
_struct_ref_seq.pdbx_db_accession 
_struct_ref_seq.db_align_beg 
_struct_ref_seq.pdbx_db_align_beg_ins_code 
_struct_ref_seq.db_align_end 
_struct_ref_seq.pdbx_db_align_end_ins_code 
_struct_ref_seq.pdbx_auth_seq_align_beg 
_struct_ref_seq.pdbx_auth_seq_align_end 
1 1 7JJX A 1 ? 12 ? 7JJX 1  ? 12 ? 1  12 
2 2 7JJX B 1 ? 9  ? 7JJX 12 ? 20 ? 12 20 
3 3 7JJX C 1 ? 6  ? 7JJX 0  ? 5  ? 0  5  
4 4 7JJX D 1 ? 15 ? 7JJX 2  ? 16 ? 2  16 
# 
loop_
_chem_comp.id 
_chem_comp.type 
_chem_comp.mon_nstd_flag 
_chem_comp.name 
_chem_comp.pdbx_synonyms 
_chem_comp.formula 
_chem_comp.formula_weight 
CAC non-polymer   . 'CACODYLATE ION'                     dimethylarsinate 'C2 H6 As O2 -1'  136.989 
DA  'DNA linking' y "2'-DEOXYADENOSINE-5'-MONOPHOSPHATE" ?                'C10 H14 N5 O6 P' 331.222 
DC  'DNA linking' y "2'-DEOXYCYTIDINE-5'-MONOPHOSPHATE"  ?                'C9 H14 N3 O7 P'  307.197 
DG  'DNA linking' y "2'-DEOXYGUANOSINE-5'-MONOPHOSPHATE" ?                'C10 H14 N5 O7 P' 347.221 
DT  'DNA linking' y "THYMIDINE-5'-MONOPHOSPHATE"         ?                'C10 H15 N2 O8 P' 322.208 
# 
_exptl.absorpt_coefficient_mu     ? 
_exptl.absorpt_correction_T_max   ? 
_exptl.absorpt_correction_T_min   ? 
_exptl.absorpt_correction_type    ? 
_exptl.absorpt_process_details    ? 
_exptl.entry_id                   7JJX 
_exptl.crystals_number            1 
_exptl.details                    ? 
_exptl.method                     'X-RAY DIFFRACTION' 
_exptl.method_details             ? 
# 
_exptl_crystal.colour                      ? 
_exptl_crystal.density_diffrn              ? 
_exptl_crystal.density_Matthews            4.81 
_exptl_crystal.density_method              ? 
_exptl_crystal.density_percent_sol         74.44 
_exptl_crystal.description                 ? 
_exptl_crystal.F_000                       ? 
_exptl_crystal.id                          1 
_exptl_crystal.preparation                 ? 
_exptl_crystal.size_max                    ? 
_exptl_crystal.size_mid                    ? 
_exptl_crystal.size_min                    ? 
_exptl_crystal.size_rad                    ? 
_exptl_crystal.colour_lustre               ? 
_exptl_crystal.colour_modifier             ? 
_exptl_crystal.colour_primary              ? 
_exptl_crystal.density_meas                ? 
_exptl_crystal.density_meas_esd            ? 
_exptl_crystal.density_meas_gt             ? 
_exptl_crystal.density_meas_lt             ? 
_exptl_crystal.density_meas_temp           ? 
_exptl_crystal.density_meas_temp_esd       ? 
_exptl_crystal.density_meas_temp_gt        ? 
_exptl_crystal.density_meas_temp_lt        ? 
_exptl_crystal.pdbx_crystal_image_url      ? 
_exptl_crystal.pdbx_crystal_image_format   ? 
_exptl_crystal.pdbx_mosaicity              ? 
_exptl_crystal.pdbx_mosaicity_esd          ? 
# 
_exptl_crystal_grow.apparatus       ? 
_exptl_crystal_grow.atmosphere      ? 
_exptl_crystal_grow.crystal_id      1 
_exptl_crystal_grow.details         ? 
_exptl_crystal_grow.method          'VAPOR DIFFUSION, SITTING DROP' 
_exptl_crystal_grow.method_ref      ? 
_exptl_crystal_grow.pH              ? 
_exptl_crystal_grow.pressure        ? 
_exptl_crystal_grow.pressure_esd    ? 
_exptl_crystal_grow.seeding         ? 
_exptl_crystal_grow.seeding_ref     ? 
_exptl_crystal_grow.temp            298 
_exptl_crystal_grow.temp_details    'temperature gradient generated from 60 to 25 C at 0.3 degrees per hour' 
_exptl_crystal_grow.temp_esd        ? 
_exptl_crystal_grow.time            ? 
_exptl_crystal_grow.pdbx_details    
;0.5 mL of 0.05 M Cacodylate pH 7.0 with 20 mM MgCl2, 1.0 mM spermine, 1.0 mM CoH18N6, and 15% ethanol was added to the reservoir with 2 uL added to the drop containing 4 uL of DNA stock
;
_exptl_crystal_grow.pdbx_pH_range   ? 
# 
_diffrn.ambient_environment              ? 
_diffrn.ambient_temp                     100 
_diffrn.ambient_temp_details             ? 
_diffrn.ambient_temp_esd                 ? 
_diffrn.crystal_id                       1 
_diffrn.crystal_support                  ? 
_diffrn.crystal_treatment                ? 
_diffrn.details                          ? 
_diffrn.id                               1 
_diffrn.ambient_pressure                 ? 
_diffrn.ambient_pressure_esd             ? 
_diffrn.ambient_pressure_gt              ? 
_diffrn.ambient_pressure_lt              ? 
_diffrn.ambient_temp_gt                  ? 
_diffrn.ambient_temp_lt                  ? 
_diffrn.pdbx_serial_crystal_experiment   N 
# 
_diffrn_detector.details                      ? 
_diffrn_detector.detector                     PIXEL 
_diffrn_detector.diffrn_id                    1 
_diffrn_detector.type                         'DECTRIS PILATUS3 6M' 
_diffrn_detector.area_resol_mean              ? 
_diffrn_detector.dtime                        ? 
_diffrn_detector.pdbx_frames_total            ? 
_diffrn_detector.pdbx_collection_time_total   ? 
_diffrn_detector.pdbx_collection_date         2018-08-15 
_diffrn_detector.pdbx_frequency               ? 
# 
_diffrn_radiation.collimation                      ? 
_diffrn_radiation.diffrn_id                        1 
_diffrn_radiation.filter_edge                      ? 
_diffrn_radiation.inhomogeneity                    ? 
_diffrn_radiation.monochromator                    ? 
_diffrn_radiation.polarisn_norm                    ? 
_diffrn_radiation.polarisn_ratio                   ? 
_diffrn_radiation.probe                            ? 
_diffrn_radiation.type                             ? 
_diffrn_radiation.xray_symbol                      ? 
_diffrn_radiation.wavelength_id                    1 
_diffrn_radiation.pdbx_monochromatic_or_laue_m_l   M 
_diffrn_radiation.pdbx_wavelength_list             ? 
_diffrn_radiation.pdbx_wavelength                  ? 
_diffrn_radiation.pdbx_diffrn_protocol             'SINGLE WAVELENGTH' 
_diffrn_radiation.pdbx_analyzer                    ? 
_diffrn_radiation.pdbx_scattering_type             x-ray 
# 
_diffrn_radiation_wavelength.id           1 
_diffrn_radiation_wavelength.wavelength   1 
_diffrn_radiation_wavelength.wt           1.0 
# 
_diffrn_source.current                     ? 
_diffrn_source.details                     ? 
_diffrn_source.diffrn_id                   1 
_diffrn_source.power                       ? 
_diffrn_source.size                        ? 
_diffrn_source.source                      SYNCHROTRON 
_diffrn_source.target                      ? 
_diffrn_source.type                        'ALS BEAMLINE 5.0.2' 
_diffrn_source.voltage                     ? 
_diffrn_source.take-off_angle              ? 
_diffrn_source.pdbx_wavelength_list        1 
_diffrn_source.pdbx_wavelength             ? 
_diffrn_source.pdbx_synchrotron_beamline   5.0.2 
_diffrn_source.pdbx_synchrotron_site       ALS 
# 
_reflns.B_iso_Wilson_estimate            96.710 
_reflns.entry_id                         7JJX 
_reflns.data_reduction_details           ? 
_reflns.data_reduction_method            ? 
_reflns.d_resolution_high                3.100 
_reflns.d_resolution_low                 50.000 
_reflns.details                          ? 
_reflns.limit_h_max                      ? 
_reflns.limit_h_min                      ? 
_reflns.limit_k_max                      ? 
_reflns.limit_k_min                      ? 
_reflns.limit_l_max                      ? 
_reflns.limit_l_min                      ? 
_reflns.number_all                       ? 
_reflns.number_obs                       3640 
_reflns.observed_criterion               ? 
_reflns.observed_criterion_F_max         ? 
_reflns.observed_criterion_F_min         ? 
_reflns.observed_criterion_I_max         ? 
_reflns.observed_criterion_I_min         ? 
_reflns.observed_criterion_sigma_F       ? 
_reflns.observed_criterion_sigma_I       ? 
_reflns.percent_possible_obs             84.700 
_reflns.R_free_details                   ? 
_reflns.Rmerge_F_all                     ? 
_reflns.Rmerge_F_obs                     ? 
_reflns.Friedel_coverage                 ? 
_reflns.number_gt                        ? 
_reflns.threshold_expression             ? 
_reflns.pdbx_redundancy                  9.100 
_reflns.pdbx_Rmerge_I_obs                0.060 
_reflns.pdbx_Rmerge_I_all                ? 
_reflns.pdbx_Rsym_value                  ? 
_reflns.pdbx_netI_over_av_sigmaI         ? 
_reflns.pdbx_netI_over_sigmaI            6.000 
_reflns.pdbx_res_netI_over_av_sigmaI_2   ? 
_reflns.pdbx_res_netI_over_sigmaI_2      ? 
_reflns.pdbx_chi_squared                 0.699 
_reflns.pdbx_scaling_rejects             ? 
_reflns.pdbx_d_res_high_opt              ? 
_reflns.pdbx_d_res_low_opt               ? 
_reflns.pdbx_d_res_opt_method            ? 
_reflns.phase_calculation_details        ? 
_reflns.pdbx_Rrim_I_all                  0.063 
_reflns.pdbx_Rpim_I_all                  0.020 
_reflns.pdbx_d_opt                       ? 
_reflns.pdbx_number_measured_all         ? 
_reflns.pdbx_diffrn_id                   1 
_reflns.pdbx_ordinal                     1 
_reflns.pdbx_CC_half                     1 
_reflns.pdbx_CC_star                     ? 
_reflns.pdbx_R_split                     ? 
# 
loop_
_reflns_shell.d_res_high 
_reflns_shell.d_res_low 
_reflns_shell.meanI_over_sigI_all 
_reflns_shell.meanI_over_sigI_obs 
_reflns_shell.number_measured_all 
_reflns_shell.number_measured_obs 
_reflns_shell.number_possible 
_reflns_shell.number_unique_all 
_reflns_shell.number_unique_obs 
_reflns_shell.percent_possible_all 
_reflns_shell.percent_possible_obs 
_reflns_shell.Rmerge_F_all 
_reflns_shell.Rmerge_F_obs 
_reflns_shell.Rmerge_I_all 
_reflns_shell.Rmerge_I_obs 
_reflns_shell.meanI_over_sigI_gt 
_reflns_shell.meanI_over_uI_all 
_reflns_shell.meanI_over_uI_gt 
_reflns_shell.number_measured_gt 
_reflns_shell.number_unique_gt 
_reflns_shell.percent_possible_gt 
_reflns_shell.Rmerge_F_gt 
_reflns_shell.Rmerge_I_gt 
_reflns_shell.pdbx_redundancy 
_reflns_shell.pdbx_Rsym_value 
_reflns_shell.pdbx_chi_squared 
_reflns_shell.pdbx_netI_over_sigmaI_all 
_reflns_shell.pdbx_netI_over_sigmaI_obs 
_reflns_shell.pdbx_Rrim_I_all 
_reflns_shell.pdbx_Rpim_I_all 
_reflns_shell.pdbx_rejects 
_reflns_shell.pdbx_ordinal 
_reflns_shell.pdbx_diffrn_id 
_reflns_shell.pdbx_CC_half 
_reflns_shell.pdbx_CC_star 
_reflns_shell.pdbx_R_split 
3.100 3.150  ? ? ? ? ? ? 83  39.300  ? ? ? ? 0.486 ? ? ? ? ? ? ? ? 7.400  ? 0.487 ? ? 0.517 0.173 ? 1  1 0.902 ? ? 
3.150 3.210  ? ? ? ? ? ? 100 45.900  ? ? ? ? 0.223 ? ? ? ? ? ? ? ? 6.400  ? 0.690 ? ? 0.239 0.082 ? 2  1 0.980 ? ? 
3.210 3.270  ? ? ? ? ? ? 91  46.900  ? ? ? ? 0.451 ? ? ? ? ? ? ? ? 6.100  ? 0.512 ? ? 0.486 0.175 ? 3  1 0.947 ? ? 
3.270 3.340  ? ? ? ? ? ? 140 57.400  ? ? ? ? 0.296 ? ? ? ? ? ? ? ? 6.500  ? 0.503 ? ? 0.318 0.111 ? 4  1 0.985 ? ? 
3.340 3.410  ? ? ? ? ? ? 140 68.000  ? ? ? ? 0.324 ? ? ? ? ? ? ? ? 7.100  ? 0.523 ? ? 0.346 0.119 ? 5  1 0.975 ? ? 
3.410 3.490  ? ? ? ? ? ? 160 77.300  ? ? ? ? 0.256 ? ? ? ? ? ? ? ? 7.200  ? 0.582 ? ? 0.273 0.092 ? 6  1 0.979 ? ? 
3.490 3.580  ? ? ? ? ? ? 177 81.200  ? ? ? ? 0.329 ? ? ? ? ? ? ? ? 7.500  ? 0.519 ? ? 0.351 0.117 ? 7  1 0.971 ? ? 
3.580 3.680  ? ? ? ? ? ? 193 87.700  ? ? ? ? 0.522 ? ? ? ? ? ? ? ? 7.700  ? 0.544 ? ? 0.556 0.186 ? 8  1 0.928 ? ? 
3.680 3.780  ? ? ? ? ? ? 185 90.700  ? ? ? ? 0.705 ? ? ? ? ? ? ? ? 8.300  ? 0.458 ? ? 0.750 0.248 ? 9  1 0.843 ? ? 
3.780 3.910  ? ? ? ? ? ? 220 97.800  ? ? ? ? 0.641 ? ? ? ? ? ? ? ? 8.700  ? 0.447 ? ? 0.680 0.224 ? 10 1 0.888 ? ? 
3.910 4.040  ? ? ? ? ? ? 214 100.000 ? ? ? ? 0.682 ? ? ? ? ? ? ? ? 8.700  ? 0.835 ? ? 0.720 0.231 ? 11 1 0.942 ? ? 
4.040 4.210  ? ? ? ? ? ? 218 99.500  ? ? ? ? 0.319 ? ? ? ? ? ? ? ? 9.500  ? 0.479 ? ? 0.337 0.108 ? 12 1 0.973 ? ? 
4.210 4.400  ? ? ? ? ? ? 211 100.000 ? ? ? ? 0.273 ? ? ? ? ? ? ? ? 10.700 ? 0.492 ? ? 0.286 0.087 ? 13 1 0.980 ? ? 
4.400 4.630  ? ? ? ? ? ? 214 100.000 ? ? ? ? 0.297 ? ? ? ? ? ? ? ? 10.800 ? 0.462 ? ? 0.312 0.095 ? 14 1 0.979 ? ? 
4.630 4.920  ? ? ? ? ? ? 223 100.000 ? ? ? ? 0.158 ? ? ? ? ? ? ? ? 10.700 ? 0.572 ? ? 0.166 0.050 ? 15 1 0.994 ? ? 
4.920 5.300  ? ? ? ? ? ? 202 100.000 ? ? ? ? 0.098 ? ? ? ? ? ? ? ? 10.100 ? 0.707 ? ? 0.103 0.032 ? 16 1 0.996 ? ? 
5.300 5.830  ? ? ? ? ? ? 219 100.000 ? ? ? ? 0.077 ? ? ? ? ? ? ? ? 10.400 ? 0.896 ? ? 0.081 0.025 ? 17 1 0.998 ? ? 
5.830 6.670  ? ? ? ? ? ? 220 100.000 ? ? ? ? 0.063 ? ? ? ? ? ? ? ? 11.000 ? 0.997 ? ? 0.066 0.020 ? 18 1 0.998 ? ? 
6.670 8.400  ? ? ? ? ? ? 218 100.000 ? ? ? ? 0.050 ? ? ? ? ? ? ? ? 10.000 ? 1.167 ? ? 0.053 0.017 ? 19 1 0.998 ? ? 
8.400 50.000 ? ? ? ? ? ? 212 100.000 ? ? ? ? 0.037 ? ? ? ? ? ? ? ? 10.600 ? 1.259 ? ? 0.039 0.012 ? 20 1 0.999 ? ? 
# 
_refine.aniso_B[1][1]                            ? 
_refine.aniso_B[1][2]                            ? 
_refine.aniso_B[1][3]                            ? 
_refine.aniso_B[2][2]                            ? 
_refine.aniso_B[2][3]                            ? 
_refine.aniso_B[3][3]                            ? 
_refine.B_iso_max                                267.490 
_refine.B_iso_mean                               119.1617 
_refine.B_iso_min                                72.410 
_refine.correlation_coeff_Fo_to_Fc               ? 
_refine.correlation_coeff_Fo_to_Fc_free          ? 
_refine.details                                  ? 
_refine.diff_density_max                         ? 
_refine.diff_density_max_esd                     ? 
_refine.diff_density_min                         ? 
_refine.diff_density_min_esd                     ? 
_refine.diff_density_rms                         ? 
_refine.diff_density_rms_esd                     ? 
_refine.entry_id                                 7JJX 
_refine.pdbx_refine_id                           'X-RAY DIFFRACTION' 
_refine.ls_abs_structure_details                 ? 
_refine.ls_abs_structure_Flack                   ? 
_refine.ls_abs_structure_Flack_esd               ? 
_refine.ls_abs_structure_Rogers                  ? 
_refine.ls_abs_structure_Rogers_esd              ? 
_refine.ls_d_res_high                            3.1070 
_refine.ls_d_res_low                             44.4730 
_refine.ls_extinction_coef                       ? 
_refine.ls_extinction_coef_esd                   ? 
_refine.ls_extinction_expression                 ? 
_refine.ls_extinction_method                     ? 
_refine.ls_goodness_of_fit_all                   ? 
_refine.ls_goodness_of_fit_all_esd               ? 
_refine.ls_goodness_of_fit_obs                   ? 
_refine.ls_goodness_of_fit_obs_esd               ? 
_refine.ls_hydrogen_treatment                    ? 
_refine.ls_matrix_type                           ? 
_refine.ls_number_constraints                    ? 
_refine.ls_number_parameters                     ? 
_refine.ls_number_reflns_all                     ? 
_refine.ls_number_reflns_obs                     3634 
_refine.ls_number_reflns_R_free                  181 
_refine.ls_number_reflns_R_work                  3453 
_refine.ls_number_restraints                     ? 
_refine.ls_percent_reflns_obs                    84.6100 
_refine.ls_percent_reflns_R_free                 4.9800 
_refine.ls_R_factor_all                          ? 
_refine.ls_R_factor_obs                          0.2022 
_refine.ls_R_factor_R_free                       0.2303 
_refine.ls_R_factor_R_free_error                 ? 
_refine.ls_R_factor_R_free_error_details         ? 
_refine.ls_R_factor_R_work                       0.2007 
_refine.ls_R_Fsqd_factor_obs                     ? 
_refine.ls_R_I_factor_obs                        ? 
_refine.ls_redundancy_reflns_all                 ? 
_refine.ls_redundancy_reflns_obs                 ? 
_refine.ls_restrained_S_all                      ? 
_refine.ls_restrained_S_obs                      ? 
_refine.ls_shift_over_esd_max                    ? 
_refine.ls_shift_over_esd_mean                   ? 
_refine.ls_structure_factor_coef                 ? 
_refine.ls_weighting_details                     ? 
_refine.ls_weighting_scheme                      ? 
_refine.ls_wR_factor_all                         ? 
_refine.ls_wR_factor_obs                         ? 
_refine.ls_wR_factor_R_free                      ? 
_refine.ls_wR_factor_R_work                      ? 
_refine.occupancy_max                            ? 
_refine.occupancy_min                            ? 
_refine.solvent_model_details                    'FLAT BULK SOLVENT MODEL' 
_refine.solvent_model_param_bsol                 ? 
_refine.solvent_model_param_ksol                 ? 
_refine.pdbx_R_complete                          ? 
_refine.ls_R_factor_gt                           ? 
_refine.ls_goodness_of_fit_gt                    ? 
_refine.ls_goodness_of_fit_ref                   ? 
_refine.ls_shift_over_su_max                     ? 
_refine.ls_shift_over_su_max_lt                  ? 
_refine.ls_shift_over_su_mean                    ? 
_refine.ls_shift_over_su_mean_lt                 ? 
_refine.pdbx_ls_sigma_I                          ? 
_refine.pdbx_ls_sigma_F                          2.040 
_refine.pdbx_ls_sigma_Fsqd                       ? 
_refine.pdbx_data_cutoff_high_absF               ? 
_refine.pdbx_data_cutoff_high_rms_absF           ? 
_refine.pdbx_data_cutoff_low_absF                ? 
_refine.pdbx_isotropic_thermal_model             ? 
_refine.pdbx_ls_cross_valid_method               THROUGHOUT 
_refine.pdbx_method_to_determine_struct          'MOLECULAR REPLACEMENT' 
_refine.pdbx_starting_model                      6XNA 
_refine.pdbx_stereochemistry_target_values       ML 
_refine.pdbx_R_Free_selection_details            ? 
_refine.pdbx_stereochem_target_val_spec_case     ? 
_refine.pdbx_overall_ESU_R                       ? 
_refine.pdbx_overall_ESU_R_Free                  ? 
_refine.pdbx_solvent_vdw_probe_radii             1.1100 
_refine.pdbx_solvent_ion_probe_radii             ? 
_refine.pdbx_solvent_shrinkage_radii             0.9000 
_refine.pdbx_real_space_R                        ? 
_refine.pdbx_density_correlation                 ? 
_refine.pdbx_pd_number_of_powder_patterns        ? 
_refine.pdbx_pd_number_of_points                 ? 
_refine.pdbx_pd_meas_number_of_points            ? 
_refine.pdbx_pd_proc_ls_prof_R_factor            ? 
_refine.pdbx_pd_proc_ls_prof_wR_factor           ? 
_refine.pdbx_pd_Marquardt_correlation_coeff      ? 
_refine.pdbx_pd_Fsqrd_R_factor                   ? 
_refine.pdbx_pd_ls_matrix_band_width             ? 
_refine.pdbx_overall_phase_error                 28.5400 
_refine.pdbx_overall_SU_R_free_Cruickshank_DPI   ? 
_refine.pdbx_overall_SU_R_free_Blow_DPI          ? 
_refine.pdbx_overall_SU_R_Blow_DPI               ? 
_refine.pdbx_TLS_residual_ADP_flag               ? 
_refine.pdbx_diffrn_id                           1 
_refine.overall_SU_B                             ? 
_refine.overall_SU_ML                            0.0000 
_refine.overall_SU_R_Cruickshank_DPI             ? 
_refine.overall_SU_R_free                        ? 
_refine.overall_FOM_free_R_set                   ? 
_refine.overall_FOM_work_R_set                   ? 
_refine.pdbx_average_fsc_overall                 ? 
_refine.pdbx_average_fsc_work                    ? 
_refine.pdbx_average_fsc_free                    ? 
# 
_refine_hist.pdbx_refine_id                   'X-RAY DIFFRACTION' 
_refine_hist.cycle_id                         final 
_refine_hist.details                          ? 
_refine_hist.d_res_high                       3.1070 
_refine_hist.d_res_low                        44.4730 
_refine_hist.number_atoms_solvent             0 
_refine_hist.number_atoms_total               857 
_refine_hist.number_reflns_all                ? 
_refine_hist.number_reflns_obs                ? 
_refine_hist.number_reflns_R_free             ? 
_refine_hist.number_reflns_R_work             ? 
_refine_hist.R_factor_all                     ? 
_refine_hist.R_factor_obs                     ? 
_refine_hist.R_factor_R_free                  ? 
_refine_hist.R_factor_R_work                  ? 
_refine_hist.pdbx_number_residues_total       42 
_refine_hist.pdbx_B_iso_mean_ligand           227.53 
_refine_hist.pdbx_B_iso_mean_solvent          ? 
_refine_hist.pdbx_number_atoms_protein        0 
_refine_hist.pdbx_number_atoms_nucleic_acid   855 
_refine_hist.pdbx_number_atoms_ligand         2 
_refine_hist.pdbx_number_atoms_lipid          ? 
_refine_hist.pdbx_number_atoms_carb           ? 
_refine_hist.pdbx_pseudo_atom_details         ? 
# 
loop_
_refine_ls_restr.pdbx_refine_id 
_refine_ls_restr.criterion 
_refine_ls_restr.dev_ideal 
_refine_ls_restr.dev_ideal_target 
_refine_ls_restr.number 
_refine_ls_restr.rejects 
_refine_ls_restr.type 
_refine_ls_restr.weight 
_refine_ls_restr.pdbx_restraint_function 
'X-RAY DIFFRACTION' ? 0.006  ? 956  ? f_bond_d           ? ? 
'X-RAY DIFFRACTION' ? 0.755  ? 1467 ? f_angle_d          ? ? 
'X-RAY DIFFRACTION' ? 0.039  ? 166  ? f_chiral_restr     ? ? 
'X-RAY DIFFRACTION' ? 0.004  ? 42   ? f_plane_restr      ? ? 
'X-RAY DIFFRACTION' ? 35.402 ? 406  ? f_dihedral_angle_d ? ? 
# 
_refine_ls_shell.pdbx_refine_id                   'X-RAY DIFFRACTION' 
_refine_ls_shell.d_res_high                       3.1070 
_refine_ls_shell.d_res_low                        ? 
_refine_ls_shell.number_reflns_all                ? 
_refine_ls_shell.number_reflns_obs                ? 
_refine_ls_shell.number_reflns_R_free             181 
_refine_ls_shell.number_reflns_R_work             3453 
_refine_ls_shell.percent_reflns_obs               85.0000 
_refine_ls_shell.percent_reflns_R_free            ? 
_refine_ls_shell.R_factor_all                     ? 
_refine_ls_shell.R_factor_obs                     ? 
_refine_ls_shell.R_factor_R_free                  0.2303 
_refine_ls_shell.R_factor_R_free_error            0.0000 
_refine_ls_shell.R_factor_R_work                  0.2007 
_refine_ls_shell.redundancy_reflns_all            ? 
_refine_ls_shell.redundancy_reflns_obs            ? 
_refine_ls_shell.wR_factor_all                    ? 
_refine_ls_shell.wR_factor_obs                    ? 
_refine_ls_shell.wR_factor_R_free                 ? 
_refine_ls_shell.wR_factor_R_work                 ? 
_refine_ls_shell.pdbx_R_complete                  ? 
_refine_ls_shell.pdbx_total_number_of_bins_used   ? 
_refine_ls_shell.pdbx_phase_error                 ? 
_refine_ls_shell.pdbx_fsc_work                    ? 
_refine_ls_shell.pdbx_fsc_free                    ? 
# 
_struct.entry_id                     7JJX 
_struct.title                        
;Self-assembly of a 3D DNA crystal lattice (4x6 scramble junction version) containing the J5 immobile Holliday junction with R3 symmetry
;
_struct.pdbx_model_details           ? 
_struct.pdbx_formula_weight          ? 
_struct.pdbx_formula_weight_method   ? 
_struct.pdbx_model_type_details      ? 
_struct.pdbx_CASP_flag               N 
# 
_struct_keywords.entry_id        7JJX 
_struct_keywords.text            
'Structural DNA nanotechnology, immobile Holliday junctions, 3D DNA self-assembly, designer DNA crystals, DNA' 
_struct_keywords.pdbx_keywords   DNA 
# 
loop_
_struct_asym.id 
_struct_asym.pdbx_blank_PDB_chainid_flag 
_struct_asym.pdbx_modified 
_struct_asym.entity_id 
_struct_asym.details 
A N N 1 ? 
B N N 2 ? 
C N N 3 ? 
D N N 4 ? 
E N N 5 ? 
F N N 5 ? 
# 
loop_
_struct_conn.id 
_struct_conn.conn_type_id 
_struct_conn.pdbx_leaving_atom_flag 
_struct_conn.pdbx_PDB_id 
_struct_conn.ptnr1_label_asym_id 
_struct_conn.ptnr1_label_comp_id 
_struct_conn.ptnr1_label_seq_id 
_struct_conn.ptnr1_label_atom_id 
_struct_conn.pdbx_ptnr1_label_alt_id 
_struct_conn.pdbx_ptnr1_PDB_ins_code 
_struct_conn.pdbx_ptnr1_standard_comp_id 
_struct_conn.ptnr1_symmetry 
_struct_conn.ptnr2_label_asym_id 
_struct_conn.ptnr2_label_comp_id 
_struct_conn.ptnr2_label_seq_id 
_struct_conn.ptnr2_label_atom_id 
_struct_conn.pdbx_ptnr2_label_alt_id 
_struct_conn.pdbx_ptnr2_PDB_ins_code 
_struct_conn.ptnr1_auth_asym_id 
_struct_conn.ptnr1_auth_comp_id 
_struct_conn.ptnr1_auth_seq_id 
_struct_conn.ptnr2_auth_asym_id 
_struct_conn.ptnr2_auth_comp_id 
_struct_conn.ptnr2_auth_seq_id 
_struct_conn.ptnr2_symmetry 
_struct_conn.pdbx_ptnr3_label_atom_id 
_struct_conn.pdbx_ptnr3_label_seq_id 
_struct_conn.pdbx_ptnr3_label_comp_id 
_struct_conn.pdbx_ptnr3_label_asym_id 
_struct_conn.pdbx_ptnr3_label_alt_id 
_struct_conn.pdbx_ptnr3_PDB_ins_code 
_struct_conn.details 
_struct_conn.pdbx_dist_value 
_struct_conn.pdbx_value_order 
_struct_conn.pdbx_role 
hydrog1  hydrog ? ? A DA 3  N1 ? ? ? 1_555 D DT 15 N3 ? ? A DA 3  D DT 16 1_555 ? ? ? ? ? ? 'DA-DT PAIR' ? ? ? 
hydrog2  hydrog ? ? A DC 4  N3 ? ? ? 1_555 D DG 14 N1 ? ? A DC 4  D DG 15 1_555 ? ? ? ? ? ? WATSON-CRICK ? ? ? 
hydrog3  hydrog ? ? A DC 4  N4 ? ? ? 1_555 D DG 14 O6 ? ? A DC 4  D DG 15 1_555 ? ? ? ? ? ? WATSON-CRICK ? ? ? 
hydrog4  hydrog ? ? A DC 4  O2 ? ? ? 1_555 D DG 14 N2 ? ? A DC 4  D DG 15 1_555 ? ? ? ? ? ? WATSON-CRICK ? ? ? 
hydrog5  hydrog ? ? A DG 5  N1 ? ? ? 1_555 D DC 13 N3 ? ? A DG 5  D DC 14 1_555 ? ? ? ? ? ? WATSON-CRICK ? ? ? 
hydrog6  hydrog ? ? A DG 5  N2 ? ? ? 1_555 D DC 13 O2 ? ? A DG 5  D DC 14 1_555 ? ? ? ? ? ? WATSON-CRICK ? ? ? 
hydrog7  hydrog ? ? A DG 5  O6 ? ? ? 1_555 D DC 13 N4 ? ? A DG 5  D DC 14 1_555 ? ? ? ? ? ? WATSON-CRICK ? ? ? 
hydrog8  hydrog ? ? A DA 6  N1 ? ? ? 1_555 D DT 12 N3 ? ? A DA 6  D DT 13 1_555 ? ? ? ? ? ? WATSON-CRICK ? ? ? 
hydrog9  hydrog ? ? A DA 6  N6 ? ? ? 1_555 D DT 12 O4 ? ? A DA 6  D DT 13 1_555 ? ? ? ? ? ? WATSON-CRICK ? ? ? 
hydrog10 hydrog ? ? A DC 7  N3 ? ? ? 1_555 D DG 11 N1 ? ? A DC 7  D DG 12 1_555 ? ? ? ? ? ? WATSON-CRICK ? ? ? 
hydrog11 hydrog ? ? A DC 7  N4 ? ? ? 1_555 D DG 11 O6 ? ? A DC 7  D DG 12 1_555 ? ? ? ? ? ? WATSON-CRICK ? ? ? 
hydrog12 hydrog ? ? A DC 7  O2 ? ? ? 1_555 D DG 11 N2 ? ? A DC 7  D DG 12 1_555 ? ? ? ? ? ? WATSON-CRICK ? ? ? 
hydrog13 hydrog ? ? A DA 8  N1 ? ? ? 1_555 D DT 10 N3 ? ? A DA 8  D DT 11 1_555 ? ? ? ? ? ? WATSON-CRICK ? ? ? 
hydrog14 hydrog ? ? A DA 8  N6 ? ? ? 1_555 D DT 10 O4 ? ? A DA 8  D DT 11 1_555 ? ? ? ? ? ? WATSON-CRICK ? ? ? 
hydrog15 hydrog ? ? A DC 9  N3 ? ? ? 1_555 D DG 9  N1 ? ? A DC 9  D DG 10 1_555 ? ? ? ? ? ? WATSON-CRICK ? ? ? 
hydrog16 hydrog ? ? A DC 9  N4 ? ? ? 1_555 D DG 9  O6 ? ? A DC 9  D DG 10 1_555 ? ? ? ? ? ? WATSON-CRICK ? ? ? 
hydrog17 hydrog ? ? A DC 9  O2 ? ? ? 1_555 D DG 9  N2 ? ? A DC 9  D DG 10 1_555 ? ? ? ? ? ? WATSON-CRICK ? ? ? 
hydrog18 hydrog ? ? A DC 10 N3 ? ? ? 1_555 C DG 3  N1 ? ? A DC 10 C DG 2  1_555 ? ? ? ? ? ? WATSON-CRICK ? ? ? 
hydrog19 hydrog ? ? A DC 10 N4 ? ? ? 1_555 C DG 3  O6 ? ? A DC 10 C DG 2  1_555 ? ? ? ? ? ? WATSON-CRICK ? ? ? 
hydrog20 hydrog ? ? A DC 10 O2 ? ? ? 1_555 C DG 3  N2 ? ? A DC 10 C DG 2  1_555 ? ? ? ? ? ? WATSON-CRICK ? ? ? 
hydrog21 hydrog ? ? A DG 11 N1 ? ? ? 1_555 C DC 2  N3 ? ? A DG 11 C DC 1  1_555 ? ? ? ? ? ? WATSON-CRICK ? ? ? 
hydrog22 hydrog ? ? A DG 11 N2 ? ? ? 1_555 C DC 2  O2 ? ? A DG 11 C DC 1  1_555 ? ? ? ? ? ? WATSON-CRICK ? ? ? 
hydrog23 hydrog ? ? A DG 11 O6 ? ? ? 1_555 C DC 2  N4 ? ? A DG 11 C DC 1  1_555 ? ? ? ? ? ? WATSON-CRICK ? ? ? 
hydrog24 hydrog ? ? A DA 12 N1 ? ? ? 1_555 C DT 1  N3 ? ? A DA 12 C DT 0  1_555 ? ? ? ? ? ? WATSON-CRICK ? ? ? 
hydrog25 hydrog ? ? A DA 12 N6 ? ? ? 1_555 C DT 1  O4 ? ? A DA 12 C DT 0  1_555 ? ? ? ? ? ? WATSON-CRICK ? ? ? 
hydrog26 hydrog ? ? B DC 1  N3 ? ? ? 1_555 C DG 6  N1 ? ? B DC 12 C DG 5  1_555 ? ? ? ? ? ? WATSON-CRICK ? ? ? 
hydrog27 hydrog ? ? B DC 1  N4 ? ? ? 1_555 C DG 6  O6 ? ? B DC 12 C DG 5  1_555 ? ? ? ? ? ? WATSON-CRICK ? ? ? 
hydrog28 hydrog ? ? B DC 1  O2 ? ? ? 1_555 C DG 6  N2 ? ? B DC 12 C DG 5  1_555 ? ? ? ? ? ? WATSON-CRICK ? ? ? 
hydrog29 hydrog ? ? B DG 2  N1 ? ? ? 1_555 C DC 5  N3 ? ? B DG 13 C DC 4  1_555 ? ? ? ? ? ? WATSON-CRICK ? ? ? 
hydrog30 hydrog ? ? B DG 2  N2 ? ? ? 1_555 C DC 5  O2 ? ? B DG 13 C DC 4  1_555 ? ? ? ? ? ? WATSON-CRICK ? ? ? 
hydrog31 hydrog ? ? B DG 2  O6 ? ? ? 1_555 C DC 5  N4 ? ? B DG 13 C DC 4  1_555 ? ? ? ? ? ? WATSON-CRICK ? ? ? 
hydrog32 hydrog ? ? B DG 3  N1 ? ? ? 1_555 C DC 4  N3 ? ? B DG 14 C DC 3  1_555 ? ? ? ? ? ? WATSON-CRICK ? ? ? 
hydrog33 hydrog ? ? B DG 3  N2 ? ? ? 1_555 C DC 4  O2 ? ? B DG 14 C DC 3  1_555 ? ? ? ? ? ? WATSON-CRICK ? ? ? 
hydrog34 hydrog ? ? B DG 3  O6 ? ? ? 1_555 C DC 4  N4 ? ? B DG 14 C DC 3  1_555 ? ? ? ? ? ? WATSON-CRICK ? ? ? 
hydrog35 hydrog ? ? B DG 4  N1 ? ? ? 1_555 D DC 8  N3 ? ? B DG 15 D DC 9  1_555 ? ? ? ? ? ? WATSON-CRICK ? ? ? 
hydrog36 hydrog ? ? B DG 4  N2 ? ? ? 1_555 D DC 8  O2 ? ? B DG 15 D DC 9  1_555 ? ? ? ? ? ? WATSON-CRICK ? ? ? 
hydrog37 hydrog ? ? B DG 4  O6 ? ? ? 1_555 D DC 8  N4 ? ? B DG 15 D DC 9  1_555 ? ? ? ? ? ? WATSON-CRICK ? ? ? 
hydrog38 hydrog ? ? B DG 5  N1 ? ? ? 1_555 D DC 7  N3 ? ? B DG 16 D DC 8  1_555 ? ? ? ? ? ? WATSON-CRICK ? ? ? 
hydrog39 hydrog ? ? B DG 5  N2 ? ? ? 1_555 D DC 7  O2 ? ? B DG 16 D DC 8  1_555 ? ? ? ? ? ? WATSON-CRICK ? ? ? 
hydrog40 hydrog ? ? B DG 5  O6 ? ? ? 1_555 D DC 7  N4 ? ? B DG 16 D DC 8  1_555 ? ? ? ? ? ? WATSON-CRICK ? ? ? 
hydrog41 hydrog ? ? B DA 6  N1 ? ? ? 1_555 D DT 6  N3 ? ? B DA 17 D DT 7  1_555 ? ? ? ? ? ? WATSON-CRICK ? ? ? 
hydrog42 hydrog ? ? B DA 6  N6 ? ? ? 1_555 D DT 6  O4 ? ? B DA 17 D DT 7  1_555 ? ? ? ? ? ? WATSON-CRICK ? ? ? 
hydrog43 hydrog ? ? B DC 7  N3 ? ? ? 1_555 D DG 5  N1 ? ? B DC 18 D DG 6  1_555 ? ? ? ? ? ? WATSON-CRICK ? ? ? 
hydrog44 hydrog ? ? B DC 7  N4 ? ? ? 1_555 D DG 5  O6 ? ? B DC 18 D DG 6  1_555 ? ? ? ? ? ? WATSON-CRICK ? ? ? 
hydrog45 hydrog ? ? B DC 7  O2 ? ? ? 1_555 D DG 5  N2 ? ? B DC 18 D DG 6  1_555 ? ? ? ? ? ? WATSON-CRICK ? ? ? 
hydrog46 hydrog ? ? B DT 8  N3 ? ? ? 1_555 D DA 4  N1 ? ? B DT 19 D DA 5  1_555 ? ? ? ? ? ? WATSON-CRICK ? ? ? 
hydrog47 hydrog ? ? B DT 8  O4 ? ? ? 1_555 D DA 4  N6 ? ? B DT 19 D DA 5  1_555 ? ? ? ? ? ? WATSON-CRICK ? ? ? 
hydrog48 hydrog ? ? B DC 9  N3 ? ? ? 1_555 D DG 3  N1 ? ? B DC 20 D DG 4  1_555 ? ? ? ? ? ? WATSON-CRICK ? ? ? 
hydrog49 hydrog ? ? B DC 9  N4 ? ? ? 1_555 D DG 3  O6 ? ? B DC 20 D DG 4  1_555 ? ? ? ? ? ? WATSON-CRICK ? ? ? 
hydrog50 hydrog ? ? B DC 9  O2 ? ? ? 1_555 D DG 3  N2 ? ? B DC 20 D DG 4  1_555 ? ? ? ? ? ? WATSON-CRICK ? ? ? 
# 
_struct_conn_type.id          hydrog 
_struct_conn_type.criteria    ? 
_struct_conn_type.reference   ? 
# 
_atom_sites.entry_id                    7JJX 
_atom_sites.Cartn_transf_matrix[1][1]   ? 
_atom_sites.Cartn_transf_matrix[1][2]   ? 
_atom_sites.Cartn_transf_matrix[1][3]   ? 
_atom_sites.Cartn_transf_matrix[2][1]   ? 
_atom_sites.Cartn_transf_matrix[2][2]   ? 
_atom_sites.Cartn_transf_matrix[2][3]   ? 
_atom_sites.Cartn_transf_matrix[3][1]   ? 
_atom_sites.Cartn_transf_matrix[3][2]   ? 
_atom_sites.Cartn_transf_matrix[3][3]   ? 
_atom_sites.Cartn_transf_vector[1]      ? 
_atom_sites.Cartn_transf_vector[2]      ? 
_atom_sites.Cartn_transf_vector[3]      ? 
_atom_sites.fract_transf_matrix[1][1]   0.00346340 
_atom_sites.fract_transf_matrix[1][2]   -0.00908192 
_atom_sites.fract_transf_matrix[1][3]   -0.00307643 
_atom_sites.fract_transf_matrix[2][1]   -0.00130112 
_atom_sites.fract_transf_matrix[2][2]   -0.00294194 
_atom_sites.fract_transf_matrix[2][3]   -0.00967420 
_atom_sites.fract_transf_matrix[3][1]   0.01754777 
_atom_sites.fract_transf_matrix[3][2]   0.00835162 
_atom_sites.fract_transf_matrix[3][3]   -0.00489981 
_atom_sites.fract_transf_vector[1]      0.343112 
_atom_sites.fract_transf_vector[2]      0.169273 
_atom_sites.fract_transf_vector[3]      -0.260145 
_atom_sites.solution_primary            ? 
_atom_sites.solution_secondary          ? 
_atom_sites.solution_hydrogens          ? 
_atom_sites.special_details             ? 
# 
loop_
_atom_type.symbol 
AS 
C  
N  
O  
P  
# 
loop_
_atom_site.group_PDB 
_atom_site.id 
_atom_site.type_symbol 
_atom_site.label_atom_id 
_atom_site.label_alt_id 
_atom_site.label_comp_id 
_atom_site.label_asym_id 
_atom_site.label_entity_id 
_atom_site.label_seq_id 
_atom_site.pdbx_PDB_ins_code 
_atom_site.Cartn_x 
_atom_site.Cartn_y 
_atom_site.Cartn_z 
_atom_site.occupancy 
_atom_site.B_iso_or_equiv 
_atom_site.pdbx_formal_charge 
_atom_site.auth_seq_id 
_atom_site.auth_comp_id 
_atom_site.auth_asym_id 
_atom_site.auth_atom_id 
_atom_site.pdbx_PDB_model_num 
ATOM   1   O  "O5'" . DG  A 1 1  ? -18.410 -21.391 -11.376 1.00 204.29 ? 1   DG  A "O5'" 1 
ATOM   2   C  "C5'" . DG  A 1 1  ? -17.716 -20.725 -10.324 1.00 181.47 ? 1   DG  A "C5'" 1 
ATOM   3   C  "C4'" . DG  A 1 1  ? -16.583 -19.879 -10.876 1.00 161.69 ? 1   DG  A "C4'" 1 
ATOM   4   O  "O4'" . DG  A 1 1  ? -17.129 -18.768 -11.635 1.00 148.08 ? 1   DG  A "O4'" 1 
ATOM   5   C  "C3'" . DG  A 1 1  ? -15.663 -19.259 -9.817  1.00 162.21 ? 1   DG  A "C3'" 1 
ATOM   6   O  "O3'" . DG  A 1 1  ? -14.291 -19.457 -10.172 1.00 166.29 ? 1   DG  A "O3'" 1 
ATOM   7   C  "C2'" . DG  A 1 1  ? -16.038 -17.780 -9.846  1.00 147.25 ? 1   DG  A "C2'" 1 
ATOM   8   C  "C1'" . DG  A 1 1  ? -16.424 -17.604 -11.300 1.00 138.11 ? 1   DG  A "C1'" 1 
ATOM   9   N  N9    . DG  A 1 1  ? -17.282 -16.456 -11.526 1.00 126.36 ? 1   DG  A N9    1 
ATOM   10  C  C8    . DG  A 1 1  ? -18.503 -16.203 -10.945 1.00 126.47 ? 1   DG  A C8    1 
ATOM   11  N  N7    . DG  A 1 1  ? -19.038 -15.080 -11.334 1.00 119.88 ? 1   DG  A N7    1 
ATOM   12  C  C5    . DG  A 1 1  ? -18.111 -14.555 -12.227 1.00 120.95 ? 1   DG  A C5    1 
ATOM   13  C  C6    . DG  A 1 1  ? -18.143 -13.355 -12.970 1.00 121.27 ? 1   DG  A C6    1 
ATOM   14  O  O6    . DG  A 1 1  ? -19.028 -12.488 -12.985 1.00 122.19 ? 1   DG  A O6    1 
ATOM   15  N  N1    . DG  A 1 1  ? -16.999 -13.203 -13.756 1.00 121.45 ? 1   DG  A N1    1 
ATOM   16  C  C2    . DG  A 1 1  ? -15.956 -14.100 -13.810 1.00 123.28 ? 1   DG  A C2    1 
ATOM   17  N  N2    . DG  A 1 1  ? -14.938 -13.783 -14.626 1.00 122.40 ? 1   DG  A N2    1 
ATOM   18  N  N3    . DG  A 1 1  ? -15.918 -15.233 -13.119 1.00 122.44 ? 1   DG  A N3    1 
ATOM   19  C  C4    . DG  A 1 1  ? -17.025 -15.392 -12.352 1.00 122.92 ? 1   DG  A C4    1 
ATOM   20  P  P     . DA  A 1 2  ? -13.140 -19.295 -9.061  1.00 164.56 ? 2   DA  A P     1 
ATOM   21  O  OP1   . DA  A 1 2  ? -12.337 -20.540 -9.052  1.00 151.29 ? 2   DA  A OP1   1 
ATOM   22  O  OP2   . DA  A 1 2  ? -13.788 -18.823 -7.815  1.00 159.22 ? 2   DA  A OP2   1 
ATOM   23  O  "O5'" . DA  A 1 2  ? -12.235 -18.098 -9.615  1.00 148.61 ? 2   DA  A "O5'" 1 
ATOM   24  C  "C5'" . DA  A 1 2  ? -11.383 -18.309 -10.729 1.00 146.95 ? 2   DA  A "C5'" 1 
ATOM   25  C  "C4'" . DA  A 1 2  ? -10.946 -16.986 -11.330 1.00 145.88 ? 2   DA  A "C4'" 1 
ATOM   26  O  "O4'" . DA  A 1 2  ? -12.113 -16.156 -11.584 1.00 138.78 ? 2   DA  A "O4'" 1 
ATOM   27  C  "C3'" . DA  A 1 2  ? -10.023 -16.142 -10.449 1.00 147.65 ? 2   DA  A "C3'" 1 
ATOM   28  O  "O3'" . DA  A 1 2  ? -9.086  -15.463 -11.266 1.00 148.99 ? 2   DA  A "O3'" 1 
ATOM   29  C  "C2'" . DA  A 1 2  ? -10.997 -15.167 -9.802  1.00 143.49 ? 2   DA  A "C2'" 1 
ATOM   30  C  "C1'" . DA  A 1 2  ? -11.936 -14.906 -10.960 1.00 130.79 ? 2   DA  A "C1'" 1 
ATOM   31  N  N9    . DA  A 1 2  ? -13.238 -14.404 -10.544 1.00 130.17 ? 2   DA  A N9    1 
ATOM   32  C  C8    . DA  A 1 2  ? -14.110 -14.995 -9.672  1.00 131.08 ? 2   DA  A C8    1 
ATOM   33  N  N7    . DA  A 1 2  ? -15.212 -14.309 -9.481  1.00 128.14 ? 2   DA  A N7    1 
ATOM   34  C  C5    . DA  A 1 2  ? -15.051 -13.191 -10.286 1.00 126.89 ? 2   DA  A C5    1 
ATOM   35  C  C6    . DA  A 1 2  ? -15.871 -12.070 -10.534 1.00 127.92 ? 2   DA  A C6    1 
ATOM   36  N  N6    . DA  A 1 2  ? -17.071 -11.894 -9.966  1.00 125.49 ? 2   DA  A N6    1 
ATOM   37  N  N1    . DA  A 1 2  ? -15.409 -11.135 -11.393 1.00 127.64 ? 2   DA  A N1    1 
ATOM   38  C  C2    . DA  A 1 2  ? -14.207 -11.315 -11.959 1.00 124.72 ? 2   DA  A C2    1 
ATOM   39  N  N3    . DA  A 1 2  ? -13.349 -12.322 -11.804 1.00 126.23 ? 2   DA  A N3    1 
ATOM   40  C  C4    . DA  A 1 2  ? -13.836 -13.235 -10.947 1.00 126.95 ? 2   DA  A C4    1 
ATOM   41  P  P     . DA  A 1 3  ? -7.858  -14.648 -10.619 1.00 159.38 ? 3   DA  A P     1 
ATOM   42  O  OP1   . DA  A 1 3  ? -6.651  -15.488 -10.766 1.00 154.05 ? 3   DA  A OP1   1 
ATOM   43  O  OP2   . DA  A 1 3  ? -8.235  -14.128 -9.286  1.00 141.61 ? 3   DA  A OP2   1 
ATOM   44  O  "O5'" . DA  A 1 3  ? -7.711  -13.388 -11.579 1.00 145.74 ? 3   DA  A "O5'" 1 
ATOM   45  C  "C5'" . DA  A 1 3  ? -8.864  -12.685 -11.978 1.00 140.33 ? 3   DA  A "C5'" 1 
ATOM   46  C  "C4'" . DA  A 1 3  ? -8.494  -11.293 -12.427 1.00 143.61 ? 3   DA  A "C4'" 1 
ATOM   47  O  "O4'" . DA  A 1 3  ? -9.624  -10.415 -12.253 1.00 140.30 ? 3   DA  A "O4'" 1 
ATOM   48  C  "C3'" . DA  A 1 3  ? -7.392  -10.648 -11.622 1.00 137.22 ? 3   DA  A "C3'" 1 
ATOM   49  O  "O3'" . DA  A 1 3  ? -6.796  -9.615  -12.385 1.00 145.34 ? 3   DA  A "O3'" 1 
ATOM   50  C  "C2'" . DA  A 1 3  ? -8.153  -10.097 -10.416 1.00 133.95 ? 3   DA  A "C2'" 1 
ATOM   51  C  "C1'" . DA  A 1 3  ? -9.529  -9.764  -11.003 1.00 131.74 ? 3   DA  A "C1'" 1 
ATOM   52  N  N9    . DA  A 1 3  ? -10.634 -10.229 -10.174 1.00 130.26 ? 3   DA  A N9    1 
ATOM   53  C  C8    . DA  A 1 3  ? -10.701 -11.400 -9.468  1.00 132.09 ? 3   DA  A C8    1 
ATOM   54  N  N7    . DA  A 1 3  ? -11.827 -11.561 -8.813  1.00 126.17 ? 3   DA  A N7    1 
ATOM   55  C  C5    . DA  A 1 3  ? -12.550 -10.419 -9.113  1.00 127.91 ? 3   DA  A C5    1 
ATOM   56  C  C6    . DA  A 1 3  ? -13.834 -9.980  -8.727  1.00 129.04 ? 3   DA  A C6    1 
ATOM   57  N  N6    . DA  A 1 3  ? -14.643 -10.680 -7.918  1.00 123.43 ? 3   DA  A N6    1 
ATOM   58  N  N1    . DA  A 1 3  ? -14.255 -8.789  -9.205  1.00 126.75 ? 3   DA  A N1    1 
ATOM   59  C  C2    . DA  A 1 3  ? -13.441 -8.093  -10.013 1.00 127.59 ? 3   DA  A C2    1 
ATOM   60  N  N3    . DA  A 1 3  ? -12.218 -8.403  -10.446 1.00 124.95 ? 3   DA  A N3    1 
ATOM   61  C  C4    . DA  A 1 3  ? -11.828 -9.589  -9.955  1.00 127.19 ? 3   DA  A C4    1 
ATOM   62  P  P     . DC  A 1 4  ? -5.710  -8.639  -11.722 1.00 152.70 ? 4   DC  A P     1 
ATOM   63  O  OP1   . DC  A 1 4  ? -4.852  -8.123  -12.811 1.00 152.92 ? 4   DC  A OP1   1 
ATOM   64  O  OP2   . DC  A 1 4  ? -5.097  -9.367  -10.586 1.00 150.08 ? 4   DC  A OP2   1 
ATOM   65  O  "O5'" . DC  A 1 4  ? -6.587  -7.424  -11.163 1.00 137.40 ? 4   DC  A "O5'" 1 
ATOM   66  C  "C5'" . DC  A 1 4  ? -7.407  -6.680  -12.056 1.00 137.05 ? 4   DC  A "C5'" 1 
ATOM   67  C  "C4'" . DC  A 1 4  ? -8.089  -5.529  -11.337 1.00 139.35 ? 4   DC  A "C4'" 1 
ATOM   68  O  "O4'" . DC  A 1 4  ? -9.275  -6.012  -10.652 1.00 135.47 ? 4   DC  A "O4'" 1 
ATOM   69  C  "C3'" . DC  A 1 4  ? -7.237  -4.822  -10.274 1.00 136.09 ? 4   DC  A "C3'" 1 
ATOM   70  O  "O3'" . DC  A 1 4  ? -7.333  -3.405  -10.432 1.00 138.48 ? 4   DC  A "O3'" 1 
ATOM   71  C  "C2'" . DC  A 1 4  ? -7.863  -5.285  -8.957  1.00 132.34 ? 4   DC  A "C2'" 1 
ATOM   72  C  "C1'" . DC  A 1 4  ? -9.318  -5.451  -9.363  1.00 129.43 ? 4   DC  A "C1'" 1 
ATOM   73  N  N1    . DC  A 1 4  ? -10.105 -6.364  -8.469  1.00 129.14 ? 4   DC  A N1    1 
ATOM   74  C  C2    . DC  A 1 4  ? -11.383 -5.981  -8.042  1.00 123.36 ? 4   DC  A C2    1 
ATOM   75  O  O2    . DC  A 1 4  ? -11.840 -4.890  -8.407  1.00 117.07 ? 4   DC  A O2    1 
ATOM   76  N  N3    . DC  A 1 4  ? -12.087 -6.819  -7.235  1.00 116.15 ? 4   DC  A N3    1 
ATOM   77  C  C4    . DC  A 1 4  ? -11.560 -7.988  -6.859  1.00 122.39 ? 4   DC  A C4    1 
ATOM   78  N  N4    . DC  A 1 4  ? -12.291 -8.779  -6.065  1.00 122.78 ? 4   DC  A N4    1 
ATOM   79  C  C5    . DC  A 1 4  ? -10.259 -8.396  -7.284  1.00 124.88 ? 4   DC  A C5    1 
ATOM   80  C  C6    . DC  A 1 4  ? -9.575  -7.562  -8.082  1.00 128.26 ? 4   DC  A C6    1 
ATOM   81  P  P     . DG  A 1 5  ? -6.127  -2.449  -9.962  1.00 152.01 ? 5   DG  A P     1 
ATOM   82  O  OP1   . DG  A 1 5  ? -5.526  -1.812  -11.156 1.00 148.79 ? 5   DG  A OP1   1 
ATOM   83  O  OP2   . DG  A 1 5  ? -5.260  -3.238  -9.061  1.00 138.28 ? 5   DG  A OP2   1 
ATOM   84  O  "O5'" . DG  A 1 5  ? -6.859  -1.320  -9.096  1.00 143.73 ? 5   DG  A "O5'" 1 
ATOM   85  C  "C5'" . DG  A 1 5  ? -7.816  -0.469  -9.712  1.00 134.95 ? 5   DG  A "C5'" 1 
ATOM   86  C  "C4'" . DG  A 1 5  ? -8.952  -0.142  -8.758  1.00 137.81 ? 5   DG  A "C4'" 1 
ATOM   87  O  "O4'" . DG  A 1 5  ? -9.505  -1.368  -8.214  1.00 134.78 ? 5   DG  A "O4'" 1 
ATOM   88  C  "C3'" . DG  A 1 5  ? -8.575  0.732   -7.556  1.00 133.36 ? 5   DG  A "C3'" 1 
ATOM   89  O  "O3'" . DG  A 1 5  ? -9.541  1.765   -7.396  1.00 128.94 ? 5   DG  A "O3'" 1 
ATOM   90  C  "C2'" . DG  A 1 5  ? -8.601  -0.251  -6.382  1.00 131.34 ? 5   DG  A "C2'" 1 
ATOM   91  C  "C1'" . DG  A 1 5  ? -9.685  -1.219  -6.825  1.00 128.42 ? 5   DG  A "C1'" 1 
ATOM   92  N  N9    . DG  A 1 5  ? -9.592  -2.540  -6.213  1.00 118.89 ? 5   DG  A N9    1 
ATOM   93  C  C8    . DG  A 1 5  ? -8.529  -3.408  -6.275  1.00 123.10 ? 5   DG  A C8    1 
ATOM   94  N  N7    . DG  A 1 5  ? -8.734  -4.532  -5.642  1.00 122.57 ? 5   DG  A N7    1 
ATOM   95  C  C5    . DG  A 1 5  ? -10.019 -4.404  -5.131  1.00 119.34 ? 5   DG  A C5    1 
ATOM   96  C  C6    . DG  A 1 5  ? -10.786 -5.309  -4.358  1.00 113.62 ? 5   DG  A C6    1 
ATOM   97  O  O6    . DG  A 1 5  ? -10.469 -6.441  -3.957  1.00 101.80 ? 5   DG  A O6    1 
ATOM   98  N  N1    . DG  A 1 5  ? -12.041 -4.783  -4.051  1.00 114.51 ? 5   DG  A N1    1 
ATOM   99  C  C2    . DG  A 1 5  ? -12.494 -3.541  -4.445  1.00 117.32 ? 5   DG  A C2    1 
ATOM   100 N  N2    . DG  A 1 5  ? -13.732 -3.209  -4.053  1.00 118.59 ? 5   DG  A N2    1 
ATOM   101 N  N3    . DG  A 1 5  ? -11.786 -2.685  -5.171  1.00 113.44 ? 5   DG  A N3    1 
ATOM   102 C  C4    . DG  A 1 5  ? -10.563 -3.182  -5.477  1.00 119.48 ? 5   DG  A C4    1 
ATOM   103 P  P     . DA  A 1 6  ? -9.310  2.946   -6.333  1.00 137.57 ? 6   DA  A P     1 
ATOM   104 O  OP1   . DA  A 1 6  ? -9.654  4.221   -6.997  1.00 138.33 ? 6   DA  A OP1   1 
ATOM   105 O  OP2   . DA  A 1 6  ? -7.967  2.777   -5.739  1.00 136.00 ? 6   DA  A OP2   1 
ATOM   106 O  "O5'" . DA  A 1 6  ? -10.406 2.660   -5.208  1.00 127.36 ? 6   DA  A "O5'" 1 
ATOM   107 C  "C5'" . DA  A 1 6  ? -11.780 2.615   -5.561  1.00 127.59 ? 6   DA  A "C5'" 1 
ATOM   108 C  "C4'" . DA  A 1 6  ? -12.653 2.701   -4.325  1.00 130.31 ? 6   DA  A "C4'" 1 
ATOM   109 O  "O4'" . DA  A 1 6  ? -12.780 1.387   -3.728  1.00 125.07 ? 6   DA  A "O4'" 1 
ATOM   110 C  "C3'" . DA  A 1 6  ? -12.131 3.625   -3.234  1.00 130.02 ? 6   DA  A "C3'" 1 
ATOM   111 O  "O3'" . DA  A 1 6  ? -13.210 4.319   -2.618  1.00 140.07 ? 6   DA  A "O3'" 1 
ATOM   112 C  "C2'" . DA  A 1 6  ? -11.426 2.681   -2.258  1.00 126.82 ? 6   DA  A "C2'" 1 
ATOM   113 C  "C1'" . DA  A 1 6  ? -12.130 1.339   -2.474  1.00 120.69 ? 6   DA  A "C1'" 1 
ATOM   114 N  N9    . DA  A 1 6  ? -11.211 0.196   -2.479  1.00 118.04 ? 6   DA  A N9    1 
ATOM   115 C  C8    . DA  A 1 6  ? -9.960  0.147   -3.036  1.00 116.12 ? 6   DA  A C8    1 
ATOM   116 N  N7    . DA  A 1 6  ? -9.356  -1.010  -2.889  1.00 112.03 ? 6   DA  A N7    1 
ATOM   117 C  C5    . DA  A 1 6  ? -10.270 -1.780  -2.188  1.00 112.12 ? 6   DA  A C5    1 
ATOM   118 C  C6    . DA  A 1 6  ? -10.231 -3.112  -1.720  1.00 108.46 ? 6   DA  A C6    1 
ATOM   119 N  N6    . DA  A 1 6  ? -9.186  -3.926  -1.904  1.00 104.44 ? 6   DA  A N6    1 
ATOM   120 N  N1    . DA  A 1 6  ? -11.311 -3.574  -1.053  1.00 105.63 ? 6   DA  A N1    1 
ATOM   121 C  C2    . DA  A 1 6  ? -12.355 -2.754  -0.872  1.00 110.91 ? 6   DA  A C2    1 
ATOM   122 N  N3    . DA  A 1 6  ? -12.510 -1.486  -1.266  1.00 111.66 ? 6   DA  A N3    1 
ATOM   123 C  C4    . DA  A 1 6  ? -11.421 -1.054  -1.925  1.00 113.82 ? 6   DA  A C4    1 
ATOM   124 P  P     . DC  A 1 7  ? -12.941 5.357   -1.418  1.00 146.23 ? 7   DC  A P     1 
ATOM   125 O  OP1   . DC  A 1 7  ? -13.977 6.412   -1.499  1.00 137.17 ? 7   DC  A OP1   1 
ATOM   126 O  OP2   . DC  A 1 7  ? -11.510 5.732   -1.431  1.00 143.20 ? 7   DC  A OP2   1 
ATOM   127 O  "O5'" . DC  A 1 7  ? -13.226 4.487   -0.111  1.00 132.53 ? 7   DC  A "O5'" 1 
ATOM   128 C  "C5'" . DC  A 1 7  ? -14.420 3.728   -0.032  1.00 131.40 ? 7   DC  A "C5'" 1 
ATOM   129 C  "C4'" . DC  A 1 7  ? -14.347 2.727   1.100   1.00 126.10 ? 7   DC  A "C4'" 1 
ATOM   130 O  "O4'" . DC  A 1 7  ? -13.475 1.623   0.737   1.00 120.69 ? 7   DC  A "O4'" 1 
ATOM   131 C  "C3'" . DC  A 1 7  ? -13.794 3.282   2.424   1.00 125.23 ? 7   DC  A "C3'" 1 
ATOM   132 O  "O3'" . DC  A 1 7  ? -14.766 3.101   3.476   1.00 133.11 ? 7   DC  A "O3'" 1 
ATOM   133 C  "C2'" . DC  A 1 7  ? -12.525 2.452   2.652   1.00 119.27 ? 7   DC  A "C2'" 1 
ATOM   134 C  "C1'" . DC  A 1 7  ? -12.874 1.178   1.917   1.00 114.69 ? 7   DC  A "C1'" 1 
ATOM   135 N  N1    . DC  A 1 7  ? -11.694 0.315   1.624   1.00 111.15 ? 7   DC  A N1    1 
ATOM   136 C  C2    . DC  A 1 7  ? -11.687 -1.017  2.064   1.00 108.46 ? 7   DC  A C2    1 
ATOM   137 O  O2    . DC  A 1 7  ? -12.681 -1.463  2.653   1.00 111.19 ? 7   DC  A O2    1 
ATOM   138 N  N3    . DC  A 1 7  ? -10.596 -1.787  1.817   1.00 104.51 ? 7   DC  A N3    1 
ATOM   139 C  C4    . DC  A 1 7  ? -9.547  -1.266  1.176   1.00 104.88 ? 7   DC  A C4    1 
ATOM   140 N  N4    . DC  A 1 7  ? -8.494  -2.059  0.954   1.00 98.82  ? 7   DC  A N4    1 
ATOM   141 C  C5    . DC  A 1 7  ? -9.530  0.092   0.735   1.00 109.03 ? 7   DC  A C5    1 
ATOM   142 C  C6    . DC  A 1 7  ? -10.610 0.841   0.984   1.00 110.87 ? 7   DC  A C6    1 
ATOM   143 P  P     . DA  A 1 8  ? -14.323 2.846   5.007   1.00 146.25 ? 8   DA  A P     1 
ATOM   144 O  OP1   . DA  A 1 8  ? -15.527 3.010   5.851   1.00 141.17 ? 8   DA  A OP1   1 
ATOM   145 O  OP2   . DA  A 1 8  ? -13.118 3.657   5.310   1.00 132.26 ? 8   DA  A OP2   1 
ATOM   146 O  "O5'" . DA  A 1 8  ? -13.953 1.293   5.044   1.00 121.06 ? 8   DA  A "O5'" 1 
ATOM   147 C  "C5'" . DA  A 1 8  ? -14.881 0.343   4.545   1.00 121.33 ? 8   DA  A "C5'" 1 
ATOM   148 C  "C4'" . DA  A 1 8  ? -15.091 -0.784  5.528   1.00 122.22 ? 8   DA  A "C4'" 1 
ATOM   149 O  "O4'" . DA  A 1 8  ? -14.026 -1.750  5.406   1.00 117.43 ? 8   DA  A "O4'" 1 
ATOM   150 C  "C3'" . DA  A 1 8  ? -15.105 -0.377  6.985   1.00 125.37 ? 8   DA  A "C3'" 1 
ATOM   151 O  "O3'" . DA  A 1 8  ? -15.936 -1.278  7.700   1.00 137.52 ? 8   DA  A "O3'" 1 
ATOM   152 C  "C2'" . DA  A 1 8  ? -13.632 -0.502  7.388   1.00 120.73 ? 8   DA  A "C2'" 1 
ATOM   153 C  "C1'" . DA  A 1 8  ? -13.123 -1.626  6.487   1.00 113.06 ? 8   DA  A "C1'" 1 
ATOM   154 N  N9    . DA  A 1 8  ? -11.801 -1.375  5.924   1.00 108.47 ? 8   DA  A N9    1 
ATOM   155 C  C8    . DA  A 1 8  ? -11.358 -0.220  5.338   1.00 107.61 ? 8   DA  A C8    1 
ATOM   156 N  N7    . DA  A 1 8  ? -10.121 -0.289  4.899   1.00 98.79  ? 8   DA  A N7    1 
ATOM   157 C  C5    . DA  A 1 8  ? -9.731  -1.584  5.210   1.00 99.03  ? 8   DA  A C5    1 
ATOM   158 C  C6    . DA  A 1 8  ? -8.525  -2.289  5.007   1.00 99.00  ? 8   DA  A C6    1 
ATOM   159 N  N6    . DA  A 1 8  ? -7.449  -1.757  4.415   1.00 94.66  ? 8   DA  A N6    1 
ATOM   160 N  N1    . DA  A 1 8  ? -8.468  -3.570  5.440   1.00 99.10  ? 8   DA  A N1    1 
ATOM   161 C  C2    . DA  A 1 8  ? -9.547  -4.098  6.035   1.00 100.17 ? 8   DA  A C2    1 
ATOM   162 N  N3    . DA  A 1 8  ? -10.733 -3.534  6.278   1.00 100.90 ? 8   DA  A N3    1 
ATOM   163 C  C4    . DA  A 1 8  ? -10.759 -2.266  5.835   1.00 103.18 ? 8   DA  A C4    1 
ATOM   164 P  P     . DC  A 1 9  ? -15.875 -1.365  9.300   1.00 140.10 ? 9   DC  A P     1 
ATOM   165 O  OP1   . DC  A 1 9  ? -17.151 -1.963  9.756   1.00 140.31 ? 9   DC  A OP1   1 
ATOM   166 O  OP2   . DC  A 1 9  ? -15.500 -0.019  9.792   1.00 138.32 ? 9   DC  A OP2   1 
ATOM   167 O  "O5'" . DC  A 1 9  ? -14.694 -2.416  9.578   1.00 119.64 ? 9   DC  A "O5'" 1 
ATOM   168 C  "C5'" . DC  A 1 9  ? -14.714 -3.193  10.758  1.00 117.82 ? 9   DC  A "C5'" 1 
ATOM   169 C  "C4'" . DC  A 1 9  ? -13.669 -4.290  10.711  1.00 121.35 ? 9   DC  A "C4'" 1 
ATOM   170 O  "O4'" . DC  A 1 9  ? -12.654 -3.969  9.716   1.00 121.28 ? 9   DC  A "O4'" 1 
ATOM   171 C  "C3'" . DC  A 1 9  ? -12.919 -4.495  12.028  1.00 125.10 ? 9   DC  A "C3'" 1 
ATOM   172 O  "O3'" . DC  A 1 9  ? -12.785 -5.869  12.310  1.00 133.44 ? 9   DC  A "O3'" 1 
ATOM   173 C  "C2'" . DC  A 1 9  ? -11.562 -3.858  11.756  1.00 127.51 ? 9   DC  A "C2'" 1 
ATOM   174 C  "C1'" . DC  A 1 9  ? -11.382 -4.185  10.287  1.00 122.50 ? 9   DC  A "C1'" 1 
ATOM   175 N  N1    . DC  A 1 9  ? -10.368 -3.312  9.607   1.00 113.57 ? 9   DC  A N1    1 
ATOM   176 C  C2    . DC  A 1 9  ? -9.098  -3.829  9.294   1.00 108.54 ? 9   DC  A C2    1 
ATOM   177 O  O2    . DC  A 1 9  ? -8.839  -5.007  9.568   1.00 113.99 ? 9   DC  A O2    1 
ATOM   178 N  N3    . DC  A 1 9  ? -8.191  -3.021  8.692   1.00 99.65  ? 9   DC  A N3    1 
ATOM   179 C  C4    . DC  A 1 9  ? -8.506  -1.756  8.413   1.00 99.23  ? 9   DC  A C4    1 
ATOM   180 N  N4    . DC  A 1 9  ? -7.582  -0.997  7.817   1.00 92.76  ? 9   DC  A N4    1 
ATOM   181 C  C5    . DC  A 1 9  ? -9.786  -1.210  8.732   1.00 100.80 ? 9   DC  A C5    1 
ATOM   182 C  C6    . DC  A 1 9  ? -10.675 -2.014  9.323   1.00 106.85 ? 9   DC  A C6    1 
ATOM   183 P  P     . DC  A 1 10 ? -11.928 -6.332  13.588  1.00 161.53 ? 10  DC  A P     1 
ATOM   184 O  OP1   . DC  A 1 10 ? -12.342 -7.707  13.947  1.00 165.12 ? 10  DC  A OP1   1 
ATOM   185 O  OP2   . DC  A 1 10 ? -12.011 -5.244  14.592  1.00 142.22 ? 10  DC  A OP2   1 
ATOM   186 O  "O5'" . DC  A 1 10 ? -10.424 -6.403  13.048  1.00 138.49 ? 10  DC  A "O5'" 1 
ATOM   187 C  "C5'" . DC  A 1 10 ? -9.981  -7.542  12.331  1.00 132.33 ? 10  DC  A "C5'" 1 
ATOM   188 C  "C4'" . DC  A 1 10 ? -8.523  -7.826  12.637  1.00 134.16 ? 10  DC  A "C4'" 1 
ATOM   189 O  "O4'" . DC  A 1 10 ? -7.675  -6.918  11.880  1.00 135.76 ? 10  DC  A "O4'" 1 
ATOM   190 C  "C3'" . DC  A 1 10 ? -8.124  -7.645  14.096  1.00 135.52 ? 10  DC  A "C3'" 1 
ATOM   191 O  "O3'" . DC  A 1 10 ? -7.164  -8.622  14.438  1.00 139.86 ? 10  DC  A "O3'" 1 
ATOM   192 C  "C2'" . DC  A 1 10 ? -7.518  -6.242  14.106  1.00 142.43 ? 10  DC  A "C2'" 1 
ATOM   193 C  "C1'" . DC  A 1 10 ? -6.812  -6.227  12.761  1.00 142.69 ? 10  DC  A "C1'" 1 
ATOM   194 N  N1    . DC  A 1 10 ? -6.564  -4.847  12.202  1.00 128.00 ? 10  DC  A N1    1 
ATOM   195 C  C2    . DC  A 1 10 ? -5.328  -4.548  11.605  1.00 108.48 ? 10  DC  A C2    1 
ATOM   196 O  O2    . DC  A 1 10 ? -4.454  -5.424  11.549  1.00 109.74 ? 10  DC  A O2    1 
ATOM   197 N  N3    . DC  A 1 10 ? -5.126  -3.303  11.097  1.00 105.28 ? 10  DC  A N3    1 
ATOM   198 C  C4    . DC  A 1 10 ? -6.093  -2.384  11.174  1.00 106.59 ? 10  DC  A C4    1 
ATOM   199 N  N4    . DC  A 1 10 ? -5.849  -1.172  10.662  1.00 88.78  ? 10  DC  A N4    1 
ATOM   200 C  C5    . DC  A 1 10 ? -7.353  -2.670  11.782  1.00 115.26 ? 10  DC  A C5    1 
ATOM   201 C  C6    . DC  A 1 10 ? -7.544  -3.901  12.276  1.00 118.73 ? 10  DC  A C6    1 
ATOM   202 P  P     . DG  A 1 11 ? -6.923  -9.022  15.973  1.00 157.40 ? 11  DG  A P     1 
ATOM   203 O  OP1   . DG  A 1 11 ? -7.830  -10.153 16.279  1.00 161.09 ? 11  DG  A OP1   1 
ATOM   204 O  OP2   . DG  A 1 11 ? -6.991  -7.785  16.788  1.00 145.25 ? 11  DG  A OP2   1 
ATOM   205 O  "O5'" . DG  A 1 11 ? -5.413  -9.552  15.984  1.00 143.08 ? 11  DG  A "O5'" 1 
ATOM   206 C  "C5'" . DG  A 1 11 ? -4.545  -9.235  14.900  1.00 133.94 ? 11  DG  A "C5'" 1 
ATOM   207 C  "C4'" . DG  A 1 11 ? -3.183  -8.792  15.406  1.00 133.40 ? 11  DG  A "C4'" 1 
ATOM   208 O  "O4'" . DG  A 1 11 ? -2.880  -7.469  14.885  1.00 130.93 ? 11  DG  A "O4'" 1 
ATOM   209 C  "C3'" . DG  A 1 11 ? -3.057  -8.672  16.921  1.00 129.65 ? 11  DG  A "C3'" 1 
ATOM   210 O  "O3'" . DG  A 1 11 ? -1.721  -8.969  17.305  1.00 127.84 ? 11  DG  A "O3'" 1 
ATOM   211 C  "C2'" . DG  A 1 11 ? -3.395  -7.207  17.156  1.00 119.81 ? 11  DG  A "C2'" 1 
ATOM   212 C  "C1'" . DG  A 1 11 ? -2.747  -6.549  15.951  1.00 117.83 ? 11  DG  A "C1'" 1 
ATOM   213 N  N9    . DG  A 1 11 ? -3.404  -5.304  15.576  1.00 114.18 ? 11  DG  A N9    1 
ATOM   214 C  C8    . DG  A 1 11 ? -4.691  -4.935  15.884  1.00 116.41 ? 11  DG  A C8    1 
ATOM   215 N  N7    . DG  A 1 11 ? -5.020  -3.762  15.423  1.00 109.78 ? 11  DG  A N7    1 
ATOM   216 C  C5    . DG  A 1 11 ? -3.879  -3.320  14.772  1.00 104.31 ? 11  DG  A C5    1 
ATOM   217 C  C6    . DG  A 1 11 ? -3.645  -2.116  14.083  1.00 103.72 ? 11  DG  A C6    1 
ATOM   218 O  O6    . DG  A 1 11 ? -4.429  -1.172  13.907  1.00 106.87 ? 11  DG  A O6    1 
ATOM   219 N  N1    . DG  A 1 11 ? -2.355  -2.060  13.563  1.00 102.12 ? 11  DG  A N1    1 
ATOM   220 C  C2    . DG  A 1 11 ? -1.409  -3.051  13.699  1.00 99.77  ? 11  DG  A C2    1 
ATOM   221 N  N2    . DG  A 1 11 ? -0.219  -2.816  13.130  1.00 90.49  ? 11  DG  A N2    1 
ATOM   222 N  N3    . DG  A 1 11 ? -1.615  -4.192  14.347  1.00 100.84 ? 11  DG  A N3    1 
ATOM   223 C  C4    . DG  A 1 11 ? -2.869  -4.257  14.857  1.00 105.71 ? 11  DG  A C4    1 
ATOM   224 P  P     . DA  A 1 12 ? -1.205  -8.751  18.814  1.00 126.90 ? 12  DA  A P     1 
ATOM   225 O  OP1   . DA  A 1 12 ? -0.663  -10.059 19.242  1.00 129.29 ? 12  DA  A OP1   1 
ATOM   226 O  OP2   . DA  A 1 12 ? -2.210  -8.072  19.667  1.00 110.42 ? 12  DA  A OP2   1 
ATOM   227 O  "O5'" . DA  A 1 12 ? 0.040   -7.780  18.616  1.00 124.85 ? 12  DA  A "O5'" 1 
ATOM   228 C  "C5'" . DA  A 1 12 ? 1.012   -8.110  17.640  1.00 123.05 ? 12  DA  A "C5'" 1 
ATOM   229 C  "C4'" . DA  A 1 12 ? 2.012   -6.986  17.453  1.00 115.89 ? 12  DA  A "C4'" 1 
ATOM   230 O  "O4'" . DA  A 1 12 ? 1.358   -5.824  16.895  1.00 107.72 ? 12  DA  A "O4'" 1 
ATOM   231 C  "C3'" . DA  A 1 12 ? 2.704   -6.511  18.715  1.00 104.63 ? 12  DA  A "C3'" 1 
ATOM   232 O  "O3'" . DA  A 1 12 ? 4.020   -6.160  18.385  1.00 112.75 ? 12  DA  A "O3'" 1 
ATOM   233 C  "C2'" . DA  A 1 12 ? 1.880   -5.292  19.126  1.00 95.85  ? 12  DA  A "C2'" 1 
ATOM   234 C  "C1'" . DA  A 1 12 ? 1.467   -4.728  17.773  1.00 95.64  ? 12  DA  A "C1'" 1 
ATOM   235 N  N9    . DA  A 1 12 ? 0.171   -4.066  17.774  1.00 101.23 ? 12  DA  A N9    1 
ATOM   236 C  C8    . DA  A 1 12 ? -1.010  -4.565  18.245  1.00 105.96 ? 12  DA  A C8    1 
ATOM   237 N  N7    . DA  A 1 12 ? -2.030  -3.753  18.086  1.00 102.75 ? 12  DA  A N7    1 
ATOM   238 C  C5    . DA  A 1 12 ? -1.484  -2.656  17.444  1.00 102.84 ? 12  DA  A C5    1 
ATOM   239 C  C6    . DA  A 1 12 ? -2.045  -1.435  16.994  1.00 106.59 ? 12  DA  A C6    1 
ATOM   240 N  N6    . DA  A 1 12 ? -3.340  -1.119  17.130  1.00 105.30 ? 12  DA  A N6    1 
ATOM   241 N  N1    . DA  A 1 12 ? -1.218  -0.553  16.400  1.00 107.20 ? 12  DA  A N1    1 
ATOM   242 C  C2    . DA  A 1 12 ? 0.078   -0.871  16.267  1.00 106.35 ? 12  DA  A C2    1 
ATOM   243 N  N3    . DA  A 1 12 ? 0.718   -1.978  16.653  1.00 103.11 ? 12  DA  A N3    1 
ATOM   244 C  C4    . DA  A 1 12 ? -0.128  -2.836  17.239  1.00 101.04 ? 12  DA  A C4    1 
ATOM   245 P  P     . DC  B 2 1  ? 17.146  6.558   14.630  1.00 125.04 ? 12  DC  B P     1 
ATOM   246 O  OP1   . DC  B 2 1  ? 17.705  7.813   14.074  1.00 141.38 ? 12  DC  B OP1   1 
ATOM   247 O  OP2   . DC  B 2 1  ? 15.734  6.483   15.064  1.00 106.65 ? 12  DC  B OP2   1 
ATOM   248 O  "O5'" . DC  B 2 1  ? 17.363  5.343   13.607  1.00 104.06 ? 12  DC  B "O5'" 1 
ATOM   249 C  "C5'" . DC  B 2 1  ? 18.655  4.781   13.436  1.00 106.71 ? 12  DC  B "C5'" 1 
ATOM   250 C  "C4'" . DC  B 2 1  ? 18.812  4.191   12.047  1.00 102.97 ? 12  DC  B "C4'" 1 
ATOM   251 O  "O4'" . DC  B 2 1  ? 18.102  2.939   11.952  1.00 100.65 ? 12  DC  B "O4'" 1 
ATOM   252 C  "C3'" . DC  B 2 1  ? 18.255  5.049   10.900  1.00 111.60 ? 12  DC  B "C3'" 1 
ATOM   253 O  "O3'" . DC  B 2 1  ? 19.311  5.647   10.146  1.00 116.88 ? 12  DC  B "O3'" 1 
ATOM   254 C  "C2'" . DC  B 2 1  ? 17.459  4.054   10.038  1.00 105.22 ? 12  DC  B "C2'" 1 
ATOM   255 C  "C1'" . DC  B 2 1  ? 17.905  2.712   10.588  1.00 96.68  ? 12  DC  B "C1'" 1 
ATOM   256 N  N1    . DC  B 2 1  ? 16.911  1.648   10.396  1.00 95.36  ? 12  DC  B N1    1 
ATOM   257 C  C2    . DC  B 2 1  ? 17.146  0.651   9.440   1.00 106.03 ? 12  DC  B C2    1 
ATOM   258 O  O2    . DC  B 2 1  ? 18.201  0.671   8.795   1.00 112.74 ? 12  DC  B O2    1 
ATOM   259 N  N3    . DC  B 2 1  ? 16.220  -0.314  9.257   1.00 104.14 ? 12  DC  B N3    1 
ATOM   260 C  C4    . DC  B 2 1  ? 15.101  -0.302  9.971   1.00 104.52 ? 12  DC  B C4    1 
ATOM   261 N  N4    . DC  B 2 1  ? 14.217  -1.281  9.757   1.00 108.88 ? 12  DC  B N4    1 
ATOM   262 C  C5    . DC  B 2 1  ? 14.834  0.712   10.938  1.00 99.80  ? 12  DC  B C5    1 
ATOM   263 C  C6    . DC  B 2 1  ? 15.759  1.659   11.114  1.00 94.24  ? 12  DC  B C6    1 
ATOM   264 P  P     . DG  B 2 2  ? 18.988  6.884   9.166   1.00 116.88 ? 13  DG  B P     1 
ATOM   265 O  OP1   . DG  B 2 2  ? 19.566  8.101   9.787   1.00 105.57 ? 13  DG  B OP1   1 
ATOM   266 O  OP2   . DG  B 2 2  ? 17.546  6.847   8.826   1.00 113.53 ? 13  DG  B OP2   1 
ATOM   267 O  "O5'" . DG  B 2 2  ? 19.755  6.525   7.810   1.00 93.96  ? 13  DG  B "O5'" 1 
ATOM   268 C  "C5'" . DG  B 2 2  ? 20.592  5.407   7.755   1.00 97.43  ? 13  DG  B "C5'" 1 
ATOM   269 C  "C4'" . DG  B 2 2  ? 20.217  4.503   6.593   1.00 108.76 ? 13  DG  B "C4'" 1 
ATOM   270 O  "O4'" . DG  B 2 2  ? 19.148  3.615   6.979   1.00 108.69 ? 13  DG  B "O4'" 1 
ATOM   271 C  "C3'" . DG  B 2 2  ? 19.735  5.202   5.304   1.00 114.11 ? 13  DG  B "C3'" 1 
ATOM   272 O  "O3'" . DG  B 2 2  ? 20.569  4.801   4.205   1.00 115.82 ? 13  DG  B "O3'" 1 
ATOM   273 C  "C2'" . DG  B 2 2  ? 18.298  4.682   5.134   1.00 113.12 ? 13  DG  B "C2'" 1 
ATOM   274 C  "C1'" . DG  B 2 2  ? 18.416  3.339   5.822   1.00 109.57 ? 13  DG  B "C1'" 1 
ATOM   275 N  N9    . DG  B 2 2  ? 17.154  2.718   6.195   1.00 112.11 ? 13  DG  B N9    1 
ATOM   276 C  C8    . DG  B 2 2  ? 16.250  3.152   7.130   1.00 104.99 ? 13  DG  B C8    1 
ATOM   277 N  N7    . DG  B 2 2  ? 15.220  2.362   7.260   1.00 102.88 ? 13  DG  B N7    1 
ATOM   278 C  C5    . DG  B 2 2  ? 15.463  1.337   6.354   1.00 109.66 ? 13  DG  B C5    1 
ATOM   279 C  C6    . DG  B 2 2  ? 14.696  0.187   6.046   1.00 112.10 ? 13  DG  B C6    1 
ATOM   280 O  O6    . DG  B 2 2  ? 13.609  -0.159  6.524   1.00 110.66 ? 13  DG  B O6    1 
ATOM   281 N  N1    . DG  B 2 2  ? 15.306  -0.591  5.060   1.00 113.38 ? 13  DG  B N1    1 
ATOM   282 C  C2    . DG  B 2 2  ? 16.508  -0.299  4.458   1.00 112.53 ? 13  DG  B C2    1 
ATOM   283 N  N2    . DG  B 2 2  ? 16.941  -1.168  3.532   1.00 114.05 ? 13  DG  B N2    1 
ATOM   284 N  N3    . DG  B 2 2  ? 17.235  0.773   4.744   1.00 114.05 ? 13  DG  B N3    1 
ATOM   285 C  C4    . DG  B 2 2  ? 16.652  1.540   5.697   1.00 112.57 ? 13  DG  B C4    1 
ATOM   286 P  P     . DG  B 2 3  ? 20.321  5.375   2.723   1.00 120.88 ? 14  DG  B P     1 
ATOM   287 O  OP1   . DG  B 2 3  ? 21.629  5.413   2.034   1.00 111.21 ? 14  DG  B OP1   1 
ATOM   288 O  OP2   . DG  B 2 3  ? 19.510  6.605   2.828   1.00 111.78 ? 14  DG  B OP2   1 
ATOM   289 O  "O5'" . DG  B 2 3  ? 19.431  4.254   2.021   1.00 106.32 ? 14  DG  B "O5'" 1 
ATOM   290 C  "C5'" . DG  B 2 3  ? 19.968  2.955   1.820   1.00 113.69 ? 14  DG  B "C5'" 1 
ATOM   291 C  "C4'" . DG  B 2 3  ? 19.067  2.133   0.919   1.00 116.50 ? 14  DG  B "C4'" 1 
ATOM   292 O  "O4'" . DG  B 2 3  ? 17.956  1.600   1.691   1.00 120.46 ? 14  DG  B "O4'" 1 
ATOM   293 C  "C3'" . DG  B 2 3  ? 18.436  2.904   -0.239  1.00 113.28 ? 14  DG  B "C3'" 1 
ATOM   294 O  "O3'" . DG  B 2 3  ? 18.332  2.065   -1.368  1.00 116.85 ? 14  DG  B "O3'" 1 
ATOM   295 C  "C2'" . DG  B 2 3  ? 17.060  3.255   0.309   1.00 114.88 ? 14  DG  B "C2'" 1 
ATOM   296 C  "C1'" . DG  B 2 3  ? 16.742  1.992   1.091   1.00 116.38 ? 14  DG  B "C1'" 1 
ATOM   297 N  N9    . DG  B 2 3  ? 15.740  2.181   2.132   1.00 112.32 ? 14  DG  B N9    1 
ATOM   298 C  C8    . DG  B 2 3  ? 15.720  3.161   3.094   1.00 113.63 ? 14  DG  B C8    1 
ATOM   299 N  N7    . DG  B 2 3  ? 14.693  3.082   3.892   1.00 115.40 ? 14  DG  B N7    1 
ATOM   300 C  C5    . DG  B 2 3  ? 13.986  1.980   3.427   1.00 112.53 ? 14  DG  B C5    1 
ATOM   301 C  C6    . DG  B 2 3  ? 12.780  1.403   3.894   1.00 111.84 ? 14  DG  B C6    1 
ATOM   302 O  O6    . DG  B 2 3  ? 12.075  1.764   4.848   1.00 109.31 ? 14  DG  B O6    1 
ATOM   303 N  N1    . DG  B 2 3  ? 12.414  0.294   3.135   1.00 107.84 ? 14  DG  B N1    1 
ATOM   304 C  C2    . DG  B 2 3  ? 13.123  -0.192  2.061   1.00 111.54 ? 14  DG  B C2    1 
ATOM   305 N  N2    . DG  B 2 3  ? 12.613  -1.269  1.450   1.00 113.22 ? 14  DG  B N2    1 
ATOM   306 N  N3    . DG  B 2 3  ? 14.252  0.339   1.616   1.00 111.57 ? 14  DG  B N3    1 
ATOM   307 C  C4    . DG  B 2 3  ? 14.621  1.417   2.343   1.00 110.91 ? 14  DG  B C4    1 
ATOM   308 P  P     . DG  B 2 4  ? 18.583  2.662   -2.833  1.00 129.23 ? 15  DG  B P     1 
ATOM   309 O  OP1   . DG  B 2 4  ? 20.046  2.692   -3.054  1.00 119.51 ? 15  DG  B OP1   1 
ATOM   310 O  OP2   . DG  B 2 4  ? 17.773  3.898   -2.925  1.00 126.07 ? 15  DG  B OP2   1 
ATOM   311 O  "O5'" . DG  B 2 4  ? 17.941  1.579   -3.813  1.00 117.20 ? 15  DG  B "O5'" 1 
ATOM   312 C  "C5'" . DG  B 2 4  ? 18.031  0.199   -3.501  1.00 113.93 ? 15  DG  B "C5'" 1 
ATOM   313 C  "C4'" . DG  B 2 4  ? 16.708  -0.483  -3.770  1.00 120.23 ? 15  DG  B "C4'" 1 
ATOM   314 O  "O4'" . DG  B 2 4  ? 15.822  -0.302  -2.626  1.00 125.29 ? 15  DG  B "O4'" 1 
ATOM   315 C  "C3'" . DG  B 2 4  ? 15.947  0.070   -4.978  1.00 124.20 ? 15  DG  B "C3'" 1 
ATOM   316 O  "O3'" . DG  B 2 4  ? 15.339  -0.994  -5.710  1.00 131.31 ? 15  DG  B "O3'" 1 
ATOM   317 C  "C2'" . DG  B 2 4  ? 14.901  0.972   -4.330  1.00 119.03 ? 15  DG  B "C2'" 1 
ATOM   318 C  "C1'" . DG  B 2 4  ? 14.576  0.172   -3.084  1.00 116.97 ? 15  DG  B "C1'" 1 
ATOM   319 N  N9    . DG  B 2 4  ? 13.933  0.961   -2.026  1.00 117.83 ? 15  DG  B N9    1 
ATOM   320 C  C8    . DG  B 2 4  ? 14.466  2.036   -1.355  1.00 117.95 ? 15  DG  B C8    1 
ATOM   321 N  N7    . DG  B 2 4  ? 13.659  2.549   -0.463  1.00 115.95 ? 15  DG  B N7    1 
ATOM   322 C  C5    . DG  B 2 4  ? 12.510  1.770   -0.554  1.00 112.78 ? 15  DG  B C5    1 
ATOM   323 C  C6    . DG  B 2 4  ? 11.293  1.853   0.166   1.00 101.53 ? 15  DG  B C6    1 
ATOM   324 O  O6    . DG  B 2 4  ? 10.980  2.657   1.051   1.00 102.24 ? 15  DG  B O6    1 
ATOM   325 N  N1    . DG  B 2 4  ? 10.387  0.873   -0.233  1.00 101.59 ? 15  DG  B N1    1 
ATOM   326 C  C2    . DG  B 2 4  ? 10.627  -0.071  -1.207  1.00 106.86 ? 15  DG  B C2    1 
ATOM   327 N  N2    . DG  B 2 4  ? 9.630   -0.934  -1.456  1.00 103.32 ? 15  DG  B N2    1 
ATOM   328 N  N3    . DG  B 2 4  ? 11.764  -0.164  -1.890  1.00 113.54 ? 15  DG  B N3    1 
ATOM   329 C  C4    . DG  B 2 4  ? 12.660  0.787   -1.512  1.00 116.81 ? 15  DG  B C4    1 
ATOM   330 P  P     . DG  B 2 5  ? 14.879  -0.771  -7.237  1.00 142.29 ? 16  DG  B P     1 
ATOM   331 O  OP1   . DG  B 2 5  ? 15.985  -1.254  -8.092  1.00 138.53 ? 16  DG  B OP1   1 
ATOM   332 O  OP2   . DG  B 2 5  ? 14.385  0.617   -7.380  1.00 133.17 ? 16  DG  B OP2   1 
ATOM   333 O  "O5'" . DG  B 2 5  ? 13.614  -1.738  -7.409  1.00 134.82 ? 16  DG  B "O5'" 1 
ATOM   334 C  "C5'" . DG  B 2 5  ? 12.824  -2.059  -6.276  1.00 135.58 ? 16  DG  B "C5'" 1 
ATOM   335 C  "C4'" . DG  B 2 5  ? 11.343  -1.872  -6.558  1.00 131.05 ? 16  DG  B "C4'" 1 
ATOM   336 O  "O4'" . DG  B 2 5  ? 10.757  -1.003  -5.550  1.00 126.39 ? 16  DG  B "O4'" 1 
ATOM   337 C  "C3'" . DG  B 2 5  ? 10.997  -1.221  -7.882  1.00 128.76 ? 16  DG  B "C3'" 1 
ATOM   338 O  "O3'" . DG  B 2 5  ? 9.697   -1.634  -8.249  1.00 135.36 ? 16  DG  B "O3'" 1 
ATOM   339 C  "C2'" . DG  B 2 5  ? 11.019  0.258   -7.511  1.00 120.89 ? 16  DG  B "C2'" 1 
ATOM   340 C  "C1'" . DG  B 2 5  ? 10.341  0.212   -6.147  1.00 119.28 ? 16  DG  B "C1'" 1 
ATOM   341 N  N9    . DG  B 2 5  ? 10.724  1.303   -5.260  1.00 115.56 ? 16  DG  B N9    1 
ATOM   342 C  C8    . DG  B 2 5  ? 11.917  1.977   -5.255  1.00 118.78 ? 16  DG  B C8    1 
ATOM   343 N  N7    . DG  B 2 5  ? 11.994  2.901   -4.335  1.00 119.20 ? 16  DG  B N7    1 
ATOM   344 C  C5    . DG  B 2 5  ? 10.770  2.835   -3.681  1.00 114.53 ? 16  DG  B C5    1 
ATOM   345 C  C6    . DG  B 2 5  ? 10.273  3.598   -2.590  1.00 112.28 ? 16  DG  B C6    1 
ATOM   346 O  O6    . DG  B 2 5  ? 10.840  4.514   -1.965  1.00 110.29 ? 16  DG  B O6    1 
ATOM   347 N  N1    . DG  B 2 5  ? 8.980   3.205   -2.237  1.00 109.60 ? 16  DG  B N1    1 
ATOM   348 C  C2    . DG  B 2 5  ? 8.260   2.207   -2.856  1.00 105.99 ? 16  DG  B C2    1 
ATOM   349 N  N2    . DG  B 2 5  ? 7.030   1.977   -2.374  1.00 96.95  ? 16  DG  B N2    1 
ATOM   350 N  N3    . DG  B 2 5  ? 8.715   1.484   -3.878  1.00 106.99 ? 16  DG  B N3    1 
ATOM   351 C  C4    . DG  B 2 5  ? 9.974   1.852   -4.237  1.00 113.05 ? 16  DG  B C4    1 
ATOM   352 P  P     . DA  B 2 6  ? 9.169   -1.469  -9.753  1.00 143.00 ? 17  DA  B P     1 
ATOM   353 O  OP1   . DA  B 2 6  ? 9.722   -2.594  -10.542 1.00 139.77 ? 17  DA  B OP1   1 
ATOM   354 O  OP2   . DA  B 2 6  ? 9.416   -0.067  -10.171 1.00 136.49 ? 17  DA  B OP2   1 
ATOM   355 O  "O5'" . DA  B 2 6  ? 7.588   -1.679  -9.613  1.00 132.80 ? 17  DA  B "O5'" 1 
ATOM   356 C  "C5'" . DA  B 2 6  ? 6.699   -0.663  -10.042 1.00 129.80 ? 17  DA  B "C5'" 1 
ATOM   357 C  "C4'" . DA  B 2 6  ? 6.031   0.021   -8.863  1.00 123.05 ? 17  DA  B "C4'" 1 
ATOM   358 O  "O4'" . DA  B 2 6  ? 7.011   0.714   -8.068  1.00 118.82 ? 17  DA  B "O4'" 1 
ATOM   359 C  "C3'" . DA  B 2 6  ? 5.017   1.087   -9.257  1.00 126.47 ? 17  DA  B "C3'" 1 
ATOM   360 O  "O3'" . DA  B 2 6  ? 3.711   0.609   -9.066  1.00 129.24 ? 17  DA  B "O3'" 1 
ATOM   361 C  "C2'" . DA  B 2 6  ? 5.323   2.288   -8.348  1.00 116.58 ? 17  DA  B "C2'" 1 
ATOM   362 C  "C1'" . DA  B 2 6  ? 6.346   1.737   -7.378  1.00 113.95 ? 17  DA  B "C1'" 1 
ATOM   363 N  N9    . DA  B 2 6  ? 7.331   2.718   -6.919  1.00 110.98 ? 17  DA  B N9    1 
ATOM   364 C  C8    . DA  B 2 6  ? 8.600   2.905   -7.399  1.00 114.02 ? 17  DA  B C8    1 
ATOM   365 N  N7    . DA  B 2 6  ? 9.271   3.847   -6.774  1.00 109.93 ? 17  DA  B N7    1 
ATOM   366 C  C5    . DA  B 2 6  ? 8.382   4.309   -5.814  1.00 110.05 ? 17  DA  B C5    1 
ATOM   367 C  C6    . DA  B 2 6  ? 8.485   5.312   -4.821  1.00 102.96 ? 17  DA  B C6    1 
ATOM   368 N  N6    . DA  B 2 6  ? 9.582   6.054   -4.637  1.00 104.71 ? 17  DA  B N6    1 
ATOM   369 N  N1    . DA  B 2 6  ? 7.413   5.522   -4.028  1.00 94.14  ? 17  DA  B N1    1 
ATOM   370 C  C2    . DA  B 2 6  ? 6.316   4.774   -4.215  1.00 100.98 ? 17  DA  B C2    1 
ATOM   371 N  N3    . DA  B 2 6  ? 6.098   3.808   -5.113  1.00 104.29 ? 17  DA  B N3    1 
ATOM   372 C  C4    . DA  B 2 6  ? 7.181   3.622   -5.888  1.00 109.80 ? 17  DA  B C4    1 
ATOM   373 P  P     . DC  B 2 7  ? 2.568   1.063   -10.094 1.00 141.51 ? 18  DC  B P     1 
ATOM   374 O  OP1   . DC  B 2 7  ? 1.240   0.832   -9.480  1.00 136.26 ? 18  DC  B OP1   1 
ATOM   375 O  OP2   . DC  B 2 7  ? 2.894   0.427   -11.391 1.00 133.84 ? 18  DC  B OP2   1 
ATOM   376 O  "O5'" . DC  B 2 7  ? 2.827   2.633   -10.239 1.00 125.40 ? 18  DC  B "O5'" 1 
ATOM   377 C  "C5'" . DC  B 2 7  ? 1.757   3.538   -10.106 1.00 129.06 ? 18  DC  B "C5'" 1 
ATOM   378 C  "C4'" . DC  B 2 7  ? 1.812   4.254   -8.773  1.00 122.39 ? 18  DC  B "C4'" 1 
ATOM   379 O  "O4'" . DC  B 2 7  ? 3.172   4.373   -8.341  1.00 110.47 ? 18  DC  B "O4'" 1 
ATOM   380 C  "C3'" . DC  B 2 7  ? 1.299   5.681   -8.814  1.00 131.32 ? 18  DC  B "C3'" 1 
ATOM   381 O  "O3'" . DC  B 2 7  ? -0.069  5.700   -8.476  1.00 133.91 ? 18  DC  B "O3'" 1 
ATOM   382 C  "C2'" . DC  B 2 7  ? 2.158   6.430   -7.779  1.00 122.29 ? 18  DC  B "C2'" 1 
ATOM   383 C  "C1'" . DC  B 2 7  ? 3.244   5.418   -7.406  1.00 109.38 ? 18  DC  B "C1'" 1 
ATOM   384 N  N1    . DC  B 2 7  ? 4.651   5.969   -7.393  1.00 105.72 ? 18  DC  B N1    1 
ATOM   385 C  C2    . DC  B 2 7  ? 5.052   6.831   -6.364  1.00 105.12 ? 18  DC  B C2    1 
ATOM   386 O  O2    . DC  B 2 7  ? 4.240   7.148   -5.490  1.00 110.26 ? 18  DC  B O2    1 
ATOM   387 N  N3    . DC  B 2 7  ? 6.326   7.301   -6.353  1.00 98.31  ? 18  DC  B N3    1 
ATOM   388 C  C4    . DC  B 2 7  ? 7.176   6.939   -7.310  1.00 100.76 ? 18  DC  B C4    1 
ATOM   389 N  N4    . DC  B 2 7  ? 8.421   7.426   -7.257  1.00 101.01 ? 18  DC  B N4    1 
ATOM   390 C  C5    . DC  B 2 7  ? 6.790   6.057   -8.363  1.00 103.49 ? 18  DC  B C5    1 
ATOM   391 C  C6    . DC  B 2 7  ? 5.533   5.602   -8.366  1.00 106.52 ? 18  DC  B C6    1 
ATOM   392 P  P     . DT  B 2 8  ? -1.047  6.731   -9.215  1.00 142.09 ? 19  DT  B P     1 
ATOM   393 O  OP1   . DT  B 2 8  ? -2.435  6.237   -9.051  1.00 143.19 ? 19  DT  B OP1   1 
ATOM   394 O  OP2   . DT  B 2 8  ? -0.489  6.984   -10.564 1.00 134.64 ? 19  DT  B OP2   1 
ATOM   395 O  "O5'" . DT  B 2 8  ? -0.867  8.069   -8.372  1.00 130.02 ? 19  DT  B "O5'" 1 
ATOM   396 C  "C5'" . DT  B 2 8  ? -0.950  8.013   -6.965  1.00 131.87 ? 19  DT  B "C5'" 1 
ATOM   397 C  "C4'" . DT  B 2 8  ? -0.422  9.288   -6.348  1.00 138.15 ? 19  DT  B "C4'" 1 
ATOM   398 O  "O4'" . DT  B 2 8  ? 1.030   9.304   -6.407  1.00 129.57 ? 19  DT  B "O4'" 1 
ATOM   399 C  "C3'" . DT  B 2 8  ? -0.885  10.574  -7.034  1.00 140.64 ? 19  DT  B "C3'" 1 
ATOM   400 O  "O3'" . DT  B 2 8  ? -1.215  11.531  -6.052  1.00 144.54 ? 19  DT  B "O3'" 1 
ATOM   401 C  "C2'" . DT  B 2 8  ? 0.347   10.999  -7.831  1.00 134.70 ? 19  DT  B "C2'" 1 
ATOM   402 C  "C1'" . DT  B 2 8  ? 1.450   10.559  -6.886  1.00 121.00 ? 19  DT  B "C1'" 1 
ATOM   403 N  N1    . DT  B 2 8  ? 2.794   10.405  -7.529  1.00 117.18 ? 19  DT  B N1    1 
ATOM   404 C  C2    . DT  B 2 8  ? 3.897   10.970  -6.924  1.00 111.32 ? 19  DT  B C2    1 
ATOM   405 O  O2    . DT  B 2 8  ? 3.836   11.606  -5.883  1.00 107.73 ? 19  DT  B O2    1 
ATOM   406 N  N3    . DT  B 2 8  ? 5.083   10.763  -7.583  1.00 106.39 ? 19  DT  B N3    1 
ATOM   407 C  C4    . DT  B 2 8  ? 5.275   10.061  -8.763  1.00 108.70 ? 19  DT  B C4    1 
ATOM   408 O  O4    . DT  B 2 8  ? 6.384   9.930   -9.278  1.00 106.19 ? 19  DT  B O4    1 
ATOM   409 C  C5    . DT  B 2 8  ? 4.078   9.494   -9.346  1.00 112.00 ? 19  DT  B C5    1 
ATOM   410 C  C7    . DT  B 2 8  ? 4.160   8.712   -10.623 1.00 101.93 ? 19  DT  B C7    1 
ATOM   411 C  C6    . DT  B 2 8  ? 2.909   9.691   -8.709  1.00 114.94 ? 19  DT  B C6    1 
ATOM   412 P  P     . DC  B 2 9  ? -2.269  12.689  -6.388  1.00 151.33 ? 20  DC  B P     1 
ATOM   413 O  OP1   . DC  B 2 9  ? -2.618  13.344  -5.104  1.00 135.83 ? 20  DC  B OP1   1 
ATOM   414 O  OP2   . DC  B 2 9  ? -3.322  12.074  -7.232  1.00 138.94 ? 20  DC  B OP2   1 
ATOM   415 O  "O5'" . DC  B 2 9  ? -1.434  13.695  -7.317  1.00 147.96 ? 20  DC  B "O5'" 1 
ATOM   416 C  "C5'" . DC  B 2 9  ? -1.398  15.091  -7.022  1.00 146.99 ? 20  DC  B "C5'" 1 
ATOM   417 C  "C4'" . DC  B 2 9  ? -0.260  15.424  -6.068  1.00 145.70 ? 20  DC  B "C4'" 1 
ATOM   418 O  "O4'" . DC  B 2 9  ? 0.908   14.639  -6.417  1.00 139.75 ? 20  DC  B "O4'" 1 
ATOM   419 C  "C3'" . DC  B 2 9  ? 0.205   16.875  -6.105  1.00 149.01 ? 20  DC  B "C3'" 1 
ATOM   420 O  "O3'" . DC  B 2 9  ? 0.723   17.252  -4.833  1.00 141.69 ? 20  DC  B "O3'" 1 
ATOM   421 C  "C2'" . DC  B 2 9  ? 1.305   16.829  -7.159  1.00 143.36 ? 20  DC  B "C2'" 1 
ATOM   422 C  "C1'" . DC  B 2 9  ? 1.956   15.496  -6.829  1.00 132.13 ? 20  DC  B "C1'" 1 
ATOM   423 N  N1    . DC  B 2 9  ? 2.660   14.859  -7.979  1.00 130.48 ? 20  DC  B N1    1 
ATOM   424 C  C2    . DC  B 2 9  ? 4.058   14.902  -8.042  1.00 124.62 ? 20  DC  B C2    1 
ATOM   425 O  O2    . DC  B 2 9  ? 4.685   15.481  -7.146  1.00 120.62 ? 20  DC  B O2    1 
ATOM   426 N  N3    . DC  B 2 9  ? 4.688   14.307  -9.089  1.00 119.14 ? 20  DC  B N3    1 
ATOM   427 C  C4    . DC  B 2 9  ? 3.974   13.692  -10.036 1.00 119.49 ? 20  DC  B C4    1 
ATOM   428 N  N4    . DC  B 2 9  ? 4.638   13.122  -11.048 1.00 116.84 ? 20  DC  B N4    1 
ATOM   429 C  C5    . DC  B 2 9  ? 2.548   13.635  -9.987  1.00 118.79 ? 20  DC  B C5    1 
ATOM   430 C  C6    . DC  B 2 9  ? 1.938   14.224  -8.951  1.00 121.00 ? 20  DC  B C6    1 
ATOM   431 P  P     . DT  C 3 1  ? -2.693  9.734   13.084  1.00 151.41 ? 0   DT  C P     1 
ATOM   432 O  OP1   . DT  C 3 1  ? -2.707  10.321  14.445  1.00 158.94 ? 0   DT  C OP1   1 
ATOM   433 O  OP2   . DT  C 3 1  ? -2.829  10.592  11.887  1.00 127.95 ? 0   DT  C OP2   1 
ATOM   434 O  "O5'" . DT  C 3 1  ? -1.378  8.842   12.939  1.00 137.35 ? 0   DT  C "O5'" 1 
ATOM   435 C  "C5'" . DT  C 3 1  ? -0.718  8.368   14.100  1.00 128.07 ? 0   DT  C "C5'" 1 
ATOM   436 C  "C4'" . DT  C 3 1  ? 0.204   7.232   13.737  1.00 118.09 ? 0   DT  C "C4'" 1 
ATOM   437 O  "O4'" . DT  C 3 1  ? -0.236  6.017   14.405  1.00 124.32 ? 0   DT  C "O4'" 1 
ATOM   438 C  "C3'" . DT  C 3 1  ? 0.235   6.902   12.244  1.00 98.95  ? 0   DT  C "C3'" 1 
ATOM   439 O  "O3'" . DT  C 3 1  ? 1.555   6.567   11.862  1.00 107.42 ? 0   DT  C "O3'" 1 
ATOM   440 C  "C2'" . DT  C 3 1  ? -0.690  5.695   12.157  1.00 110.76 ? 0   DT  C "C2'" 1 
ATOM   441 C  "C1'" . DT  C 3 1  ? -0.333  4.989   13.451  1.00 107.25 ? 0   DT  C "C1'" 1 
ATOM   442 N  N1    . DT  C 3 1  ? -1.344  3.980   13.907  1.00 105.74 ? 0   DT  C N1    1 
ATOM   443 C  C2    . DT  C 3 1  ? -0.926  2.701   14.192  1.00 108.29 ? 0   DT  C C2    1 
ATOM   444 O  O2    . DT  C 3 1  ? 0.232   2.341   14.093  1.00 111.00 ? 0   DT  C O2    1 
ATOM   445 N  N3    . DT  C 3 1  ? -1.918  1.847   14.594  1.00 110.34 ? 0   DT  C N3    1 
ATOM   446 C  C4    . DT  C 3 1  ? -3.259  2.135   14.740  1.00 111.42 ? 0   DT  C C4    1 
ATOM   447 O  O4    . DT  C 3 1  ? -4.074  1.296   15.110  1.00 116.99 ? 0   DT  C O4    1 
ATOM   448 C  C5    . DT  C 3 1  ? -3.633  3.492   14.431  1.00 111.74 ? 0   DT  C C5    1 
ATOM   449 C  C7    . DT  C 3 1  ? -5.064  3.918   14.555  1.00 112.99 ? 0   DT  C C7    1 
ATOM   450 C  C6    . DT  C 3 1  ? -2.670  4.343   14.032  1.00 110.34 ? 0   DT  C C6    1 
ATOM   451 P  P     . DC  C 3 2  ? 1.974   6.538   10.311  1.00 125.80 ? 1   DC  C P     1 
ATOM   452 O  OP1   . DC  C 3 2  ? 3.090   7.490   10.133  1.00 116.03 ? 1   DC  C OP1   1 
ATOM   453 O  OP2   . DC  C 3 2  ? 0.748   6.677   9.493   1.00 119.17 ? 1   DC  C OP2   1 
ATOM   454 O  "O5'" . DC  C 3 2  ? 2.556   5.065   10.104  1.00 98.17  ? 1   DC  C "O5'" 1 
ATOM   455 C  "C5'" . DC  C 3 2  ? 3.531   4.570   10.999  1.00 92.69  ? 1   DC  C "C5'" 1 
ATOM   456 C  "C4'" . DC  C 3 2  ? 3.492   3.053   11.055  1.00 94.63  ? 1   DC  C "C4'" 1 
ATOM   457 O  "O4'" . DC  C 3 2  ? 2.250   2.590   11.658  1.00 108.82 ? 1   DC  C "O4'" 1 
ATOM   458 C  "C3'" . DC  C 3 2  ? 3.570   2.356   9.703   1.00 89.72  ? 1   DC  C "C3'" 1 
ATOM   459 O  "O3'" . DC  C 3 2  ? 4.447   1.298   9.797   1.00 86.83  ? 1   DC  C "O3'" 1 
ATOM   460 C  "C2'" . DC  C 3 2  ? 2.150   1.848   9.477   1.00 95.77  ? 1   DC  C "C2'" 1 
ATOM   461 C  "C1'" . DC  C 3 2  ? 1.762   1.504   10.894  1.00 99.36  ? 1   DC  C "C1'" 1 
ATOM   462 N  N1    . DC  C 3 2  ? 0.279   1.361   11.103  1.00 98.59  ? 1   DC  C N1    1 
ATOM   463 C  C2    . DC  C 3 2  ? -0.254  0.110   11.444  1.00 94.78  ? 1   DC  C C2    1 
ATOM   464 O  O2    . DC  C 3 2  ? 0.512   -0.856  11.573  1.00 90.73  ? 1   DC  C O2    1 
ATOM   465 N  N3    . DC  C 3 2  ? -1.597  -0.004  11.630  1.00 95.01  ? 1   DC  C N3    1 
ATOM   466 C  C4    . DC  C 3 2  ? -2.387  1.064   11.483  1.00 94.19  ? 1   DC  C C4    1 
ATOM   467 N  N4    . DC  C 3 2  ? -3.702  0.904   11.676  1.00 97.90  ? 1   DC  C N4    1 
ATOM   468 C  C5    . DC  C 3 2  ? -1.863  2.342   11.130  1.00 96.02  ? 1   DC  C C5    1 
ATOM   469 C  C6    . DC  C 3 2  ? -0.539  2.444   10.949  1.00 99.53  ? 1   DC  C C6    1 
ATOM   470 P  P     . DG  C 3 3  ? 5.519   1.113   8.636   1.00 88.38  ? 2   DG  C P     1 
ATOM   471 O  OP1   . DG  C 3 3  ? 6.802   0.691   9.237   1.00 90.18  ? 2   DG  C OP1   1 
ATOM   472 O  OP2   . DG  C 3 3  ? 5.416   2.358   7.845   1.00 100.43 ? 2   DG  C OP2   1 
ATOM   473 O  "O5'" . DG  C 3 3  ? 4.936   -0.072  7.755   1.00 80.25  ? 2   DG  C "O5'" 1 
ATOM   474 C  "C5'" . DG  C 3 3  ? 5.641   -1.283  7.691   1.00 90.63  ? 2   DG  C "C5'" 1 
ATOM   475 C  "C4'" . DG  C 3 3  ? 4.691   -2.445  7.842   1.00 86.56  ? 2   DG  C "C4'" 1 
ATOM   476 O  "O4'" . DG  C 3 3  ? 3.541   -2.014  8.590   1.00 90.74  ? 2   DG  C "O4'" 1 
ATOM   477 C  "C3'" . DG  C 3 3  ? 4.096   -2.947  6.551   1.00 79.06  ? 2   DG  C "C3'" 1 
ATOM   478 O  "O3'" . DG  C 3 3  ? 4.997   -3.840  5.873   1.00 77.04  ? 2   DG  C "O3'" 1 
ATOM   479 C  "C2'" . DG  C 3 3  ? 2.837   -3.651  7.033   1.00 81.08  ? 2   DG  C "C2'" 1 
ATOM   480 C  "C1'" . DG  C 3 3  ? 2.460   -2.872  8.287   1.00 80.14  ? 2   DG  C "C1'" 1 
ATOM   481 N  N9    . DG  C 3 3  ? 1.260   -2.068  8.149   1.00 76.89  ? 2   DG  C N9    1 
ATOM   482 C  C8    . DG  C 3 3  ? 1.133   -0.882  7.485   1.00 83.50  ? 2   DG  C C8    1 
ATOM   483 N  N7    . DG  C 3 3  ? -0.066  -0.373  7.557   1.00 87.83  ? 2   DG  C N7    1 
ATOM   484 C  C5    . DG  C 3 3  ? -0.775  -1.279  8.325   1.00 81.87  ? 2   DG  C C5    1 
ATOM   485 C  C6    . DG  C 3 3  ? -2.123  -1.263  8.744   1.00 82.02  ? 2   DG  C C6    1 
ATOM   486 O  O6    . DG  C 3 3  ? -2.986  -0.409  8.506   1.00 86.86  ? 2   DG  C O6    1 
ATOM   487 N  N1    . DG  C 3 3  ? -2.441  -2.376  9.514   1.00 84.87  ? 2   DG  C N1    1 
ATOM   488 C  C2    . DG  C 3 3  ? -1.562  -3.380  9.843   1.00 88.32  ? 2   DG  C C2    1 
ATOM   489 N  N2    . DG  C 3 3  ? -2.053  -4.373  10.599  1.00 85.79  ? 2   DG  C N2    1 
ATOM   490 N  N3    . DG  C 3 3  ? -0.291  -3.408  9.457   1.00 89.09  ? 2   DG  C N3    1 
ATOM   491 C  C4    . DG  C 3 3  ? 0.030   -2.330  8.702   1.00 83.38  ? 2   DG  C C4    1 
ATOM   492 P  P     . DC  C 3 4  ? 5.742   -5.048  6.631   1.00 101.69 ? 3   DC  C P     1 
ATOM   493 O  OP1   . DC  C 3 4  ? 4.758   -5.902  7.335   1.00 91.61  ? 3   DC  C OP1   1 
ATOM   494 O  OP2   . DC  C 3 4  ? 6.916   -4.503  7.351   1.00 101.43 ? 3   DC  C OP2   1 
ATOM   495 O  "O5'" . DC  C 3 4  ? 6.323   -5.902  5.419   1.00 93.47  ? 3   DC  C "O5'" 1 
ATOM   496 C  "C5'" . DC  C 3 4  ? 5.666   -5.850  4.168   1.00 99.36  ? 3   DC  C "C5'" 1 
ATOM   497 C  "C4'" . DC  C 3 4  ? 6.610   -5.406  3.065   1.00 98.84  ? 3   DC  C "C4'" 1 
ATOM   498 O  "O4'" . DC  C 3 4  ? 6.592   -3.972  2.925   1.00 88.45  ? 3   DC  C "O4'" 1 
ATOM   499 C  "C3'" . DC  C 3 4  ? 8.062   -5.724  3.299   1.00 102.47 ? 3   DC  C "C3'" 1 
ATOM   500 O  "O3'" . DC  C 3 4  ? 8.297   -7.067  2.992   1.00 103.83 ? 3   DC  C "O3'" 1 
ATOM   501 C  "C2'" . DC  C 3 4  ? 8.734   -4.793  2.301   1.00 97.31  ? 3   DC  C "C2'" 1 
ATOM   502 C  "C1'" . DC  C 3 4  ? 7.822   -3.557  2.351   1.00 92.86  ? 3   DC  C "C1'" 1 
ATOM   503 N  N1    . DC  C 3 4  ? 8.358   -2.438  3.170   1.00 90.83  ? 3   DC  C N1    1 
ATOM   504 C  C2    . DC  C 3 4  ? 9.599   -1.865  2.855   1.00 95.57  ? 3   DC  C C2    1 
ATOM   505 O  O2    . DC  C 3 4  ? 10.246  -2.300  1.895   1.00 100.30 ? 3   DC  C O2    1 
ATOM   506 N  N3    . DC  C 3 4  ? 10.056  -0.846  3.613   1.00 96.48  ? 3   DC  C N3    1 
ATOM   507 C  C4    . DC  C 3 4  ? 9.333   -0.397  4.636   1.00 97.36  ? 3   DC  C C4    1 
ATOM   508 N  N4    . DC  C 3 4  ? 9.831   0.612   5.353   1.00 107.26 ? 3   DC  C N4    1 
ATOM   509 C  C5    . DC  C 3 4  ? 8.071   -0.961  4.971   1.00 88.45  ? 3   DC  C C5    1 
ATOM   510 C  C6    . DC  C 3 4  ? 7.627   -1.968  4.219   1.00 90.36  ? 3   DC  C C6    1 
ATOM   511 P  P     . DC  C 3 5  ? 8.991   -8.005  4.083   1.00 112.16 ? 4   DC  C P     1 
ATOM   512 O  OP1   . DC  C 3 5  ? 8.275   -9.301  4.125   1.00 125.51 ? 4   DC  C OP1   1 
ATOM   513 O  OP2   . DC  C 3 5  ? 9.106   -7.187  5.310   1.00 117.09 ? 4   DC  C OP2   1 
ATOM   514 O  "O5'" . DC  C 3 5  ? 10.449  -8.225  3.486   1.00 113.12 ? 4   DC  C "O5'" 1 
ATOM   515 C  "C5'" . DC  C 3 5  ? 10.620  -8.296  2.083   1.00 108.65 ? 4   DC  C "C5'" 1 
ATOM   516 C  "C4'" . DC  C 3 5  ? 11.930  -7.660  1.690   1.00 109.65 ? 4   DC  C "C4'" 1 
ATOM   517 O  "O4'" . DC  C 3 5  ? 11.807  -6.227  1.771   1.00 108.05 ? 4   DC  C "O4'" 1 
ATOM   518 C  "C3'" . DC  C 3 5  ? 13.084  -7.982  2.615   1.00 116.37 ? 4   DC  C "C3'" 1 
ATOM   519 O  "O3'" . DC  C 3 5  ? 13.658  -9.228  2.256   1.00 127.74 ? 4   DC  C "O3'" 1 
ATOM   520 C  "C2'" . DC  C 3 5  ? 14.035  -6.823  2.343   1.00 111.41 ? 4   DC  C "C2'" 1 
ATOM   521 C  "C1'" . DC  C 3 5  ? 13.072  -5.666  2.087   1.00 105.47 ? 4   DC  C "C1'" 1 
ATOM   522 N  N1    . DC  C 3 5  ? 12.917  -4.759  3.252   1.00 105.08 ? 4   DC  C N1    1 
ATOM   523 C  C2    . DC  C 3 5  ? 13.944  -3.863  3.566   1.00 106.62 ? 4   DC  C C2    1 
ATOM   524 O  O2    . DC  C 3 5  ? 14.969  -3.849  2.873   1.00 106.42 ? 4   DC  C O2    1 
ATOM   525 N  N3    . DC  C 3 5  ? 13.786  -3.033  4.626   1.00 107.31 ? 4   DC  C N3    1 
ATOM   526 C  C4    . DC  C 3 5  ? 12.667  -3.078  5.347   1.00 106.43 ? 4   DC  C C4    1 
ATOM   527 N  N4    . DC  C 3 5  ? 12.560  -2.242  6.384   1.00 104.57 ? 4   DC  C N4    1 
ATOM   528 C  C5    . DC  C 3 5  ? 11.608  -3.984  5.040   1.00 102.33 ? 4   DC  C C5    1 
ATOM   529 C  C6    . DC  C 3 5  ? 11.774  -4.798  3.994   1.00 103.19 ? 4   DC  C C6    1 
ATOM   530 P  P     . DG  C 3 6  ? 15.070  -9.678  2.874   1.00 126.06 ? 5   DG  C P     1 
ATOM   531 O  OP1   . DG  C 3 6  ? 15.191  -11.141 2.682   1.00 127.49 ? 5   DG  C OP1   1 
ATOM   532 O  OP2   . DG  C 3 6  ? 15.157  -9.123  4.243   1.00 117.06 ? 5   DG  C OP2   1 
ATOM   533 O  "O5'" . DG  C 3 6  ? 16.142  -8.933  1.941   1.00 121.14 ? 5   DG  C "O5'" 1 
ATOM   534 C  "C5'" . DG  C 3 6  ? 17.503  -9.318  1.962   1.00 126.98 ? 5   DG  C "C5'" 1 
ATOM   535 C  "C4'" . DG  C 3 6  ? 18.320  -8.402  2.857   1.00 126.06 ? 5   DG  C "C4'" 1 
ATOM   536 O  "O4'" . DG  C 3 6  ? 17.579  -7.207  3.158   1.00 104.37 ? 5   DG  C "O4'" 1 
ATOM   537 C  "C3'" . DG  C 3 6  ? 18.653  -8.965  4.225   1.00 130.69 ? 5   DG  C "C3'" 1 
ATOM   538 O  "O3'" . DG  C 3 6  ? 19.794  -9.821  4.144   1.00 131.20 ? 5   DG  C "O3'" 1 
ATOM   539 C  "C2'" . DG  C 3 6  ? 18.953  -7.697  5.032   1.00 118.60 ? 5   DG  C "C2'" 1 
ATOM   540 C  "C1'" . DG  C 3 6  ? 18.168  -6.605  4.289   1.00 106.94 ? 5   DG  C "C1'" 1 
ATOM   541 N  N9    . DG  C 3 6  ? 17.129  -6.001  5.106   1.00 108.89 ? 5   DG  C N9    1 
ATOM   542 C  C8    . DG  C 3 6  ? 15.865  -6.482  5.337   1.00 108.18 ? 5   DG  C C8    1 
ATOM   543 N  N7    . DG  C 3 6  ? 15.160  -5.724  6.130   1.00 106.52 ? 5   DG  C N7    1 
ATOM   544 C  C5    . DG  C 3 6  ? 16.014  -4.679  6.447   1.00 106.21 ? 5   DG  C C5    1 
ATOM   545 C  C6    . DG  C 3 6  ? 15.806  -3.545  7.268   1.00 110.31 ? 5   DG  C C6    1 
ATOM   546 O  O6    . DG  C 3 6  ? 14.788  -3.233  7.902   1.00 113.82 ? 5   DG  C O6    1 
ATOM   547 N  N1    . DG  C 3 6  ? 16.934  -2.731  7.317   1.00 110.33 ? 5   DG  C N1    1 
ATOM   548 C  C2    . DG  C 3 6  ? 18.111  -2.980  6.656   1.00 112.17 ? 5   DG  C C2    1 
ATOM   549 N  N2    . DG  C 3 6  ? 19.090  -2.077  6.824   1.00 119.72 ? 5   DG  C N2    1 
ATOM   550 N  N3    . DG  C 3 6  ? 18.317  -4.038  5.885   1.00 110.18 ? 5   DG  C N3    1 
ATOM   551 C  C4    . DG  C 3 6  ? 17.230  -4.840  5.828   1.00 109.24 ? 5   DG  C C4    1 
ATOM   552 O  "O5'" . DT  D 4 1  ? 9.407   12.459  -20.155 1.00 144.57 ? 2   DT  D "O5'" 1 
ATOM   553 C  "C5'" . DT  D 4 1  ? 10.719  12.805  -20.595 1.00 148.22 ? 2   DT  D "C5'" 1 
ATOM   554 C  "C4'" . DT  D 4 1  ? 11.233  14.025  -19.850 1.00 146.98 ? 2   DT  D "C4'" 1 
ATOM   555 O  "O4'" . DT  D 4 1  ? 10.140  14.927  -19.615 1.00 144.65 ? 2   DT  D "O4'" 1 
ATOM   556 C  "C3'" . DT  D 4 1  ? 11.786  13.737  -18.468 1.00 148.30 ? 2   DT  D "C3'" 1 
ATOM   557 O  "O3'" . DT  D 4 1  ? 13.157  13.402  -18.560 1.00 151.89 ? 2   DT  D "O3'" 1 
ATOM   558 C  "C2'" . DT  D 4 1  ? 11.584  15.062  -17.725 1.00 137.99 ? 2   DT  D "C2'" 1 
ATOM   559 C  "C1'" . DT  D 4 1  ? 10.425  15.719  -18.480 1.00 138.63 ? 2   DT  D "C1'" 1 
ATOM   560 N  N1    . DT  D 4 1  ? 9.160   15.895  -17.683 1.00 140.08 ? 2   DT  D N1    1 
ATOM   561 C  C2    . DT  D 4 1  ? 9.095   16.889  -16.730 1.00 137.88 ? 2   DT  D C2    1 
ATOM   562 O  O2    . DT  D 4 1  ? 10.030  17.626  -16.466 1.00 137.96 ? 2   DT  D O2    1 
ATOM   563 N  N3    . DT  D 4 1  ? 7.888   16.986  -16.082 1.00 131.82 ? 2   DT  D N3    1 
ATOM   564 C  C4    . DT  D 4 1  ? 6.759   16.213  -16.292 1.00 130.34 ? 2   DT  D C4    1 
ATOM   565 O  O4    . DT  D 4 1  ? 5.720   16.380  -15.654 1.00 117.84 ? 2   DT  D O4    1 
ATOM   566 C  C5    . DT  D 4 1  ? 6.890   15.197  -17.313 1.00 131.63 ? 2   DT  D C5    1 
ATOM   567 C  C7    . DT  D 4 1  ? 5.735   14.297  -17.631 1.00 125.87 ? 2   DT  D C7    1 
ATOM   568 C  C6    . DT  D 4 1  ? 8.068   15.091  -17.954 1.00 135.61 ? 2   DT  D C6    1 
ATOM   569 P  P     . DC  D 4 2  ? 13.808  12.408  -17.479 1.00 160.84 ? 3   DC  D P     1 
ATOM   570 O  OP1   . DC  D 4 2  ? 15.222  12.204  -17.861 1.00 154.09 ? 3   DC  D OP1   1 
ATOM   571 O  OP2   . DC  D 4 2  ? 12.903  11.245  -17.334 1.00 151.62 ? 3   DC  D OP2   1 
ATOM   572 O  "O5'" . DC  D 4 2  ? 13.773  13.245  -16.118 1.00 147.79 ? 3   DC  D "O5'" 1 
ATOM   573 C  "C5'" . DC  D 4 2  ? 14.981  13.749  -15.564 1.00 148.84 ? 3   DC  D "C5'" 1 
ATOM   574 C  "C4'" . DC  D 4 2  ? 14.702  14.957  -14.693 1.00 148.09 ? 3   DC  D "C4'" 1 
ATOM   575 O  "O4'" . DC  D 4 2  ? 13.396  15.470  -15.014 1.00 144.95 ? 3   DC  D "O4'" 1 
ATOM   576 C  "C3'" . DC  D 4 2  ? 14.663  14.677  -13.198 1.00 153.36 ? 3   DC  D "C3'" 1 
ATOM   577 O  "O3'" . DC  D 4 2  ? 15.975  14.833  -12.638 1.00 163.50 ? 3   DC  D "O3'" 1 
ATOM   578 C  "C2'" . DC  D 4 2  ? 13.701  15.743  -12.668 1.00 146.67 ? 3   DC  D "C2'" 1 
ATOM   579 C  "C1'" . DC  D 4 2  ? 12.818  16.067  -13.874 1.00 144.27 ? 3   DC  D "C1'" 1 
ATOM   580 N  N1    . DC  D 4 2  ? 11.395  15.600  -13.762 1.00 140.76 ? 3   DC  D N1    1 
ATOM   581 C  C2    . DC  D 4 2  ? 10.488  16.303  -12.953 1.00 137.59 ? 3   DC  D C2    1 
ATOM   582 O  O2    . DC  D 4 2  ? 10.884  17.286  -12.310 1.00 149.29 ? 3   DC  D O2    1 
ATOM   583 N  N3    . DC  D 4 2  ? 9.200   15.875  -12.892 1.00 127.80 ? 3   DC  D N3    1 
ATOM   584 C  C4    . DC  D 4 2  ? 8.813   14.811  -13.601 1.00 124.83 ? 3   DC  D C4    1 
ATOM   585 N  N4    . DC  D 4 2  ? 7.537   14.429  -13.509 1.00 124.60 ? 3   DC  D N4    1 
ATOM   586 C  C5    . DC  D 4 2  ? 9.718   14.091  -14.435 1.00 124.64 ? 3   DC  D C5    1 
ATOM   587 C  C6    . DC  D 4 2  ? 10.984  14.517  -14.487 1.00 131.33 ? 3   DC  D C6    1 
ATOM   588 P  P     . DG  D 4 3  ? 16.369  14.125  -11.246 1.00 173.08 ? 4   DG  D P     1 
ATOM   589 O  OP1   . DG  D 4 3  ? 17.820  14.318  -11.025 1.00 169.50 ? 4   DG  D OP1   1 
ATOM   590 O  OP2   . DG  D 4 3  ? 15.818  12.750  -11.266 1.00 160.35 ? 4   DG  D OP2   1 
ATOM   591 O  "O5'" . DG  D 4 3  ? 15.587  14.978  -10.142 1.00 160.01 ? 4   DG  D "O5'" 1 
ATOM   592 C  "C5'" . DG  D 4 3  ? 15.846  16.372  -9.999  1.00 151.18 ? 4   DG  D "C5'" 1 
ATOM   593 C  "C4'" . DG  D 4 3  ? 14.873  16.994  -9.017  1.00 147.20 ? 4   DG  D "C4'" 1 
ATOM   594 O  "O4'" . DG  D 4 3  ? 13.516  16.821  -9.505  1.00 143.53 ? 4   DG  D "O4'" 1 
ATOM   595 C  "C3'" . DG  D 4 3  ? 14.905  16.387  -7.618  1.00 146.66 ? 4   DG  D "C3'" 1 
ATOM   596 O  "O3'" . DG  D 4 3  ? 14.763  17.405  -6.641  1.00 152.89 ? 4   DG  D "O3'" 1 
ATOM   597 C  "C2'" . DG  D 4 3  ? 13.713  15.434  -7.613  1.00 139.34 ? 4   DG  D "C2'" 1 
ATOM   598 C  "C1'" . DG  D 4 3  ? 12.737  16.128  -8.552  1.00 130.61 ? 4   DG  D "C1'" 1 
ATOM   599 N  N9    . DG  D 4 3  ? 11.866  15.197  -9.262  1.00 118.73 ? 4   DG  D N9    1 
ATOM   600 C  C8    . DG  D 4 3  ? 12.247  14.228  -10.161 1.00 122.69 ? 4   DG  D C8    1 
ATOM   601 N  N7    . DG  D 4 3  ? 11.250  13.540  -10.642 1.00 118.14 ? 4   DG  D N7    1 
ATOM   602 C  C5    . DG  D 4 3  ? 10.135  14.085  -10.021 1.00 117.30 ? 4   DG  D C5    1 
ATOM   603 C  C6    . DG  D 4 3  ? 8.770   13.744  -10.150 1.00 111.89 ? 4   DG  D C6    1 
ATOM   604 O  O6    . DG  D 4 3  ? 8.262   12.864  -10.862 1.00 104.29 ? 4   DG  D O6    1 
ATOM   605 N  N1    . DG  D 4 3  ? 7.963   14.543  -9.342  1.00 108.35 ? 4   DG  D N1    1 
ATOM   606 C  C2    . DG  D 4 3  ? 8.424   15.543  -8.513  1.00 115.02 ? 4   DG  D C2    1 
ATOM   607 N  N2    . DG  D 4 3  ? 7.496   16.208  -7.809  1.00 117.73 ? 4   DG  D N2    1 
ATOM   608 N  N3    . DG  D 4 3  ? 9.703   15.875  -8.386  1.00 111.17 ? 4   DG  D N3    1 
ATOM   609 C  C4    . DG  D 4 3  ? 10.499  15.105  -9.167  1.00 113.08 ? 4   DG  D C4    1 
ATOM   610 P  P     . DA  D 4 4  ? 15.080  17.088  -5.098  1.00 165.31 ? 5   DA  D P     1 
ATOM   611 O  OP1   . DA  D 4 4  ? 15.564  18.335  -4.457  1.00 152.35 ? 5   DA  D OP1   1 
ATOM   612 O  OP2   . DA  D 4 4  ? 15.905  15.858  -5.061  1.00 153.33 ? 5   DA  D OP2   1 
ATOM   613 O  "O5'" . DA  D 4 4  ? 13.651  16.724  -4.486  1.00 148.47 ? 5   DA  D "O5'" 1 
ATOM   614 C  "C5'" . DA  D 4 4  ? 12.545  17.600  -4.684  1.00 143.68 ? 5   DA  D "C5'" 1 
ATOM   615 C  "C4'" . DA  D 4 4  ? 11.399  17.211  -3.774  1.00 133.55 ? 5   DA  D "C4'" 1 
ATOM   616 O  "O4'" . DA  D 4 4  ? 10.469  16.360  -4.493  1.00 127.43 ? 5   DA  D "O4'" 1 
ATOM   617 C  "C3'" . DA  D 4 4  ? 11.815  16.421  -2.544  1.00 129.00 ? 5   DA  D "C3'" 1 
ATOM   618 O  "O3'" . DA  D 4 4  ? 10.958  16.724  -1.468  1.00 135.70 ? 5   DA  D "O3'" 1 
ATOM   619 C  "C2'" . DA  D 4 4  ? 11.644  14.978  -2.999  1.00 122.03 ? 5   DA  D "C2'" 1 
ATOM   620 C  "C1'" . DA  D 4 4  ? 10.418  15.084  -3.892  1.00 115.30 ? 5   DA  D "C1'" 1 
ATOM   621 N  N9    . DA  D 4 4  ? 10.397  14.085  -4.948  1.00 106.13 ? 5   DA  D N9    1 
ATOM   622 C  C8    . DA  D 4 4  ? 11.475  13.564  -5.607  1.00 106.31 ? 5   DA  D C8    1 
ATOM   623 N  N7    . DA  D 4 4  ? 11.160  12.672  -6.512  1.00 103.84 ? 5   DA  D N7    1 
ATOM   624 C  C5    . DA  D 4 4  ? 9.779   12.602  -6.443  1.00 101.89 ? 5   DA  D C5    1 
ATOM   625 C  C6    . DA  D 4 4  ? 8.830   11.838  -7.152  1.00 102.91 ? 5   DA  D C6    1 
ATOM   626 N  N6    . DA  D 4 4  ? 9.158   10.962  -8.111  1.00 109.36 ? 5   DA  D N6    1 
ATOM   627 N  N1    . DA  D 4 4  ? 7.528   12.009  -6.835  1.00 105.08 ? 5   DA  D N1    1 
ATOM   628 C  C2    . DA  D 4 4  ? 7.205   12.889  -5.875  1.00 104.84 ? 5   DA  D C2    1 
ATOM   629 N  N3    . DA  D 4 4  ? 8.007   13.663  -5.143  1.00 98.00  ? 5   DA  D N3    1 
ATOM   630 C  C4    . DA  D 4 4  ? 9.293   13.469  -5.481  1.00 103.80 ? 5   DA  D C4    1 
ATOM   631 P  P     . DG  D 4 5  ? 11.453  16.464  0.036   1.00 143.01 ? 6   DG  D P     1 
ATOM   632 O  OP1   . DG  D 4 5  ? 11.470  17.770  0.734   1.00 145.42 ? 6   DG  D OP1   1 
ATOM   633 O  OP2   . DG  D 4 5  ? 12.685  15.645  -0.056  1.00 129.19 ? 6   DG  D OP2   1 
ATOM   634 O  "O5'" . DG  D 4 5  ? 10.296  15.563  0.669   1.00 133.03 ? 6   DG  D "O5'" 1 
ATOM   635 C  "C5'" . DG  D 4 5  ? 9.769   14.481  -0.073  1.00 123.60 ? 6   DG  D "C5'" 1 
ATOM   636 C  "C4'" . DG  D 4 5  ? 8.257   14.453  0.016   1.00 120.32 ? 6   DG  D "C4'" 1 
ATOM   637 O  "O4'" . DG  D 4 5  ? 7.704   14.116  -1.271  1.00 113.13 ? 6   DG  D "O4'" 1 
ATOM   638 C  "C3'" . DG  D 4 5  ? 7.700   13.435  0.998   1.00 121.13 ? 6   DG  D "C3'" 1 
ATOM   639 O  "O3'" . DG  D 4 5  ? 6.570   13.950  1.668   1.00 122.12 ? 6   DG  D "O3'" 1 
ATOM   640 C  "C2'" . DG  D 4 5  ? 7.336   12.228  0.139   1.00 115.98 ? 6   DG  D "C2'" 1 
ATOM   641 C  "C1'" . DG  D 4 5  ? 7.296   12.766  -1.290  1.00 105.25 ? 6   DG  D "C1'" 1 
ATOM   642 N  N9    . DG  D 4 5  ? 8.164   12.027  -2.198  1.00 96.13  ? 6   DG  D N9    1 
ATOM   643 C  C8    . DG  D 4 5  ? 9.531   12.127  -2.314  1.00 101.38 ? 6   DG  D C8    1 
ATOM   644 N  N7    . DG  D 4 5  ? 10.037  11.324  -3.208  1.00 99.08  ? 6   DG  D N7    1 
ATOM   645 C  C5    . DG  D 4 5  ? 8.936   10.643  -3.711  1.00 95.17  ? 6   DG  D C5    1 
ATOM   646 C  C6    . DG  D 4 5  ? 8.862   9.640   -4.709  1.00 96.74  ? 6   DG  D C6    1 
ATOM   647 O  O6    . DG  D 4 5  ? 9.788   9.140   -5.368  1.00 97.76  ? 6   DG  D O6    1 
ATOM   648 N  N1    . DG  D 4 5  ? 7.548   9.218   -4.914  1.00 97.76  ? 6   DG  D N1    1 
ATOM   649 C  C2    . DG  D 4 5  ? 6.451   9.708   -4.236  1.00 99.64  ? 6   DG  D C2    1 
ATOM   650 N  N2    . DG  D 4 5  ? 5.265   9.184   -4.564  1.00 99.27  ? 6   DG  D N2    1 
ATOM   651 N  N3    . DG  D 4 5  ? 6.511   10.645  -3.300  1.00 92.28  ? 6   DG  D N3    1 
ATOM   652 C  C4    . DG  D 4 5  ? 7.778   11.064  -3.092  1.00 93.35  ? 6   DG  D C4    1 
ATOM   653 P  P     . DT  D 4 6  ? 6.119   13.289  3.059   1.00 131.71 ? 7   DT  D P     1 
ATOM   654 O  OP1   . DT  D 4 6  ? 5.223   14.237  3.757   1.00 122.26 ? 7   DT  D OP1   1 
ATOM   655 O  OP2   . DT  D 4 6  ? 7.357   12.828  3.726   1.00 118.71 ? 7   DT  D OP2   1 
ATOM   656 O  "O5'" . DT  D 4 6  ? 5.289   11.994  2.614   1.00 111.85 ? 7   DT  D "O5'" 1 
ATOM   657 C  "C5'" . DT  D 4 6  ? 4.154   12.137  1.773   1.00 114.64 ? 7   DT  D "C5'" 1 
ATOM   658 C  "C4'" . DT  D 4 6  ? 3.612   10.781  1.381   1.00 109.04 ? 7   DT  D "C4'" 1 
ATOM   659 O  "O4'" . DT  D 4 6  ? 4.377   10.252  0.271   1.00 103.42 ? 7   DT  D "O4'" 1 
ATOM   660 C  "C3'" . DT  D 4 6  ? 3.674   9.726   2.489   1.00 107.04 ? 7   DT  D "C3'" 1 
ATOM   661 O  "O3'" . DT  D 4 6  ? 2.381   9.185   2.708   1.00 114.33 ? 7   DT  D "O3'" 1 
ATOM   662 C  "C2'" . DT  D 4 6  ? 4.647   8.674   1.946   1.00 103.52 ? 7   DT  D "C2'" 1 
ATOM   663 C  "C1'" . DT  D 4 6  ? 4.526   8.872   0.445   1.00 94.24  ? 7   DT  D "C1'" 1 
ATOM   664 N  N1    . DT  D 4 6  ? 5.725   8.422   -0.324  1.00 88.33  ? 7   DT  D N1    1 
ATOM   665 C  C2    . DT  D 4 6  ? 5.567   7.509   -1.338  1.00 91.22  ? 7   DT  D C2    1 
ATOM   666 O  O2    . DT  D 4 6  ? 4.487   7.042   -1.646  1.00 91.38  ? 7   DT  D O2    1 
ATOM   667 N  N3    . DT  D 4 6  ? 6.722   7.158   -1.985  1.00 90.18  ? 7   DT  D N3    1 
ATOM   668 C  C4    . DT  D 4 6  ? 7.999   7.620   -1.719  1.00 91.34  ? 7   DT  D C4    1 
ATOM   669 O  O4    . DT  D 4 6  ? 8.981   7.246   -2.354  1.00 90.93  ? 7   DT  D O4    1 
ATOM   670 C  C5    . DT  D 4 6  ? 8.095   8.576   -0.642  1.00 85.55  ? 7   DT  D C5    1 
ATOM   671 C  C7    . DT  D 4 6  ? 9.426   9.147   -0.264  1.00 85.02  ? 7   DT  D C7    1 
ATOM   672 C  C6    . DT  D 4 6  ? 6.968   8.924   -0.003  1.00 89.29  ? 7   DT  D C6    1 
ATOM   673 P  P     . DC  D 4 7  ? 2.099   8.241   3.977   1.00 120.48 ? 8   DC  D P     1 
ATOM   674 O  OP1   . DC  D 4 7  ? 0.839   8.703   4.601   1.00 105.11 ? 8   DC  D OP1   1 
ATOM   675 O  OP2   . DC  D 4 7  ? 3.341   8.166   4.779   1.00 110.11 ? 8   DC  D OP2   1 
ATOM   676 O  "O5'" . DC  D 4 7  ? 1.876   6.800   3.325   1.00 105.12 ? 8   DC  D "O5'" 1 
ATOM   677 C  "C5'" . DC  D 4 7  ? 1.417   6.698   1.988   1.00 96.45  ? 8   DC  D "C5'" 1 
ATOM   678 C  "C4'" . DC  D 4 7  ? 1.612   5.289   1.456   1.00 98.12  ? 8   DC  D "C4'" 1 
ATOM   679 O  "O4'" . DC  D 4 7  ? 2.858   5.204   0.716   1.00 100.57 ? 8   DC  D "O4'" 1 
ATOM   680 C  "C3'" . DC  D 4 7  ? 1.683   4.192   2.516   1.00 98.07  ? 8   DC  D "C3'" 1 
ATOM   681 O  "O3'" . DC  D 4 7  ? 1.021   3.044   2.037   1.00 105.78 ? 8   DC  D "O3'" 1 
ATOM   682 C  "C2'" . DC  D 4 7  ? 3.180   3.941   2.648   1.00 94.78  ? 8   DC  D "C2'" 1 
ATOM   683 C  "C1'" . DC  D 4 7  ? 3.629   4.131   1.209   1.00 91.86  ? 8   DC  D "C1'" 1 
ATOM   684 N  N1    . DC  D 4 7  ? 5.060   4.495   1.073   1.00 89.61  ? 8   DC  D N1    1 
ATOM   685 C  C2    . DC  D 4 7  ? 5.848   3.862   0.106   1.00 91.40  ? 8   DC  D C2    1 
ATOM   686 O  O2    . DC  D 4 7  ? 5.338   2.999   -0.620  1.00 87.19  ? 8   DC  D O2    1 
ATOM   687 N  N3    . DC  D 4 7  ? 7.155   4.211   -0.007  1.00 93.04  ? 8   DC  D N3    1 
ATOM   688 C  C4    . DC  D 4 7  ? 7.667   5.149   0.793   1.00 95.80  ? 8   DC  D C4    1 
ATOM   689 N  N4    . DC  D 4 7  ? 8.962   5.462   0.641   1.00 98.35  ? 8   DC  D N4    1 
ATOM   690 C  C5    . DC  D 4 7  ? 6.875   5.807   1.782   1.00 89.23  ? 8   DC  D C5    1 
ATOM   691 C  C6    . DC  D 4 7  ? 5.591   5.451   1.884   1.00 88.55  ? 8   DC  D C6    1 
ATOM   692 P  P     . DC  D 4 8  ? 0.435   1.965   3.067   1.00 92.38  ? 9   DC  D P     1 
ATOM   693 O  OP1   . DC  D 4 8  ? -0.908  1.573   2.575   1.00 83.89  ? 9   DC  D OP1   1 
ATOM   694 O  OP2   . DC  D 4 8  ? 0.602   2.528   4.424   1.00 83.68  ? 9   DC  D OP2   1 
ATOM   695 O  "O5'" . DC  D 4 8  ? 1.399   0.710   2.882   1.00 84.96  ? 9   DC  D "O5'" 1 
ATOM   696 C  "C5'" . DC  D 4 8  ? 1.262   -0.097  1.724   1.00 87.86  ? 9   DC  D "C5'" 1 
ATOM   697 C  "C4'" . DC  D 4 8  ? 2.513   -0.917  1.491   1.00 89.98  ? 9   DC  D "C4'" 1 
ATOM   698 O  "O4'" . DC  D 4 8  ? 3.661   -0.043  1.433   1.00 94.58  ? 9   DC  D "O4'" 1 
ATOM   699 C  "C3'" . DC  D 4 8  ? 2.830   -1.937  2.587   1.00 86.53  ? 9   DC  D "C3'" 1 
ATOM   700 O  "O3'" . DC  D 4 8  ? 2.769   -3.257  2.061   1.00 88.82  ? 9   DC  D "O3'" 1 
ATOM   701 C  "C2'" . DC  D 4 8  ? 4.250   -1.571  3.049   1.00 84.18  ? 9   DC  D "C2'" 1 
ATOM   702 C  "C1'" . DC  D 4 8  ? 4.769   -0.760  1.882   1.00 83.89  ? 9   DC  D "C1'" 1 
ATOM   703 N  N1    . DC  D 4 8  ? 5.822   0.195   2.257   1.00 79.48  ? 9   DC  D N1    1 
ATOM   704 C  C2    . DC  D 4 8  ? 7.068   0.138   1.619   1.00 89.37  ? 9   DC  D C2    1 
ATOM   705 O  O2    . DC  D 4 8  ? 7.261   -0.717  0.746   1.00 90.28  ? 9   DC  D O2    1 
ATOM   706 N  N3    . DC  D 4 8  ? 8.028   1.025   1.974   1.00 92.37  ? 9   DC  D N3    1 
ATOM   707 C  C4    . DC  D 4 8  ? 7.776   1.931   2.917   1.00 89.70  ? 9   DC  D C4    1 
ATOM   708 N  N4    . DC  D 4 8  ? 8.749   2.784   3.235   1.00 91.60  ? 9   DC  D N4    1 
ATOM   709 C  C5    . DC  D 4 8  ? 6.513   2.005   3.575   1.00 90.05  ? 9   DC  D C5    1 
ATOM   710 C  C6    . DC  D 4 8  ? 5.574   1.125   3.215   1.00 84.04  ? 9   DC  D C6    1 
ATOM   711 P  P     . DG  D 4 9  ? 1.374   -4.055  2.092   1.00 94.25  ? 10  DG  D P     1 
ATOM   712 O  OP1   . DG  D 4 9  ? 0.985   -4.305  0.687   1.00 87.70  ? 10  DG  D OP1   1 
ATOM   713 O  OP2   . DG  D 4 9  ? 0.467   -3.299  2.979   1.00 86.43  ? 10  DG  D OP2   1 
ATOM   714 O  "O5'" . DG  D 4 9  ? 1.700   -5.446  2.829   1.00 93.13  ? 10  DG  D "O5'" 1 
ATOM   715 C  "C5'" . DG  D 4 9  ? 2.161   -5.461  4.184   1.00 85.47  ? 10  DG  D "C5'" 1 
ATOM   716 C  "C4'" . DG  D 4 9  ? 1.108   -6.006  5.159   1.00 83.43  ? 10  DG  D "C4'" 1 
ATOM   717 O  "O4'" . DG  D 4 9  ? 0.442   -4.916  5.808   1.00 79.28  ? 10  DG  D "O4'" 1 
ATOM   718 C  "C3'" . DG  D 4 9  ? -0.026  -6.806  4.553   1.00 94.90  ? 10  DG  D "C3'" 1 
ATOM   719 O  "O3'" . DG  D 4 9  ? 0.357   -8.149  4.410   1.00 96.36  ? 10  DG  D "O3'" 1 
ATOM   720 C  "C2'" . DG  D 4 9  ? -1.147  -6.661  5.596   1.00 85.90  ? 10  DG  D "C2'" 1 
ATOM   721 C  "C1'" . DG  D 4 9  ? -0.771  -5.382  6.355   1.00 79.23  ? 10  DG  D "C1'" 1 
ATOM   722 N  N9    . DG  D 4 9  ? -1.752  -4.302  6.258   1.00 78.26  ? 10  DG  D N9    1 
ATOM   723 C  C8    . DG  D 4 9  ? -1.595  -3.116  5.593   1.00 80.76  ? 10  DG  D C8    1 
ATOM   724 N  N7    . DG  D 4 9  ? -2.620  -2.322  5.688   1.00 75.65  ? 10  DG  D N7    1 
ATOM   725 C  C5    . DG  D 4 9  ? -3.518  -3.023  6.469   1.00 78.03  ? 10  DG  D C5    1 
ATOM   726 C  C6    . DG  D 4 9  ? -4.806  -2.656  6.905   1.00 83.63  ? 10  DG  D C6    1 
ATOM   727 O  O6    . DG  D 4 9  ? -5.426  -1.610  6.674   1.00 84.55  ? 10  DG  D O6    1 
ATOM   728 N  N1    . DG  D 4 9  ? -5.384  -3.647  7.688   1.00 89.65  ? 10  DG  D N1    1 
ATOM   729 C  C2    . DG  D 4 9  ? -4.783  -4.842  8.005   1.00 92.87  ? 10  DG  D C2    1 
ATOM   730 N  N2    . DG  D 4 9  ? -5.500  -5.676  8.775   1.00 96.87  ? 10  DG  D N2    1 
ATOM   731 N  N3    . DG  D 4 9  ? -3.567  -5.202  7.597   1.00 81.44  ? 10  DG  D N3    1 
ATOM   732 C  C4    . DG  D 4 9  ? -2.996  -4.244  6.836   1.00 77.22  ? 10  DG  D C4    1 
ATOM   733 P  P     . DT  D 4 10 ? -0.424  -9.061  3.355   1.00 95.20  ? 11  DT  D P     1 
ATOM   734 O  OP1   . DT  D 4 10 ? 0.426   -10.232 3.040   1.00 83.14  ? 11  DT  D OP1   1 
ATOM   735 O  OP2   . DT  D 4 10 ? -0.879  -8.149  2.287   1.00 96.53  ? 11  DT  D OP2   1 
ATOM   736 O  "O5'" . DT  D 4 10 ? -1.751  -9.482  4.128   1.00 72.41  ? 11  DT  D "O5'" 1 
ATOM   737 C  "C5'" . DT  D 4 10 ? -1.692  -10.479 5.112   1.00 84.33  ? 11  DT  D "C5'" 1 
ATOM   738 C  "C4'" . DT  D 4 10 ? -3.025  -10.591 5.796   1.00 91.82  ? 11  DT  D "C4'" 1 
ATOM   739 O  "O4'" . DT  D 4 10 ? -3.532  -9.253  6.018   1.00 84.98  ? 11  DT  D "O4'" 1 
ATOM   740 C  "C3'" . DT  D 4 10 ? -4.099  -11.308 4.978   1.00 104.59 ? 11  DT  D "C3'" 1 
ATOM   741 O  "O3'" . DT  D 4 10 ? -4.913  -12.112 5.827   1.00 110.55 ? 11  DT  D "O3'" 1 
ATOM   742 C  "C2'" . DT  D 4 10 ? -4.899  -10.155 4.382   1.00 103.22 ? 11  DT  D "C2'" 1 
ATOM   743 C  "C1'" . DT  D 4 10 ? -4.837  -9.157  5.515   1.00 81.93  ? 11  DT  D "C1'" 1 
ATOM   744 N  N1    . DT  D 4 10 ? -5.061  -7.772  5.093   1.00 79.45  ? 11  DT  D N1    1 
ATOM   745 C  C2    . DT  D 4 10 ? -6.170  -7.108  5.547   1.00 89.37  ? 11  DT  D C2    1 
ATOM   746 O  O2    . DT  D 4 10 ? -6.993  -7.621  6.285   1.00 96.54  ? 11  DT  D O2    1 
ATOM   747 N  N3    . DT  D 4 10 ? -6.289  -5.819  5.108   1.00 85.10  ? 11  DT  D N3    1 
ATOM   748 C  C4    . DT  D 4 10 ? -5.421  -5.144  4.279   1.00 79.53  ? 11  DT  D C4    1 
ATOM   749 O  O4    . DT  D 4 10 ? -5.614  -3.984  3.939   1.00 79.60  ? 11  DT  D O4    1 
ATOM   750 C  C5    . DT  D 4 10 ? -4.274  -5.902  3.842   1.00 79.52  ? 11  DT  D C5    1 
ATOM   751 C  C7    . DT  D 4 10 ? -3.262  -5.274  2.937   1.00 78.56  ? 11  DT  D C7    1 
ATOM   752 C  C6    . DT  D 4 10 ? -4.151  -7.164  4.263   1.00 79.43  ? 11  DT  D C6    1 
ATOM   753 P  P     . DG  D 4 11 ? -6.034  -13.076 5.194   1.00 128.30 ? 12  DG  D P     1 
ATOM   754 O  OP1   . DG  D 4 11 ? -6.328  -14.114 6.208   1.00 123.68 ? 12  DG  D OP1   1 
ATOM   755 O  OP2   . DG  D 4 11 ? -5.554  -13.496 3.855   1.00 116.25 ? 12  DG  D OP2   1 
ATOM   756 O  "O5'" . DG  D 4 11 ? -7.334  -12.138 5.047   1.00 98.83  ? 12  DG  D "O5'" 1 
ATOM   757 C  "C5'" . DG  D 4 11 ? -8.332  -12.161 6.064   1.00 96.10  ? 12  DG  D "C5'" 1 
ATOM   758 C  "C4'" . DG  D 4 11 ? -9.327  -11.029 5.898   1.00 101.35 ? 12  DG  D "C4'" 1 
ATOM   759 O  "O4'" . DG  D 4 11 ? -8.701  -9.897  5.271   1.00 100.51 ? 12  DG  D "O4'" 1 
ATOM   760 C  "C3'" . DG  D 4 11 ? -10.546 -11.349 5.028   1.00 120.01 ? 12  DG  D "C3'" 1 
ATOM   761 O  "O3'" . DG  D 4 11 ? -11.709 -11.297 5.815   1.00 127.33 ? 12  DG  D "O3'" 1 
ATOM   762 C  "C2'" . DG  D 4 11 ? -10.550 -10.247 3.956   1.00 116.10 ? 12  DG  D "C2'" 1 
ATOM   763 C  "C1'" . DG  D 4 11 ? -9.710  -9.180  4.615   1.00 99.96  ? 12  DG  D "C1'" 1 
ATOM   764 N  N9    . DG  D 4 11 ? -9.084  -8.229  3.696   1.00 103.75 ? 12  DG  D N9    1 
ATOM   765 C  C8    . DG  D 4 11 ? -7.900  -8.396  3.007   1.00 101.49 ? 12  DG  D C8    1 
ATOM   766 N  N7    . DG  D 4 11 ? -7.569  -7.360  2.284   1.00 93.99  ? 12  DG  D N7    1 
ATOM   767 C  C5    . DG  D 4 11 ? -8.591  -6.443  2.512   1.00 98.09  ? 12  DG  D C5    1 
ATOM   768 C  C6    . DG  D 4 11 ? -8.774  -5.137  1.993   1.00 98.98  ? 12  DG  D C6    1 
ATOM   769 O  O6    . DG  D 4 11 ? -8.048  -4.515  1.209   1.00 107.15 ? 12  DG  D O6    1 
ATOM   770 N  N1    . DG  D 4 11 ? -9.938  -4.545  2.475   1.00 92.01  ? 12  DG  D N1    1 
ATOM   771 C  C2    . DG  D 4 11 ? -10.818 -5.141  3.341   1.00 98.45  ? 12  DG  D C2    1 
ATOM   772 N  N2    . DG  D 4 11 ? -11.884 -4.408  3.695   1.00 99.56  ? 12  DG  D N2    1 
ATOM   773 N  N3    . DG  D 4 11 ? -10.660 -6.368  3.842   1.00 99.82  ? 12  DG  D N3    1 
ATOM   774 C  C4    . DG  D 4 11 ? -9.528  -6.958  3.382   1.00 100.73 ? 12  DG  D C4    1 
ATOM   775 P  P     . DT  D 4 12 ? -12.920 -12.302 5.504   1.00 144.09 ? 13  DT  D P     1 
ATOM   776 O  OP1   . DT  D 4 12 ? -13.580 -12.612 6.793   1.00 148.44 ? 13  DT  D OP1   1 
ATOM   777 O  OP2   . DT  D 4 12 ? -12.367 -13.404 4.682   1.00 124.53 ? 13  DT  D OP2   1 
ATOM   778 O  "O5'" . DT  D 4 12 ? -13.919 -11.431 4.602   1.00 126.18 ? 13  DT  D "O5'" 1 
ATOM   779 C  "C5'" . DT  D 4 12 ? -15.068 -10.853 5.191   1.00 130.54 ? 13  DT  D "C5'" 1 
ATOM   780 C  "C4'" . DT  D 4 12 ? -15.383 -9.503  4.576   1.00 138.42 ? 13  DT  D "C4'" 1 
ATOM   781 O  "O4'" . DT  D 4 12 ? -14.192 -8.921  3.979   1.00 132.14 ? 13  DT  D "O4'" 1 
ATOM   782 C  "C3'" . DT  D 4 12 ? -16.441 -9.526  3.460   1.00 146.02 ? 13  DT  D "C3'" 1 
ATOM   783 O  "O3'" . DT  D 4 12 ? -17.519 -8.664  3.801   1.00 150.50 ? 13  DT  D "O3'" 1 
ATOM   784 C  "C2'" . DT  D 4 12 ? -15.682 -9.005  2.237   1.00 143.82 ? 13  DT  D "C2'" 1 
ATOM   785 C  "C1'" . DT  D 4 12 ? -14.626 -8.145  2.897   1.00 134.33 ? 13  DT  D "C1'" 1 
ATOM   786 N  N1    . DT  D 4 12 ? -13.469 -7.794  2.004   1.00 126.85 ? 13  DT  D N1    1 
ATOM   787 C  C2    . DT  D 4 12 ? -13.348 -6.495  1.548   1.00 127.03 ? 13  DT  D C2    1 
ATOM   788 O  O2    . DT  D 4 12 ? -14.130 -5.607  1.844   1.00 128.34 ? 13  DT  D O2    1 
ATOM   789 N  N3    . DT  D 4 12 ? -12.268 -6.268  0.735   1.00 115.96 ? 13  DT  D N3    1 
ATOM   790 C  C4    . DT  D 4 12 ? -11.319 -7.190  0.333   1.00 111.59 ? 13  DT  D C4    1 
ATOM   791 O  O4    . DT  D 4 12 ? -10.381 -6.890  -0.402  1.00 103.34 ? 13  DT  D O4    1 
ATOM   792 C  C5    . DT  D 4 12 ? -11.508 -8.532  0.839   1.00 112.67 ? 13  DT  D C5    1 
ATOM   793 C  C7    . DT  D 4 12 ? -10.540 -9.614  0.469   1.00 108.08 ? 13  DT  D C7    1 
ATOM   794 C  C6    . DT  D 4 12 ? -12.566 -8.769  1.637   1.00 117.50 ? 13  DT  D C6    1 
ATOM   795 P  P     . DC  D 4 13 ? -18.995 -8.942  3.228   1.00 168.64 ? 14  DC  D P     1 
ATOM   796 O  OP1   . DC  D 4 13 ? -19.817 -7.740  3.495   1.00 167.81 ? 14  DC  D OP1   1 
ATOM   797 O  OP2   . DC  D 4 13 ? -19.421 -10.261 3.748   1.00 171.72 ? 14  DC  D OP2   1 
ATOM   798 O  "O5'" . DC  D 4 13 ? -18.784 -9.065  1.645   1.00 163.82 ? 14  DC  D "O5'" 1 
ATOM   799 C  "C5'" . DC  D 4 13 ? -19.596 -8.303  0.751   1.00 164.25 ? 14  DC  D "C5'" 1 
ATOM   800 C  "C4'" . DC  D 4 13 ? -18.973 -6.944  0.471   1.00 161.54 ? 14  DC  D "C4'" 1 
ATOM   801 O  "O4'" . DC  D 4 13 ? -17.541 -7.075  0.461   1.00 152.01 ? 14  DC  D "O4'" 1 
ATOM   802 C  "C3'" . DC  D 4 13 ? -19.319 -6.349  -0.888  1.00 163.27 ? 14  DC  D "C3'" 1 
ATOM   803 O  "O3'" . DC  D 4 13 ? -20.498 -5.544  -0.793  1.00 169.05 ? 14  DC  D "O3'" 1 
ATOM   804 C  "C2'" . DC  D 4 13 ? -18.088 -5.501  -1.241  1.00 154.02 ? 14  DC  D "C2'" 1 
ATOM   805 C  "C1'" . DC  D 4 13 ? -16.984 -6.047  -0.330  1.00 151.44 ? 14  DC  D "C1'" 1 
ATOM   806 N  N1    . DC  D 4 13 ? -15.774 -6.592  -1.049  1.00 147.25 ? 14  DC  D N1    1 
ATOM   807 C  C2    . DC  D 4 13 ? -14.961 -5.735  -1.806  1.00 142.49 ? 14  DC  D C2    1 
ATOM   808 O  O2    . DC  D 4 13 ? -15.264 -4.538  -1.902  1.00 166.72 ? 14  DC  D O2    1 
ATOM   809 N  N3    . DC  D 4 13 ? -13.862 -6.244  -2.422  1.00 137.32 ? 14  DC  D N3    1 
ATOM   810 C  C4    . DC  D 4 13 ? -13.563 -7.539  -2.295  1.00 142.12 ? 14  DC  D C4    1 
ATOM   811 N  N4    . DC  D 4 13 ? -12.469 -7.995  -2.920  1.00 150.87 ? 14  DC  D N4    1 
ATOM   812 C  C5    . DC  D 4 13 ? -14.371 -8.423  -1.521  1.00 142.63 ? 14  DC  D C5    1 
ATOM   813 C  C6    . DC  D 4 13 ? -15.453 -7.912  -0.922  1.00 142.90 ? 14  DC  D C6    1 
ATOM   814 P  P     . DG  D 4 14 ? -21.784 -5.878  -1.703  1.00 173.99 ? 15  DG  D P     1 
ATOM   815 O  OP1   . DG  D 4 14 ? -22.879 -6.237  -0.777  1.00 171.61 ? 15  DG  D OP1   1 
ATOM   816 O  OP2   . DG  D 4 14 ? -21.367 -6.840  -2.748  1.00 167.89 ? 15  DG  D OP2   1 
ATOM   817 O  "O5'" . DG  D 4 14 ? -22.163 -4.479  -2.391  1.00 163.56 ? 15  DG  D "O5'" 1 
ATOM   818 C  "C5'" . DG  D 4 14 ? -22.424 -4.412  -3.794  1.00 162.03 ? 15  DG  D "C5'" 1 
ATOM   819 C  "C4'" . DG  D 4 14 ? -21.376 -3.559  -4.484  1.00 165.98 ? 15  DG  D "C4'" 1 
ATOM   820 O  "O4'" . DG  D 4 14 ? -20.088 -3.839  -3.897  1.00 159.32 ? 15  DG  D "O4'" 1 
ATOM   821 C  "C3'" . DG  D 4 14 ? -21.207 -3.820  -5.974  1.00 166.53 ? 15  DG  D "C3'" 1 
ATOM   822 O  "O3'" . DG  D 4 14 ? -22.115 -2.984  -6.743  1.00 177.98 ? 15  DG  D "O3'" 1 
ATOM   823 C  "C2'" . DG  D 4 14 ? -19.741 -3.475  -6.218  1.00 158.19 ? 15  DG  D "C2'" 1 
ATOM   824 C  "C1'" . DG  D 4 14 ? -19.080 -3.810  -4.885  1.00 152.25 ? 15  DG  D "C1'" 1 
ATOM   825 N  N9    . DG  D 4 14 ? -18.377 -5.088  -4.876  1.00 147.53 ? 15  DG  D N9    1 
ATOM   826 C  C8    . DG  D 4 14 ? -18.797 -6.267  -4.308  1.00 151.09 ? 15  DG  D C8    1 
ATOM   827 N  N7    . DG  D 4 14 ? -17.942 -7.244  -4.444  1.00 147.05 ? 15  DG  D N7    1 
ATOM   828 C  C5    . DG  D 4 14 ? -16.890 -6.676  -5.154  1.00 143.27 ? 15  DG  D C5    1 
ATOM   829 C  C6    . DG  D 4 14 ? -15.675 -7.249  -5.602  1.00 136.26 ? 15  DG  D C6    1 
ATOM   830 O  O6    . DG  D 4 14 ? -15.274 -8.413  -5.455  1.00 134.35 ? 15  DG  D O6    1 
ATOM   831 N  N1    . DG  D 4 14 ? -14.891 -6.318  -6.285  1.00 130.09 ? 15  DG  D N1    1 
ATOM   832 C  C2    . DG  D 4 14 ? -15.239 -5.004  -6.504  1.00 130.79 ? 15  DG  D C2    1 
ATOM   833 N  N2    . DG  D 4 14 ? -14.356 -4.258  -7.180  1.00 124.87 ? 15  DG  D N2    1 
ATOM   834 N  N3    . DG  D 4 14 ? -16.373 -4.457  -6.090  1.00 139.47 ? 15  DG  D N3    1 
ATOM   835 C  C4    . DG  D 4 14 ? -17.147 -5.348  -5.425  1.00 144.18 ? 15  DG  D C4    1 
ATOM   836 P  P     . DT  D 4 15 ? -21.727 -1.487  -7.211  1.00 187.32 ? 16  DT  D P     1 
ATOM   837 O  OP1   . DT  D 4 15 ? -21.025 -0.776  -6.119  1.00 210.76 ? 16  DT  D OP1   1 
ATOM   838 O  OP2   . DT  D 4 15 ? -22.959 -0.882  -7.765  1.00 185.28 ? 16  DT  D OP2   1 
ATOM   839 O  "O5'" . DT  D 4 15 ? -20.733 -1.702  -8.446  1.00 175.37 ? 16  DT  D "O5'" 1 
ATOM   840 C  "C5'" . DT  D 4 15 ? -19.587 -0.872  -8.591  1.00 176.30 ? 16  DT  D "C5'" 1 
ATOM   841 C  "C4'" . DT  D 4 15 ? -18.582 -1.513  -9.528  1.00 169.59 ? 16  DT  D "C4'" 1 
ATOM   842 O  "O4'" . DT  D 4 15 ? -18.119 -2.767  -8.967  1.00 154.76 ? 16  DT  D "O4'" 1 
ATOM   843 C  "C3'" . DT  D 4 15 ? -19.129 -1.841  -10.923 1.00 158.44 ? 16  DT  D "C3'" 1 
ATOM   844 O  "O3'" . DT  D 4 15 ? -18.328 -1.214  -11.917 1.00 159.21 ? 16  DT  D "O3'" 1 
ATOM   845 C  "C2'" . DT  D 4 15 ? -19.050 -3.372  -11.008 1.00 147.30 ? 16  DT  D "C2'" 1 
ATOM   846 C  "C1'" . DT  D 4 15 ? -17.948 -3.689  -10.011 1.00 141.32 ? 16  DT  D "C1'" 1 
ATOM   847 N  N1    . DT  D 4 15 ? -18.011 -5.084  -9.449  1.00 142.21 ? 16  DT  D N1    1 
ATOM   848 C  C2    . DT  D 4 15 ? -16.938 -5.926  -9.625  1.00 140.09 ? 16  DT  D C2    1 
ATOM   849 O  O2    . DT  D 4 15 ? -15.928 -5.599  -10.219 1.00 143.03 ? 16  DT  D O2    1 
ATOM   850 N  N3    . DT  D 4 15 ? -17.087 -7.176  -9.079  1.00 135.48 ? 16  DT  D N3    1 
ATOM   851 C  C4    . DT  D 4 15 ? -18.180 -7.659  -8.386  1.00 134.46 ? 16  DT  D C4    1 
ATOM   852 O  O4    . DT  D 4 15 ? -18.218 -8.800  -7.930  1.00 128.37 ? 16  DT  D O4    1 
ATOM   853 C  C5    . DT  D 4 15 ? -19.273 -6.725  -8.235  1.00 137.47 ? 16  DT  D C5    1 
ATOM   854 C  C7    . DT  D 4 15 ? -20.516 -7.133  -7.501  1.00 139.21 ? 16  DT  D C7    1 
ATOM   855 C  C6    . DT  D 4 15 ? -19.139 -5.500  -8.772  1.00 143.12 ? 16  DT  D C6    1 
HETATM 856 AS AS    . CAC E 5 .  ? 11.937  3.831   8.122   1.00 187.57 ? 101 CAC B AS    1 
HETATM 857 AS AS    . CAC F 5 .  ? -3.617  2.345   5.920   1.00 267.49 ? 101 CAC D AS    1 
# 
loop_
_pdbx_poly_seq_scheme.asym_id 
_pdbx_poly_seq_scheme.entity_id 
_pdbx_poly_seq_scheme.seq_id 
_pdbx_poly_seq_scheme.mon_id 
_pdbx_poly_seq_scheme.ndb_seq_num 
_pdbx_poly_seq_scheme.pdb_seq_num 
_pdbx_poly_seq_scheme.auth_seq_num 
_pdbx_poly_seq_scheme.pdb_mon_id 
_pdbx_poly_seq_scheme.auth_mon_id 
_pdbx_poly_seq_scheme.pdb_strand_id 
_pdbx_poly_seq_scheme.pdb_ins_code 
_pdbx_poly_seq_scheme.hetero 
A 1 1  DG 1  1  1  DG DG A . n 
A 1 2  DA 2  2  2  DA DA A . n 
A 1 3  DA 3  3  3  DA DA A . n 
A 1 4  DC 4  4  4  DC DC A . n 
A 1 5  DG 5  5  5  DG DG A . n 
A 1 6  DA 6  6  6  DA DA A . n 
A 1 7  DC 7  7  7  DC DC A . n 
A 1 8  DA 8  8  8  DA DA A . n 
A 1 9  DC 9  9  9  DC DC A . n 
A 1 10 DC 10 10 10 DC DC A . n 
A 1 11 DG 11 11 11 DG DG A . n 
A 1 12 DA 12 12 12 DA DA A . n 
B 2 1  DC 1  12 12 DC DC B . n 
B 2 2  DG 2  13 13 DG DG B . n 
B 2 3  DG 3  14 14 DG DG B . n 
B 2 4  DG 4  15 15 DG DG B . n 
B 2 5  DG 5  16 16 DG DG B . n 
B 2 6  DA 6  17 17 DA DA B . n 
B 2 7  DC 7  18 18 DC DC B . n 
B 2 8  DT 8  19 19 DT DT B . n 
B 2 9  DC 9  20 20 DC DC B . n 
C 3 1  DT 1  0  0  DT DT C . n 
C 3 2  DC 2  1  1  DC DC C . n 
C 3 3  DG 3  2  2  DG DG C . n 
C 3 4  DC 4  3  3  DC DC C . n 
C 3 5  DC 5  4  4  DC DC C . n 
C 3 6  DG 6  5  5  DG DG C . n 
D 4 1  DT 1  2  2  DT DT D . n 
D 4 2  DC 2  3  3  DC DC D . n 
D 4 3  DG 3  4  4  DG DG D . n 
D 4 4  DA 4  5  5  DA DA D . n 
D 4 5  DG 5  6  6  DG DG D . n 
D 4 6  DT 6  7  7  DT DT D . n 
D 4 7  DC 7  8  8  DC DC D . n 
D 4 8  DC 8  9  9  DC DC D . n 
D 4 9  DG 9  10 10 DG DG D . n 
D 4 10 DT 10 11 11 DT DT D . n 
D 4 11 DG 11 12 12 DG DG D . n 
D 4 12 DT 12 13 13 DT DT D . n 
D 4 13 DC 13 14 14 DC DC D . n 
D 4 14 DG 14 15 15 DG DG D . n 
D 4 15 DT 15 16 16 DT DT D . n 
# 
loop_
_pdbx_nonpoly_scheme.asym_id 
_pdbx_nonpoly_scheme.entity_id 
_pdbx_nonpoly_scheme.mon_id 
_pdbx_nonpoly_scheme.ndb_seq_num 
_pdbx_nonpoly_scheme.pdb_seq_num 
_pdbx_nonpoly_scheme.auth_seq_num 
_pdbx_nonpoly_scheme.pdb_mon_id 
_pdbx_nonpoly_scheme.auth_mon_id 
_pdbx_nonpoly_scheme.pdb_strand_id 
_pdbx_nonpoly_scheme.pdb_ins_code 
E 5 CAC 1 101 2 CAC AS B . 
F 5 CAC 1 101 1 CAC AS D . 
# 
_pdbx_struct_assembly.id                   1 
_pdbx_struct_assembly.details              author_and_software_defined_assembly 
_pdbx_struct_assembly.method_details       PISA 
_pdbx_struct_assembly.oligomeric_details   tetrameric 
_pdbx_struct_assembly.oligomeric_count     4 
# 
_pdbx_struct_assembly_gen.assembly_id       1 
_pdbx_struct_assembly_gen.oper_expression   1 
_pdbx_struct_assembly_gen.asym_id_list      A,B,C,D,E,F 
# 
loop_
_pdbx_struct_assembly_prop.biol_id 
_pdbx_struct_assembly_prop.type 
_pdbx_struct_assembly_prop.value 
_pdbx_struct_assembly_prop.details 
1 'ABSA (A^2)' 2650 ? 
1 MORE         -15  ? 
1 'SSA (A^2)'  7850 ? 
# 
_pdbx_struct_oper_list.id                   1 
_pdbx_struct_oper_list.type                 'identity operation' 
_pdbx_struct_oper_list.name                 1_555 
_pdbx_struct_oper_list.symmetry_operation   x,y,z 
_pdbx_struct_oper_list.matrix[1][1]         1.0000000000 
_pdbx_struct_oper_list.matrix[1][2]         0.0000000000 
_pdbx_struct_oper_list.matrix[1][3]         0.0000000000 
_pdbx_struct_oper_list.vector[1]            0.0000000000 
_pdbx_struct_oper_list.matrix[2][1]         0.0000000000 
_pdbx_struct_oper_list.matrix[2][2]         1.0000000000 
_pdbx_struct_oper_list.matrix[2][3]         0.0000000000 
_pdbx_struct_oper_list.vector[2]            0.0000000000 
_pdbx_struct_oper_list.matrix[3][1]         0.0000000000 
_pdbx_struct_oper_list.matrix[3][2]         0.0000000000 
_pdbx_struct_oper_list.matrix[3][3]         1.0000000000 
_pdbx_struct_oper_list.vector[3]            0.0000000000 
# 
loop_
_pdbx_audit_revision_history.ordinal 
_pdbx_audit_revision_history.data_content_type 
_pdbx_audit_revision_history.major_revision 
_pdbx_audit_revision_history.minor_revision 
_pdbx_audit_revision_history.revision_date 
1 'Structure model' 1 0 2021-07-14 
2 'Structure model' 1 1 2022-07-06 
3 'Structure model' 1 2 2023-10-18 
# 
_pdbx_audit_revision_details.ordinal             1 
_pdbx_audit_revision_details.revision_ordinal    1 
_pdbx_audit_revision_details.data_content_type   'Structure model' 
_pdbx_audit_revision_details.provider            repository 
_pdbx_audit_revision_details.type                'Initial release' 
_pdbx_audit_revision_details.description         ? 
_pdbx_audit_revision_details.details             ? 
# 
loop_
_pdbx_audit_revision_group.ordinal 
_pdbx_audit_revision_group.revision_ordinal 
_pdbx_audit_revision_group.data_content_type 
_pdbx_audit_revision_group.group 
1 2 'Structure model' 'Database references'    
2 3 'Structure model' 'Data collection'        
3 3 'Structure model' 'Refinement description' 
# 
loop_
_pdbx_audit_revision_category.ordinal 
_pdbx_audit_revision_category.revision_ordinal 
_pdbx_audit_revision_category.data_content_type 
_pdbx_audit_revision_category.category 
1 2 'Structure model' citation                      
2 2 'Structure model' citation_author               
3 2 'Structure model' database_2                    
4 3 'Structure model' chem_comp_atom                
5 3 'Structure model' chem_comp_bond                
6 3 'Structure model' pdbx_initial_refinement_model 
# 
loop_
_pdbx_audit_revision_item.ordinal 
_pdbx_audit_revision_item.revision_ordinal 
_pdbx_audit_revision_item.data_content_type 
_pdbx_audit_revision_item.item 
1  2 'Structure model' '_citation.country'                   
2  2 'Structure model' '_citation.journal_abbrev'            
3  2 'Structure model' '_citation.journal_id_CSD'            
4  2 'Structure model' '_citation.journal_id_ISSN'           
5  2 'Structure model' '_citation.journal_volume'            
6  2 'Structure model' '_citation.page_first'                
7  2 'Structure model' '_citation.page_last'                 
8  2 'Structure model' '_citation.pdbx_database_id_DOI'      
9  2 'Structure model' '_citation.pdbx_database_id_PubMed'   
10 2 'Structure model' '_citation.title'                     
11 2 'Structure model' '_citation.year'                      
12 2 'Structure model' '_database_2.pdbx_DOI'                
13 2 'Structure model' '_database_2.pdbx_database_accession' 
# 
loop_
_software.citation_id 
_software.classification 
_software.compiler_name 
_software.compiler_version 
_software.contact_author 
_software.contact_author_email 
_software.date 
_software.description 
_software.dependencies 
_software.hardware 
_software.language 
_software.location 
_software.mods 
_software.name 
_software.os 
_software.os_version 
_software.type 
_software.version 
_software.pdbx_ordinal 
? 'data reduction'  ? ? ? ? ? ? ? ? ? ? ? HKL-2000    ? ? ? .           1 
? 'data scaling'    ? ? ? ? ? ? ? ? ? ? ? HKL-2000    ? ? ? .           2 
? refinement        ? ? ? ? ? ? ? ? ? ? ? PHENIX      ? ? ? 1.11.1_2575 3 
? 'data extraction' ? ? ? ? ? ? ? ? ? ? ? PDB_EXTRACT ? ? ? 3.25        4 
? phasing           ? ? ? ? ? ? ? ? ? ? ? PHASER      ? ? ? .           5 
# 
_pdbx_entry_details.entry_id                 7JJX 
_pdbx_entry_details.has_ligand_of_interest   N 
_pdbx_entry_details.compound_details         ? 
_pdbx_entry_details.source_details           ? 
_pdbx_entry_details.nonpolymer_details       ? 
_pdbx_entry_details.sequence_details         ? 
# 
_pdbx_validate_rmsd_bond.id                        1 
_pdbx_validate_rmsd_bond.PDB_model_num             1 
_pdbx_validate_rmsd_bond.auth_atom_id_1            "O3'" 
_pdbx_validate_rmsd_bond.auth_asym_id_1            C 
_pdbx_validate_rmsd_bond.auth_comp_id_1            DC 
_pdbx_validate_rmsd_bond.auth_seq_id_1             1 
_pdbx_validate_rmsd_bond.PDB_ins_code_1            ? 
_pdbx_validate_rmsd_bond.label_alt_id_1            ? 
_pdbx_validate_rmsd_bond.auth_atom_id_2            "C3'" 
_pdbx_validate_rmsd_bond.auth_asym_id_2            C 
_pdbx_validate_rmsd_bond.auth_comp_id_2            DC 
_pdbx_validate_rmsd_bond.auth_seq_id_2             1 
_pdbx_validate_rmsd_bond.PDB_ins_code_2            ? 
_pdbx_validate_rmsd_bond.label_alt_id_2            ? 
_pdbx_validate_rmsd_bond.bond_value                1.377 
_pdbx_validate_rmsd_bond.bond_target_value         1.419 
_pdbx_validate_rmsd_bond.bond_deviation            -0.042 
_pdbx_validate_rmsd_bond.bond_standard_deviation   0.006 
_pdbx_validate_rmsd_bond.linker_flag               N 
# 
loop_
_pdbx_validate_rmsd_angle.id 
_pdbx_validate_rmsd_angle.PDB_model_num 
_pdbx_validate_rmsd_angle.auth_atom_id_1 
_pdbx_validate_rmsd_angle.auth_asym_id_1 
_pdbx_validate_rmsd_angle.auth_comp_id_1 
_pdbx_validate_rmsd_angle.auth_seq_id_1 
_pdbx_validate_rmsd_angle.PDB_ins_code_1 
_pdbx_validate_rmsd_angle.label_alt_id_1 
_pdbx_validate_rmsd_angle.auth_atom_id_2 
_pdbx_validate_rmsd_angle.auth_asym_id_2 
_pdbx_validate_rmsd_angle.auth_comp_id_2 
_pdbx_validate_rmsd_angle.auth_seq_id_2 
_pdbx_validate_rmsd_angle.PDB_ins_code_2 
_pdbx_validate_rmsd_angle.label_alt_id_2 
_pdbx_validate_rmsd_angle.auth_atom_id_3 
_pdbx_validate_rmsd_angle.auth_asym_id_3 
_pdbx_validate_rmsd_angle.auth_comp_id_3 
_pdbx_validate_rmsd_angle.auth_seq_id_3 
_pdbx_validate_rmsd_angle.PDB_ins_code_3 
_pdbx_validate_rmsd_angle.label_alt_id_3 
_pdbx_validate_rmsd_angle.angle_value 
_pdbx_validate_rmsd_angle.angle_target_value 
_pdbx_validate_rmsd_angle.angle_deviation 
_pdbx_validate_rmsd_angle.angle_standard_deviation 
_pdbx_validate_rmsd_angle.linker_flag 
1 1 "O4'" A DC 7  ? ? "C1'" A DC 7  ? ? N1 A DC 7  ? ? 111.03 108.30 2.73 0.30 N 
2 1 "O4'" D DT 13 ? ? "C1'" D DT 13 ? ? N1 D DT 13 ? ? 110.50 108.30 2.20 0.30 N 
# 
loop_
_pdbx_unobs_or_zero_occ_atoms.id 
_pdbx_unobs_or_zero_occ_atoms.PDB_model_num 
_pdbx_unobs_or_zero_occ_atoms.polymer_flag 
_pdbx_unobs_or_zero_occ_atoms.occupancy_flag 
_pdbx_unobs_or_zero_occ_atoms.auth_asym_id 
_pdbx_unobs_or_zero_occ_atoms.auth_comp_id 
_pdbx_unobs_or_zero_occ_atoms.auth_seq_id 
_pdbx_unobs_or_zero_occ_atoms.PDB_ins_code 
_pdbx_unobs_or_zero_occ_atoms.auth_atom_id 
_pdbx_unobs_or_zero_occ_atoms.label_alt_id 
_pdbx_unobs_or_zero_occ_atoms.label_asym_id 
_pdbx_unobs_or_zero_occ_atoms.label_comp_id 
_pdbx_unobs_or_zero_occ_atoms.label_seq_id 
_pdbx_unobs_or_zero_occ_atoms.label_atom_id 
1 1 N 1 B CAC 101 ? O1 ? E CAC 1 O1 
2 1 N 1 B CAC 101 ? O2 ? E CAC 1 O2 
3 1 N 1 B CAC 101 ? C1 ? E CAC 1 C1 
4 1 N 1 B CAC 101 ? C2 ? E CAC 1 C2 
5 1 N 1 D CAC 101 ? O1 ? F CAC 1 O1 
6 1 N 1 D CAC 101 ? O2 ? F CAC 1 O2 
7 1 N 1 D CAC 101 ? C1 ? F CAC 1 C1 
8 1 N 1 D CAC 101 ? C2 ? F CAC 1 C2 
# 
loop_
_chem_comp_atom.comp_id 
_chem_comp_atom.atom_id 
_chem_comp_atom.type_symbol 
_chem_comp_atom.pdbx_aromatic_flag 
_chem_comp_atom.pdbx_stereo_config 
_chem_comp_atom.pdbx_ordinal 
CAC AS     AS N N 1   
CAC O1     O  N N 2   
CAC O2     O  N N 3   
CAC C1     C  N N 4   
CAC C2     C  N N 5   
CAC H11    H  N N 6   
CAC H12    H  N N 7   
CAC H13    H  N N 8   
CAC H21    H  N N 9   
CAC H22    H  N N 10  
CAC H23    H  N N 11  
DA  OP3    O  N N 12  
DA  P      P  N N 13  
DA  OP1    O  N N 14  
DA  OP2    O  N N 15  
DA  "O5'"  O  N N 16  
DA  "C5'"  C  N N 17  
DA  "C4'"  C  N R 18  
DA  "O4'"  O  N N 19  
DA  "C3'"  C  N S 20  
DA  "O3'"  O  N N 21  
DA  "C2'"  C  N N 22  
DA  "C1'"  C  N R 23  
DA  N9     N  Y N 24  
DA  C8     C  Y N 25  
DA  N7     N  Y N 26  
DA  C5     C  Y N 27  
DA  C6     C  Y N 28  
DA  N6     N  N N 29  
DA  N1     N  Y N 30  
DA  C2     C  Y N 31  
DA  N3     N  Y N 32  
DA  C4     C  Y N 33  
DA  HOP3   H  N N 34  
DA  HOP2   H  N N 35  
DA  "H5'"  H  N N 36  
DA  "H5''" H  N N 37  
DA  "H4'"  H  N N 38  
DA  "H3'"  H  N N 39  
DA  "HO3'" H  N N 40  
DA  "H2'"  H  N N 41  
DA  "H2''" H  N N 42  
DA  "H1'"  H  N N 43  
DA  H8     H  N N 44  
DA  H61    H  N N 45  
DA  H62    H  N N 46  
DA  H2     H  N N 47  
DC  OP3    O  N N 48  
DC  P      P  N N 49  
DC  OP1    O  N N 50  
DC  OP2    O  N N 51  
DC  "O5'"  O  N N 52  
DC  "C5'"  C  N N 53  
DC  "C4'"  C  N R 54  
DC  "O4'"  O  N N 55  
DC  "C3'"  C  N S 56  
DC  "O3'"  O  N N 57  
DC  "C2'"  C  N N 58  
DC  "C1'"  C  N R 59  
DC  N1     N  N N 60  
DC  C2     C  N N 61  
DC  O2     O  N N 62  
DC  N3     N  N N 63  
DC  C4     C  N N 64  
DC  N4     N  N N 65  
DC  C5     C  N N 66  
DC  C6     C  N N 67  
DC  HOP3   H  N N 68  
DC  HOP2   H  N N 69  
DC  "H5'"  H  N N 70  
DC  "H5''" H  N N 71  
DC  "H4'"  H  N N 72  
DC  "H3'"  H  N N 73  
DC  "HO3'" H  N N 74  
DC  "H2'"  H  N N 75  
DC  "H2''" H  N N 76  
DC  "H1'"  H  N N 77  
DC  H41    H  N N 78  
DC  H42    H  N N 79  
DC  H5     H  N N 80  
DC  H6     H  N N 81  
DG  OP3    O  N N 82  
DG  P      P  N N 83  
DG  OP1    O  N N 84  
DG  OP2    O  N N 85  
DG  "O5'"  O  N N 86  
DG  "C5'"  C  N N 87  
DG  "C4'"  C  N R 88  
DG  "O4'"  O  N N 89  
DG  "C3'"  C  N S 90  
DG  "O3'"  O  N N 91  
DG  "C2'"  C  N N 92  
DG  "C1'"  C  N R 93  
DG  N9     N  Y N 94  
DG  C8     C  Y N 95  
DG  N7     N  Y N 96  
DG  C5     C  Y N 97  
DG  C6     C  N N 98  
DG  O6     O  N N 99  
DG  N1     N  N N 100 
DG  C2     C  N N 101 
DG  N2     N  N N 102 
DG  N3     N  N N 103 
DG  C4     C  Y N 104 
DG  HOP3   H  N N 105 
DG  HOP2   H  N N 106 
DG  "H5'"  H  N N 107 
DG  "H5''" H  N N 108 
DG  "H4'"  H  N N 109 
DG  "H3'"  H  N N 110 
DG  "HO3'" H  N N 111 
DG  "H2'"  H  N N 112 
DG  "H2''" H  N N 113 
DG  "H1'"  H  N N 114 
DG  H8     H  N N 115 
DG  H1     H  N N 116 
DG  H21    H  N N 117 
DG  H22    H  N N 118 
DT  OP3    O  N N 119 
DT  P      P  N N 120 
DT  OP1    O  N N 121 
DT  OP2    O  N N 122 
DT  "O5'"  O  N N 123 
DT  "C5'"  C  N N 124 
DT  "C4'"  C  N R 125 
DT  "O4'"  O  N N 126 
DT  "C3'"  C  N S 127 
DT  "O3'"  O  N N 128 
DT  "C2'"  C  N N 129 
DT  "C1'"  C  N R 130 
DT  N1     N  N N 131 
DT  C2     C  N N 132 
DT  O2     O  N N 133 
DT  N3     N  N N 134 
DT  C4     C  N N 135 
DT  O4     O  N N 136 
DT  C5     C  N N 137 
DT  C7     C  N N 138 
DT  C6     C  N N 139 
DT  HOP3   H  N N 140 
DT  HOP2   H  N N 141 
DT  "H5'"  H  N N 142 
DT  "H5''" H  N N 143 
DT  "H4'"  H  N N 144 
DT  "H3'"  H  N N 145 
DT  "HO3'" H  N N 146 
DT  "H2'"  H  N N 147 
DT  "H2''" H  N N 148 
DT  "H1'"  H  N N 149 
DT  H3     H  N N 150 
DT  H71    H  N N 151 
DT  H72    H  N N 152 
DT  H73    H  N N 153 
DT  H6     H  N N 154 
# 
loop_
_chem_comp_bond.comp_id 
_chem_comp_bond.atom_id_1 
_chem_comp_bond.atom_id_2 
_chem_comp_bond.value_order 
_chem_comp_bond.pdbx_aromatic_flag 
_chem_comp_bond.pdbx_stereo_config 
_chem_comp_bond.pdbx_ordinal 
CAC AS    O1     doub N N 1   
CAC AS    O2     sing N N 2   
CAC AS    C1     sing N N 3   
CAC AS    C2     sing N N 4   
CAC C1    H11    sing N N 5   
CAC C1    H12    sing N N 6   
CAC C1    H13    sing N N 7   
CAC C2    H21    sing N N 8   
CAC C2    H22    sing N N 9   
CAC C2    H23    sing N N 10  
DA  OP3   P      sing N N 11  
DA  OP3   HOP3   sing N N 12  
DA  P     OP1    doub N N 13  
DA  P     OP2    sing N N 14  
DA  P     "O5'"  sing N N 15  
DA  OP2   HOP2   sing N N 16  
DA  "O5'" "C5'"  sing N N 17  
DA  "C5'" "C4'"  sing N N 18  
DA  "C5'" "H5'"  sing N N 19  
DA  "C5'" "H5''" sing N N 20  
DA  "C4'" "O4'"  sing N N 21  
DA  "C4'" "C3'"  sing N N 22  
DA  "C4'" "H4'"  sing N N 23  
DA  "O4'" "C1'"  sing N N 24  
DA  "C3'" "O3'"  sing N N 25  
DA  "C3'" "C2'"  sing N N 26  
DA  "C3'" "H3'"  sing N N 27  
DA  "O3'" "HO3'" sing N N 28  
DA  "C2'" "C1'"  sing N N 29  
DA  "C2'" "H2'"  sing N N 30  
DA  "C2'" "H2''" sing N N 31  
DA  "C1'" N9     sing N N 32  
DA  "C1'" "H1'"  sing N N 33  
DA  N9    C8     sing Y N 34  
DA  N9    C4     sing Y N 35  
DA  C8    N7     doub Y N 36  
DA  C8    H8     sing N N 37  
DA  N7    C5     sing Y N 38  
DA  C5    C6     sing Y N 39  
DA  C5    C4     doub Y N 40  
DA  C6    N6     sing N N 41  
DA  C6    N1     doub Y N 42  
DA  N6    H61    sing N N 43  
DA  N6    H62    sing N N 44  
DA  N1    C2     sing Y N 45  
DA  C2    N3     doub Y N 46  
DA  C2    H2     sing N N 47  
DA  N3    C4     sing Y N 48  
DC  OP3   P      sing N N 49  
DC  OP3   HOP3   sing N N 50  
DC  P     OP1    doub N N 51  
DC  P     OP2    sing N N 52  
DC  P     "O5'"  sing N N 53  
DC  OP2   HOP2   sing N N 54  
DC  "O5'" "C5'"  sing N N 55  
DC  "C5'" "C4'"  sing N N 56  
DC  "C5'" "H5'"  sing N N 57  
DC  "C5'" "H5''" sing N N 58  
DC  "C4'" "O4'"  sing N N 59  
DC  "C4'" "C3'"  sing N N 60  
DC  "C4'" "H4'"  sing N N 61  
DC  "O4'" "C1'"  sing N N 62  
DC  "C3'" "O3'"  sing N N 63  
DC  "C3'" "C2'"  sing N N 64  
DC  "C3'" "H3'"  sing N N 65  
DC  "O3'" "HO3'" sing N N 66  
DC  "C2'" "C1'"  sing N N 67  
DC  "C2'" "H2'"  sing N N 68  
DC  "C2'" "H2''" sing N N 69  
DC  "C1'" N1     sing N N 70  
DC  "C1'" "H1'"  sing N N 71  
DC  N1    C2     sing N N 72  
DC  N1    C6     sing N N 73  
DC  C2    O2     doub N N 74  
DC  C2    N3     sing N N 75  
DC  N3    C4     doub N N 76  
DC  C4    N4     sing N N 77  
DC  C4    C5     sing N N 78  
DC  N4    H41    sing N N 79  
DC  N4    H42    sing N N 80  
DC  C5    C6     doub N N 81  
DC  C5    H5     sing N N 82  
DC  C6    H6     sing N N 83  
DG  OP3   P      sing N N 84  
DG  OP3   HOP3   sing N N 85  
DG  P     OP1    doub N N 86  
DG  P     OP2    sing N N 87  
DG  P     "O5'"  sing N N 88  
DG  OP2   HOP2   sing N N 89  
DG  "O5'" "C5'"  sing N N 90  
DG  "C5'" "C4'"  sing N N 91  
DG  "C5'" "H5'"  sing N N 92  
DG  "C5'" "H5''" sing N N 93  
DG  "C4'" "O4'"  sing N N 94  
DG  "C4'" "C3'"  sing N N 95  
DG  "C4'" "H4'"  sing N N 96  
DG  "O4'" "C1'"  sing N N 97  
DG  "C3'" "O3'"  sing N N 98  
DG  "C3'" "C2'"  sing N N 99  
DG  "C3'" "H3'"  sing N N 100 
DG  "O3'" "HO3'" sing N N 101 
DG  "C2'" "C1'"  sing N N 102 
DG  "C2'" "H2'"  sing N N 103 
DG  "C2'" "H2''" sing N N 104 
DG  "C1'" N9     sing N N 105 
DG  "C1'" "H1'"  sing N N 106 
DG  N9    C8     sing Y N 107 
DG  N9    C4     sing Y N 108 
DG  C8    N7     doub Y N 109 
DG  C8    H8     sing N N 110 
DG  N7    C5     sing Y N 111 
DG  C5    C6     sing N N 112 
DG  C5    C4     doub Y N 113 
DG  C6    O6     doub N N 114 
DG  C6    N1     sing N N 115 
DG  N1    C2     sing N N 116 
DG  N1    H1     sing N N 117 
DG  C2    N2     sing N N 118 
DG  C2    N3     doub N N 119 
DG  N2    H21    sing N N 120 
DG  N2    H22    sing N N 121 
DG  N3    C4     sing N N 122 
DT  OP3   P      sing N N 123 
DT  OP3   HOP3   sing N N 124 
DT  P     OP1    doub N N 125 
DT  P     OP2    sing N N 126 
DT  P     "O5'"  sing N N 127 
DT  OP2   HOP2   sing N N 128 
DT  "O5'" "C5'"  sing N N 129 
DT  "C5'" "C4'"  sing N N 130 
DT  "C5'" "H5'"  sing N N 131 
DT  "C5'" "H5''" sing N N 132 
DT  "C4'" "O4'"  sing N N 133 
DT  "C4'" "C3'"  sing N N 134 
DT  "C4'" "H4'"  sing N N 135 
DT  "O4'" "C1'"  sing N N 136 
DT  "C3'" "O3'"  sing N N 137 
DT  "C3'" "C2'"  sing N N 138 
DT  "C3'" "H3'"  sing N N 139 
DT  "O3'" "HO3'" sing N N 140 
DT  "C2'" "C1'"  sing N N 141 
DT  "C2'" "H2'"  sing N N 142 
DT  "C2'" "H2''" sing N N 143 
DT  "C1'" N1     sing N N 144 
DT  "C1'" "H1'"  sing N N 145 
DT  N1    C2     sing N N 146 
DT  N1    C6     sing N N 147 
DT  C2    O2     doub N N 148 
DT  C2    N3     sing N N 149 
DT  N3    C4     sing N N 150 
DT  N3    H3     sing N N 151 
DT  C4    O4     doub N N 152 
DT  C4    C5     sing N N 153 
DT  C5    C7     sing N N 154 
DT  C5    C6     doub N N 155 
DT  C7    H71    sing N N 156 
DT  C7    H72    sing N N 157 
DT  C7    H73    sing N N 158 
DT  C6    H6     sing N N 159 
# 
loop_
_ndb_struct_conf_na.entry_id 
_ndb_struct_conf_na.feature 
7JJX 'double helix'        
7JJX 'a-form double helix' 
7JJX 'b-form double helix' 
# 
loop_
_ndb_struct_na_base_pair.model_number 
_ndb_struct_na_base_pair.i_label_asym_id 
_ndb_struct_na_base_pair.i_label_comp_id 
_ndb_struct_na_base_pair.i_label_seq_id 
_ndb_struct_na_base_pair.i_symmetry 
_ndb_struct_na_base_pair.j_label_asym_id 
_ndb_struct_na_base_pair.j_label_comp_id 
_ndb_struct_na_base_pair.j_label_seq_id 
_ndb_struct_na_base_pair.j_symmetry 
_ndb_struct_na_base_pair.shear 
_ndb_struct_na_base_pair.stretch 
_ndb_struct_na_base_pair.stagger 
_ndb_struct_na_base_pair.buckle 
_ndb_struct_na_base_pair.propeller 
_ndb_struct_na_base_pair.opening 
_ndb_struct_na_base_pair.pair_number 
_ndb_struct_na_base_pair.pair_name 
_ndb_struct_na_base_pair.i_auth_asym_id 
_ndb_struct_na_base_pair.i_auth_seq_id 
_ndb_struct_na_base_pair.i_PDB_ins_code 
_ndb_struct_na_base_pair.j_auth_asym_id 
_ndb_struct_na_base_pair.j_auth_seq_id 
_ndb_struct_na_base_pair.j_PDB_ins_code 
_ndb_struct_na_base_pair.hbond_type_28 
_ndb_struct_na_base_pair.hbond_type_12 
1 A DA 3  1_555 D DT 15 1_555 -0.095 0.452  0.537  4.151  -7.228  15.436  1  A_DA3:DT16_D A 3  ? D 16 ? ?  1 
1 A DC 4  1_555 D DG 14 1_555 -0.209 0.014  0.277  2.414  -10.682 0.114   2  A_DC4:DG15_D A 4  ? D 15 ? 19 1 
1 A DG 5  1_555 D DC 13 1_555 0.207  -0.178 0.099  2.390  -14.918 -4.266  3  A_DG5:DC14_D A 5  ? D 14 ? 19 1 
1 A DA 6  1_555 D DT 12 1_555 0.940  0.384  -0.236 -1.675 -11.097 0.901   4  A_DA6:DT13_D A 6  ? D 13 ? 20 1 
1 A DC 7  1_555 D DG 11 1_555 -0.469 -0.154 0.060  4.949  -9.204  -11.419 5  A_DC7:DG12_D A 7  ? D 12 ? 19 1 
1 A DA 8  1_555 D DT 10 1_555 0.920  0.125  -0.027 -8.637 -7.688  -9.782  6  A_DA8:DT11_D A 8  ? D 11 ? 20 1 
1 A DC 9  1_555 D DG 9  1_555 -0.295 -0.060 0.147  -3.441 -8.680  -14.718 7  A_DC9:DG10_D A 9  ? D 10 ? 19 1 
1 A DC 10 1_555 C DG 3  1_555 -0.307 0.356  0.298  0.160  -12.968 8.788   8  A_DC10:DG2_C A 10 ? C 2  ? 19 1 
1 A DG 11 1_555 C DC 2  1_555 -0.063 -0.182 1.250  17.525 -4.553  2.465   9  A_DG11:DC1_C A 11 ? C 1  ? 19 1 
1 A DA 12 1_555 C DT 1  1_555 0.416  -0.007 1.144  9.221  -3.560  -0.820  10 A_DA12:DT0_C A 12 ? C 0  ? 20 1 
1 B DC 1  1_555 C DG 6  1_555 0.317  0.008  0.155  -4.978 6.534   -10.850 11 B_DC12:DG5_C B 12 ? C 5  ? 19 1 
1 B DG 2  1_555 C DC 5  1_555 0.148  -0.253 0.686  12.036 -2.993  -16.258 12 B_DG13:DC4_C B 13 ? C 4  ? 19 1 
1 B DG 3  1_555 C DC 4  1_555 0.048  -0.364 -0.061 5.038  -1.337  -2.298  13 B_DG14:DC3_C B 14 ? C 3  ? 19 1 
1 B DG 4  1_555 D DC 8  1_555 -0.741 -0.032 0.663  2.281  -0.797  -3.578  14 B_DG15:DC9_D B 15 ? D 9  ? 19 1 
1 B DG 5  1_555 D DC 7  1_555 0.233  0.141  0.334  4.859  -6.207  6.834   15 B_DG16:DC8_D B 16 ? D 8  ? 19 1 
1 B DA 6  1_555 D DT 6  1_555 0.992  -0.326 0.052  -1.712 -12.692 -6.405  16 B_DA17:DT7_D B 17 ? D 7  ? 20 1 
1 B DC 7  1_555 D DG 5  1_555 -0.595 -0.274 -0.231 5.391  -12.581 5.397   17 B_DC18:DG6_D B 18 ? D 6  ? 19 1 
1 B DT 8  1_555 D DA 4  1_555 -0.454 -0.061 -0.190 2.617  -12.010 5.282   18 B_DT19:DA5_D B 19 ? D 5  ? 20 1 
1 B DC 9  1_555 D DG 3  1_555 0.056  0.374  0.080  0.951  -17.494 7.157   19 B_DC20:DG4_D B 20 ? D 4  ? 19 1 
# 
loop_
_ndb_struct_na_base_pair_step.model_number 
_ndb_struct_na_base_pair_step.i_label_asym_id_1 
_ndb_struct_na_base_pair_step.i_label_comp_id_1 
_ndb_struct_na_base_pair_step.i_label_seq_id_1 
_ndb_struct_na_base_pair_step.i_symmetry_1 
_ndb_struct_na_base_pair_step.j_label_asym_id_1 
_ndb_struct_na_base_pair_step.j_label_comp_id_1 
_ndb_struct_na_base_pair_step.j_label_seq_id_1 
_ndb_struct_na_base_pair_step.j_symmetry_1 
_ndb_struct_na_base_pair_step.i_label_asym_id_2 
_ndb_struct_na_base_pair_step.i_label_comp_id_2 
_ndb_struct_na_base_pair_step.i_label_seq_id_2 
_ndb_struct_na_base_pair_step.i_symmetry_2 
_ndb_struct_na_base_pair_step.j_label_asym_id_2 
_ndb_struct_na_base_pair_step.j_label_comp_id_2 
_ndb_struct_na_base_pair_step.j_label_seq_id_2 
_ndb_struct_na_base_pair_step.j_symmetry_2 
_ndb_struct_na_base_pair_step.shift 
_ndb_struct_na_base_pair_step.slide 
_ndb_struct_na_base_pair_step.rise 
_ndb_struct_na_base_pair_step.tilt 
_ndb_struct_na_base_pair_step.roll 
_ndb_struct_na_base_pair_step.twist 
_ndb_struct_na_base_pair_step.x_displacement 
_ndb_struct_na_base_pair_step.y_displacement 
_ndb_struct_na_base_pair_step.helical_rise 
_ndb_struct_na_base_pair_step.inclination 
_ndb_struct_na_base_pair_step.tip 
_ndb_struct_na_base_pair_step.helical_twist 
_ndb_struct_na_base_pair_step.step_number 
_ndb_struct_na_base_pair_step.step_name 
_ndb_struct_na_base_pair_step.i_auth_asym_id_1 
_ndb_struct_na_base_pair_step.i_auth_seq_id_1 
_ndb_struct_na_base_pair_step.i_PDB_ins_code_1 
_ndb_struct_na_base_pair_step.j_auth_asym_id_1 
_ndb_struct_na_base_pair_step.j_auth_seq_id_1 
_ndb_struct_na_base_pair_step.j_PDB_ins_code_1 
_ndb_struct_na_base_pair_step.i_auth_asym_id_2 
_ndb_struct_na_base_pair_step.i_auth_seq_id_2 
_ndb_struct_na_base_pair_step.i_PDB_ins_code_2 
_ndb_struct_na_base_pair_step.j_auth_asym_id_2 
_ndb_struct_na_base_pair_step.j_auth_seq_id_2 
_ndb_struct_na_base_pair_step.j_PDB_ins_code_2 
1 A DA 3  1_555 D DT 15 1_555 A DC 4  1_555 D DG 14 1_555 -0.676 -0.668 3.376 -2.091 2.021  30.523 -1.674 0.853  3.364 3.828  
3.961  30.658 1  AA_DA3DC4:DG15DT16_DD A 3  ? D 16 ? A 4  ? D 15 ? 
1 A DC 4  1_555 D DG 14 1_555 A DG 5  1_555 D DC 13 1_555 -0.152 0.766  3.552 -1.752 3.048  40.615 0.732  0.006  3.601 4.381  
2.518  40.760 2  AA_DC4DG5:DC14DG15_DD A 4  ? D 15 ? A 5  ? D 14 ? 
1 A DG 5  1_555 D DC 13 1_555 A DA 6  1_555 D DT 12 1_555 -0.738 -0.190 3.332 1.192  1.891  39.724 -0.501 1.224  3.297 2.780  
-1.753 39.784 3  AA_DG5DA6:DT13DC14_DD A 5  ? D 14 ? A 6  ? D 13 ? 
1 A DA 6  1_555 D DT 12 1_555 A DC 7  1_555 D DG 11 1_555 -0.035 -0.670 3.047 -3.391 -1.585 25.458 -1.088 -0.814 3.060 -3.572 
7.642  25.728 4  AA_DA6DC7:DG12DT13_DD A 6  ? D 13 ? A 7  ? D 12 ? 
1 A DC 7  1_555 D DG 11 1_555 A DA 8  1_555 D DT 10 1_555 -0.348 -1.071 3.612 -0.149 -1.977 43.226 -1.237 0.456  3.656 -2.681 
0.202  43.270 5  AA_DC7DA8:DT11DG12_DD A 7  ? D 12 ? A 8  ? D 11 ? 
1 A DA 8  1_555 D DT 10 1_555 A DC 9  1_555 D DG 9  1_555 -0.042 -0.712 3.071 -3.802 0.348  31.698 -1.353 -0.571 3.047 0.635  
6.928  31.921 6  AA_DA8DC9:DG10DT11_DD A 8  ? D 11 ? A 9  ? D 10 ? 
1 A DC 9  1_555 D DG 9  1_555 A DC 10 1_555 C DG 3  1_555 -0.199 -1.784 3.004 -2.830 3.518  23.978 -5.194 -0.310 2.723 8.372  
6.736  24.393 7  AA_DC9DC10:DG2DG10_CD A 9  ? D 10 ? A 10 ? C 2  ? 
1 A DC 10 1_555 C DG 3  1_555 A DG 11 1_555 C DC 2  1_555 -0.171 0.708  2.981 -7.629 -0.170 38.087 1.084  -0.595 2.956 -0.257 
11.549 38.816 8  AA_DC10DG11:DC1DG2_CC A 10 ? C 2  ? A 11 ? C 1  ? 
1 A DG 11 1_555 C DC 2  1_555 A DA 12 1_555 C DT 1  1_555 -0.356 -0.110 3.405 0.515  2.720  39.015 -0.504 0.596  3.385 4.067  
-0.770 39.109 9  AA_DG11DA12:DT0DC1_CC A 11 ? C 1  ? A 12 ? C 0  ? 
1 B DC 1  1_555 C DG 6  1_555 B DG 2  1_555 C DC 5  1_555 -0.054 -0.743 2.867 -4.627 5.630  30.947 -2.243 -0.630 2.674 10.371 
8.524  31.773 10 BB_DC12DG13:DC4DG5_CC B 12 ? C 5  ? B 13 ? C 4  ? 
1 B DG 2  1_555 C DC 5  1_555 B DG 3  1_555 C DC 4  1_555 0.828  -1.215 3.504 0.364  3.630  37.352 -2.389 -1.238 3.383 5.651  
-0.566 37.524 11 BB_DG13DG14:DC3DC4_CC B 13 ? C 4  ? B 14 ? C 3  ? 
1 B DG 3  1_555 C DC 4  1_555 B DG 4  1_555 D DC 8  1_555 -1.221 -0.545 3.203 -8.674 -3.719 27.558 -0.231 0.439  3.462 -7.533 
17.568 29.100 12 BB_DG14DG15:DC9DC3_DC B 14 ? C 3  ? B 15 ? D 9  ? 
1 B DG 4  1_555 D DC 8  1_555 B DG 5  1_555 D DC 7  1_555 0.084  0.121  3.476 0.296  4.627  38.532 -0.420 -0.088 3.467 6.981  
-0.447 38.799 13 BB_DG15DG16:DC8DC9_DD B 15 ? D 9  ? B 16 ? D 8  ? 
1 B DG 5  1_555 D DC 7  1_555 B DA 6  1_555 D DT 6  1_555 -0.674 -0.026 3.422 -0.479 4.331  35.839 -0.683 1.018  3.404 7.005  
0.774  36.094 14 BB_DG16DA17:DT7DC8_DD B 16 ? D 8  ? B 17 ? D 7  ? 
1 B DA 6  1_555 D DT 6  1_555 B DC 7  1_555 D DG 5  1_555 0.869  -0.910 2.972 2.577  2.097  24.688 -2.682 -1.312 2.960 4.877  
-5.993 24.907 15 BB_DA17DC18:DG6DT7_DD B 17 ? D 7  ? B 18 ? D 6  ? 
1 B DC 7  1_555 D DG 5  1_555 B DT 8  1_555 D DA 4  1_555 -0.039 -0.222 3.408 5.214  2.754  36.311 -0.741 0.799  3.345 4.384  
-8.298 36.771 16 BB_DC18DT19:DA5DG6_DD B 18 ? D 6  ? B 19 ? D 5  ? 
1 B DT 8  1_555 D DA 4  1_555 B DC 9  1_555 D DG 3  1_555 0.402  0.040  3.585 1.396  2.517  37.462 -0.298 -0.425 3.592 3.912  
-2.169 37.568 17 BB_DT19DC20:DG4DA5_DD B 19 ? D 5  ? B 20 ? D 4  ? 
# 
loop_
_pdbx_audit_support.funding_organization 
_pdbx_audit_support.country 
_pdbx_audit_support.grant_number 
_pdbx_audit_support.ordinal 
'National Science Foundation (NSF, United States)'                                         'United States' 1360635     1 
'National Institutes of Health/National Institute of General Medical Sciences (NIH/NIGMS)' 'United States' R01GM104960 2 
'National Science Foundation (NSF, United States)'                                         'United States' NSF2004250  3 
# 
_pdbx_entity_nonpoly.entity_id   5 
_pdbx_entity_nonpoly.name        'CACODYLATE ION' 
_pdbx_entity_nonpoly.comp_id     CAC 
# 
_pdbx_initial_refinement_model.id               1 
_pdbx_initial_refinement_model.entity_id_list   ? 
_pdbx_initial_refinement_model.type             'experimental model' 
_pdbx_initial_refinement_model.source_name      PDB 
_pdbx_initial_refinement_model.accession_code   6XNA 
_pdbx_initial_refinement_model.details          ? 
# 
_pdbx_struct_assembly_auth_evidence.id                     1 
_pdbx_struct_assembly_auth_evidence.assembly_id            1 
_pdbx_struct_assembly_auth_evidence.experimental_support   none 
_pdbx_struct_assembly_auth_evidence.details                ? 
# 
